data_7MIV
#
_entry.id   7MIV
#
_cell.length_a   1.00
_cell.length_b   1.00
_cell.length_c   1.00
_cell.angle_alpha   90.00
_cell.angle_beta   90.00
_cell.angle_gamma   90.00
#
_symmetry.space_group_name_H-M   'P 1'
#
loop_
_entity.id
_entity.type
_entity.pdbx_description
1 polymer 'CTP synthase 2'
2 non-polymer GLUTAMINE
3 non-polymer 'MAGNESIUM ION'
4 non-polymer "URIDINE 5'-TRIPHOSPHATE"
5 non-polymer N-(1-{2-[(cyclopropanesulfonyl)amino]-1,3-thiazol-4-yl}cyclopropyl)-5-(6-ethoxypyrazin-2-yl)pyridine-2-carboxamide
#
_entity_poly.entity_id   1
_entity_poly.type   'polypeptide(L)'
_entity_poly.pdbx_seq_one_letter_code
;MKYILVTGGVISGIGKGIIASSIGTILKSCGLRVTAIKIDPYINIDAGTFSPYEHGEVFVLNDGGEVDLDLGNYERFLDI
NLYKDNNITTGKIYQHVINKERRGDYLGKTVQVVPHITDAIQEWVMNQAKVSVDGNKEDPQICVIELGGTIGDIEGMAFV
EAFRQFQFKAKKENFYNIHVSLVPQPSATGEQKTKPTQNSVRALRGLGLSPDLIVCRSSTPIEMAVKEKISMFCHVNPEQ
VICIHDVSSTYRVPLLLEEQGVVKYFQERLGLPINDCSSNLLFKWKAMADRYERLQKICSIALVGKYTKLRDCYASVFKA
LEHSALAINHKLNLMYIDSIDLEPVTKAEDPVKFHEAWQKLCLADGILVPGGFGIRGTLGKLQAISWARTKKIPFLGICL
GMQLAVIEFARNCLNLKDANSTEFEPNTPVPLVIDMPEHNPGDLGGTMRLGLRRTVFTTENSILKKLYGDVPYIEERHRH
RYEVNPNLINQFENKDLCFVGEDVDGKRMEIVELTSHPYFIGVQFHPEFSSRPMKPSPPYLGLLLAATGNLNAHLQQMNK
LPYSDGYSDASDDSFPEAKLAELDLN
;
_entity_poly.pdbx_strand_id   D,C,H,G
#
# COMPACT_ATOMS: atom_id res chain seq x y z
N MET A 1 30.69 7.69 12.39
CA MET A 1 29.71 8.83 12.50
C MET A 1 28.40 8.25 13.07
N LYS A 2 27.57 9.16 13.58
CA LYS A 2 26.22 8.90 14.03
C LYS A 2 25.26 9.70 13.16
N TYR A 3 24.06 9.17 12.96
CA TYR A 3 23.01 9.77 12.15
C TYR A 3 21.71 9.70 12.95
N ILE A 4 21.00 10.81 12.99
CA ILE A 4 19.64 10.85 13.50
C ILE A 4 18.75 11.32 12.37
N LEU A 5 17.69 10.56 12.12
CA LEU A 5 16.69 10.85 11.12
C LEU A 5 15.41 11.25 11.83
N VAL A 6 15.02 12.50 11.69
CA VAL A 6 13.77 13.02 12.18
C VAL A 6 12.75 13.01 11.03
N THR A 7 11.70 12.22 11.21
CA THR A 7 10.58 12.06 10.29
C THR A 7 9.32 12.69 10.90
N GLY A 8 8.40 13.12 10.03
CA GLY A 8 7.14 13.72 10.42
C GLY A 8 6.02 12.84 9.93
N GLY A 9 4.96 12.76 10.73
CA GLY A 9 3.90 11.81 10.51
C GLY A 9 2.73 12.41 9.75
N VAL A 10 1.97 13.26 10.44
CA VAL A 10 0.60 13.59 10.05
C VAL A 10 0.53 14.86 9.20
N ILE A 11 1.32 15.85 9.62
CA ILE A 11 1.41 17.18 9.08
C ILE A 11 2.83 17.68 9.36
N SER A 12 3.30 18.62 8.55
CA SER A 12 4.65 19.15 8.62
C SER A 12 4.82 20.27 9.67
N GLY A 13 3.75 21.03 9.90
CA GLY A 13 3.72 22.29 10.64
C GLY A 13 3.67 22.12 12.16
N ILE A 14 4.24 21.03 12.70
CA ILE A 14 4.19 20.67 14.12
C ILE A 14 5.48 21.01 14.88
N GLY A 15 6.41 21.69 14.21
CA GLY A 15 7.64 22.16 14.84
C GLY A 15 8.72 21.08 14.80
N LYS A 16 8.64 20.15 13.84
CA LYS A 16 9.64 19.14 13.55
C LYS A 16 11.09 19.67 13.40
N GLY A 17 11.22 20.89 12.88
CA GLY A 17 12.49 21.60 12.79
C GLY A 17 13.03 22.01 14.15
N ILE A 18 12.14 22.38 15.08
CA ILE A 18 12.50 22.76 16.43
C ILE A 18 12.88 21.54 17.26
N ILE A 19 12.19 20.41 17.04
CA ILE A 19 12.57 19.11 17.61
C ILE A 19 13.98 18.69 17.16
N ALA A 20 14.24 18.73 15.85
CA ALA A 20 15.53 18.41 15.25
C ALA A 20 16.67 19.30 15.76
N SER A 21 16.40 20.59 15.86
CA SER A 21 17.31 21.58 16.40
C SER A 21 17.58 21.40 17.91
N SER A 22 16.55 21.02 18.66
CA SER A 22 16.63 20.75 20.09
C SER A 22 17.42 19.49 20.39
N ILE A 23 17.23 18.45 19.58
CA ILE A 23 18.03 17.24 19.59
C ILE A 23 19.52 17.54 19.35
N GLY A 24 19.80 18.39 18.36
CA GLY A 24 21.13 18.88 18.06
C GLY A 24 21.77 19.61 19.25
N THR A 25 21.04 20.52 19.91
CA THR A 25 21.62 21.35 20.96
C THR A 25 21.84 20.56 22.26
N ILE A 26 21.03 19.51 22.46
CA ILE A 26 21.23 18.50 23.48
C ILE A 26 22.52 17.71 23.26
N LEU A 27 22.75 17.24 22.04
CA LEU A 27 23.97 16.51 21.67
C LEU A 27 25.22 17.39 21.73
N LYS A 28 25.08 18.66 21.37
CA LYS A 28 26.10 19.69 21.48
C LYS A 28 26.55 19.90 22.93
N SER A 29 25.60 19.88 23.87
CA SER A 29 25.88 19.96 25.30
C SER A 29 26.60 18.70 25.83
N CYS A 30 26.30 17.55 25.22
CA CYS A 30 26.98 16.27 25.45
C CYS A 30 28.36 16.20 24.75
N GLY A 31 28.82 17.28 24.12
CA GLY A 31 30.18 17.44 23.64
C GLY A 31 30.36 16.97 22.20
N LEU A 32 29.29 16.64 21.47
CA LEU A 32 29.36 16.25 20.08
C LEU A 32 29.39 17.50 19.19
N ARG A 33 30.28 17.50 18.20
CA ARG A 33 30.20 18.35 17.02
C ARG A 33 29.04 17.85 16.15
N VAL A 34 28.06 18.71 15.93
CA VAL A 34 26.83 18.38 15.24
C VAL A 34 26.80 19.15 13.92
N THR A 35 26.41 18.46 12.85
CA THR A 35 25.97 19.07 11.62
C THR A 35 24.50 18.68 11.39
N ALA A 36 23.90 19.30 10.39
CA ALA A 36 22.52 19.08 10.04
C ALA A 36 22.36 19.03 8.54
N ILE A 37 21.37 18.27 8.10
CA ILE A 37 20.92 18.19 6.73
C ILE A 37 19.40 18.28 6.76
N LYS A 38 18.85 19.13 5.90
CA LYS A 38 17.43 19.17 5.64
C LYS A 38 17.20 18.53 4.28
N ILE A 39 16.30 17.55 4.27
CA ILE A 39 15.77 16.98 3.05
C ILE A 39 14.37 17.57 2.83
N ASP A 40 14.19 18.19 1.67
CA ASP A 40 12.94 18.74 1.20
C ASP A 40 12.53 17.97 -0.06
N PRO A 41 11.58 17.02 0.03
CA PRO A 41 11.12 16.23 -1.12
C PRO A 41 10.51 16.96 -2.33
N TYR A 42 10.51 18.29 -2.36
CA TYR A 42 10.10 19.05 -3.52
C TYR A 42 11.11 18.96 -4.68
N ILE A 43 10.60 19.15 -5.90
CA ILE A 43 11.36 19.02 -7.14
C ILE A 43 12.19 20.30 -7.43
N ASN A 44 11.89 21.37 -6.70
CA ASN A 44 12.61 22.63 -6.69
C ASN A 44 14.05 22.42 -6.24
N ILE A 45 15.01 23.02 -6.94
CA ILE A 45 16.43 22.93 -6.62
C ILE A 45 16.79 23.75 -5.37
N ASP A 46 16.08 24.85 -5.19
CA ASP A 46 16.35 25.87 -4.20
C ASP A 46 15.03 26.59 -3.91
N ALA A 47 15.01 27.32 -2.80
CA ALA A 47 13.87 28.11 -2.36
C ALA A 47 13.82 29.51 -2.97
N GLY A 48 14.75 29.82 -3.86
CA GLY A 48 14.88 31.15 -4.47
C GLY A 48 13.73 31.48 -5.43
N THR A 49 13.03 30.44 -5.89
CA THR A 49 11.86 30.54 -6.75
C THR A 49 10.57 30.82 -5.98
N PHE A 50 10.55 30.61 -4.66
CA PHE A 50 9.32 30.57 -3.88
C PHE A 50 8.75 31.93 -3.53
N SER A 51 7.42 31.93 -3.43
CA SER A 51 6.65 32.89 -2.65
C SER A 51 6.84 32.56 -1.16
N PRO A 52 7.07 33.58 -0.30
CA PRO A 52 7.08 33.39 1.15
C PRO A 52 5.87 32.67 1.75
N TYR A 53 4.68 32.86 1.17
CA TYR A 53 3.44 32.25 1.64
C TYR A 53 3.42 30.72 1.51
N GLU A 54 4.34 30.15 0.72
CA GLU A 54 4.39 28.75 0.37
C GLU A 54 5.03 27.90 1.48
N HIS A 55 6.25 28.29 1.88
CA HIS A 55 7.06 27.53 2.84
C HIS A 55 7.67 28.40 3.94
N GLY A 56 7.32 29.69 3.97
CA GLY A 56 7.86 30.65 4.91
C GLY A 56 9.05 31.38 4.29
N GLU A 57 9.82 32.08 5.13
CA GLU A 57 10.96 32.87 4.70
C GLU A 57 12.06 32.04 4.04
N VAL A 58 12.56 32.55 2.92
CA VAL A 58 13.73 32.04 2.23
C VAL A 58 14.96 32.47 3.03
N PHE A 59 15.60 31.49 3.66
CA PHE A 59 16.81 31.67 4.42
C PHE A 59 17.99 31.64 3.46
N VAL A 60 18.96 32.52 3.70
CA VAL A 60 20.12 32.67 2.87
C VAL A 60 21.34 32.24 3.66
N LEU A 61 22.13 31.38 3.04
CA LEU A 61 23.39 30.86 3.53
C LEU A 61 24.54 31.70 2.98
N ASN A 62 25.70 31.59 3.61
CA ASN A 62 26.91 32.34 3.28
C ASN A 62 27.37 32.16 1.84
N ASP A 63 27.21 30.96 1.30
CA ASP A 63 27.57 30.60 -0.07
C ASP A 63 26.55 31.06 -1.12
N GLY A 64 25.44 31.67 -0.70
CA GLY A 64 24.41 32.14 -1.59
C GLY A 64 23.35 31.07 -1.84
N GLY A 65 23.24 30.07 -0.97
CA GLY A 65 22.15 29.11 -0.99
C GLY A 65 20.89 29.79 -0.46
N GLU A 66 19.80 29.72 -1.22
CA GLU A 66 18.46 30.14 -0.87
C GLU A 66 17.69 28.89 -0.49
N VAL A 67 17.44 28.71 0.80
CA VAL A 67 16.94 27.48 1.39
C VAL A 67 15.79 27.74 2.36
N ASP A 68 15.23 26.65 2.91
CA ASP A 68 14.15 26.65 3.89
C ASP A 68 14.57 27.24 5.24
N LEU A 69 13.60 27.80 5.97
CA LEU A 69 13.75 28.37 7.30
C LEU A 69 14.24 27.40 8.37
N ASP A 70 14.00 26.08 8.21
CA ASP A 70 14.54 25.05 9.10
C ASP A 70 16.07 25.00 9.14
N LEU A 71 16.75 25.35 8.05
CA LEU A 71 18.20 25.53 8.07
C LEU A 71 18.62 26.70 8.97
N GLY A 72 17.77 27.72 9.05
CA GLY A 72 17.96 28.86 9.92
C GLY A 72 17.78 28.47 11.38
N ASN A 73 16.83 27.59 11.70
CA ASN A 73 16.65 27.03 13.03
C ASN A 73 17.86 26.23 13.49
N TYR A 74 18.50 25.45 12.61
CA TYR A 74 19.74 24.77 12.93
C TYR A 74 20.84 25.75 13.33
N GLU A 75 21.04 26.80 12.52
CA GLU A 75 21.97 27.87 12.78
C GLU A 75 21.70 28.70 14.05
N ARG A 76 20.45 28.79 14.50
CA ARG A 76 20.08 29.50 15.72
C ARG A 76 20.26 28.67 17.00
N PHE A 77 20.04 27.36 16.91
CA PHE A 77 20.19 26.44 18.03
C PHE A 77 21.62 25.90 18.19
N LEU A 78 22.33 25.81 17.07
CA LEU A 78 23.68 25.31 16.93
C LEU A 78 24.42 26.43 16.21
N ASP A 79 25.51 26.95 16.77
CA ASP A 79 26.25 28.09 16.19
C ASP A 79 27.15 27.65 15.01
N ILE A 80 26.50 27.03 14.03
CA ILE A 80 27.05 26.51 12.79
C ILE A 80 26.67 27.44 11.64
N ASN A 81 27.34 27.30 10.50
CA ASN A 81 27.01 27.94 9.24
C ASN A 81 27.02 26.83 8.20
N LEU A 82 25.89 26.70 7.50
CA LEU A 82 25.64 25.64 6.54
C LEU A 82 25.95 26.06 5.10
N TYR A 83 26.01 25.05 4.24
CA TYR A 83 26.31 25.16 2.83
C TYR A 83 25.09 24.66 2.05
N LYS A 84 25.03 25.00 0.75
CA LYS A 84 23.97 24.61 -0.19
C LYS A 84 23.60 23.14 -0.12
N ASP A 85 24.60 22.27 -0.09
CA ASP A 85 24.46 20.82 -0.13
C ASP A 85 23.94 20.21 1.17
N ASN A 86 23.84 20.99 2.25
CA ASN A 86 23.11 20.61 3.45
C ASN A 86 21.59 20.69 3.25
N ASN A 87 21.15 21.25 2.13
CA ASN A 87 19.80 21.13 1.63
C ASN A 87 19.81 20.11 0.50
N ILE A 88 19.16 18.97 0.70
CA ILE A 88 18.94 17.99 -0.34
C ILE A 88 17.49 18.15 -0.79
N THR A 89 17.28 18.12 -2.10
CA THR A 89 15.96 18.07 -2.68
C THR A 89 15.93 16.96 -3.72
N THR A 90 14.72 16.49 -4.01
CA THR A 90 14.43 15.57 -5.10
C THR A 90 14.93 16.10 -6.46
N GLY A 91 14.83 17.41 -6.66
CA GLY A 91 15.33 18.13 -7.82
C GLY A 91 16.83 17.96 -7.97
N LYS A 92 17.58 18.21 -6.91
CA LYS A 92 19.03 18.08 -6.87
C LYS A 92 19.52 16.67 -7.13
N ILE A 93 18.83 15.69 -6.52
CA ILE A 93 19.12 14.29 -6.67
C ILE A 93 18.85 13.78 -8.09
N TYR A 94 17.65 14.03 -8.62
CA TYR A 94 17.27 13.61 -9.95
C TYR A 94 18.14 14.28 -11.03
N GLN A 95 18.48 15.55 -10.86
CA GLN A 95 19.38 16.26 -11.77
C GLN A 95 20.79 15.66 -11.79
N HIS A 96 21.35 15.38 -10.61
CA HIS A 96 22.66 14.77 -10.43
C HIS A 96 22.76 13.40 -11.10
N VAL A 97 21.73 12.57 -10.89
CA VAL A 97 21.59 11.25 -11.48
C VAL A 97 21.41 11.29 -13.01
N ILE A 98 20.63 12.24 -13.51
CA ILE A 98 20.46 12.49 -14.94
C ILE A 98 21.77 12.90 -15.61
N ASN A 99 22.52 13.79 -14.97
CA ASN A 99 23.80 14.29 -15.44
C ASN A 99 24.85 13.17 -15.51
N LYS A 100 24.86 12.28 -14.51
CA LYS A 100 25.67 11.06 -14.49
C LYS A 100 25.35 10.11 -15.64
N GLU A 101 24.06 9.90 -15.92
CA GLU A 101 23.57 9.04 -16.98
C GLU A 101 24.03 9.50 -18.37
N ARG A 102 23.91 10.80 -18.64
CA ARG A 102 24.39 11.44 -19.87
C ARG A 102 25.90 11.33 -20.08
N ARG A 103 26.69 11.31 -19.01
CA ARG A 103 28.13 11.03 -19.06
C ARG A 103 28.47 9.54 -19.23
N GLY A 104 27.53 8.65 -18.90
CA GLY A 104 27.74 7.20 -18.98
C GLY A 104 28.28 6.62 -17.69
N ASP A 105 28.24 7.35 -16.57
CA ASP A 105 28.77 6.95 -15.26
C ASP A 105 28.09 5.71 -14.65
N TYR A 106 26.89 5.37 -15.14
CA TYR A 106 26.13 4.19 -14.76
C TYR A 106 26.32 2.99 -15.71
N LEU A 107 27.35 3.07 -16.56
CA LEU A 107 28.00 1.96 -17.26
C LEU A 107 27.06 1.21 -18.23
N GLY A 108 26.12 1.93 -18.82
CA GLY A 108 25.18 1.42 -19.79
C GLY A 108 24.03 0.63 -19.18
N LYS A 109 23.90 0.58 -17.84
CA LYS A 109 22.78 -0.06 -17.17
C LYS A 109 21.63 0.93 -16.97
N THR A 110 20.42 0.37 -16.89
CA THR A 110 19.18 1.06 -16.63
C THR A 110 19.16 1.76 -15.27
N VAL A 111 19.00 3.08 -15.30
CA VAL A 111 18.93 3.91 -14.13
C VAL A 111 17.49 3.93 -13.62
N GLN A 112 17.34 3.65 -12.33
CA GLN A 112 16.07 3.51 -11.64
C GLN A 112 16.23 3.90 -10.18
N VAL A 113 15.10 4.17 -9.50
CA VAL A 113 15.06 4.80 -8.20
C VAL A 113 15.84 4.04 -7.13
N VAL A 114 15.53 2.75 -7.01
CA VAL A 114 16.40 1.81 -6.34
C VAL A 114 17.13 1.10 -7.50
N PRO A 115 18.47 1.13 -7.56
CA PRO A 115 19.39 1.67 -6.55
C PRO A 115 19.77 3.15 -6.69
N HIS A 116 19.70 3.72 -7.89
CA HIS A 116 20.55 4.86 -8.27
C HIS A 116 20.24 6.18 -7.58
N ILE A 117 18.95 6.45 -7.38
CA ILE A 117 18.48 7.60 -6.62
C ILE A 117 18.75 7.42 -5.13
N THR A 118 18.49 6.22 -4.61
CA THR A 118 18.74 5.89 -3.22
C THR A 118 20.23 5.87 -2.85
N ASP A 119 21.09 5.47 -3.78
CA ASP A 119 22.54 5.53 -3.65
C ASP A 119 23.07 6.97 -3.68
N ALA A 120 22.52 7.82 -4.55
CA ALA A 120 22.86 9.23 -4.64
C ALA A 120 22.59 9.99 -3.34
N ILE A 121 21.45 9.70 -2.71
CA ILE A 121 21.06 10.21 -1.42
C ILE A 121 22.03 9.80 -0.30
N GLN A 122 22.37 8.51 -0.24
CA GLN A 122 23.32 7.96 0.72
C GLN A 122 24.73 8.52 0.56
N GLU A 123 25.19 8.63 -0.69
CA GLU A 123 26.44 9.28 -1.07
C GLU A 123 26.50 10.74 -0.59
N TRP A 124 25.42 11.50 -0.87
CA TRP A 124 25.28 12.90 -0.51
C TRP A 124 25.30 13.09 1.01
N VAL A 125 24.48 12.30 1.71
CA VAL A 125 24.37 12.30 3.15
C VAL A 125 25.69 11.97 3.86
N MET A 126 26.39 10.92 3.43
CA MET A 126 27.70 10.55 3.94
C MET A 126 28.73 11.67 3.77
N ASN A 127 28.83 12.16 2.55
CA ASN A 127 29.88 13.08 2.16
C ASN A 127 29.66 14.48 2.71
N GLN A 128 28.40 14.93 2.82
CA GLN A 128 28.09 16.23 3.36
C GLN A 128 28.04 16.20 4.89
N ALA A 129 27.74 15.06 5.49
CA ALA A 129 27.82 14.90 6.93
C ALA A 129 29.25 15.01 7.45
N LYS A 130 30.23 14.60 6.65
CA LYS A 130 31.65 14.81 6.92
C LYS A 130 32.13 16.28 6.80
N VAL A 131 31.32 17.20 6.29
CA VAL A 131 31.70 18.60 6.12
C VAL A 131 31.49 19.39 7.42
N SER A 132 32.53 20.14 7.79
CA SER A 132 32.60 21.01 8.93
C SER A 132 31.82 22.31 8.73
N VAL A 133 30.69 22.40 9.43
CA VAL A 133 29.84 23.56 9.52
C VAL A 133 30.07 24.35 10.82
N ASP A 134 30.77 23.70 11.76
CA ASP A 134 31.04 24.12 13.13
C ASP A 134 32.15 25.18 13.23
N GLY A 135 32.88 25.42 12.14
CA GLY A 135 33.99 26.37 12.09
C GLY A 135 35.29 25.77 12.66
N ASN A 136 35.35 24.45 12.80
CA ASN A 136 36.51 23.69 13.25
C ASN A 136 37.05 22.90 12.06
N LYS A 137 38.37 22.71 11.98
CA LYS A 137 39.03 21.89 10.97
C LYS A 137 39.05 20.43 11.44
N GLU A 138 37.85 19.89 11.66
CA GLU A 138 37.62 18.57 12.21
C GLU A 138 36.22 18.14 11.81
N ASP A 139 36.10 16.93 11.26
CA ASP A 139 34.83 16.34 10.83
C ASP A 139 33.90 16.13 12.05
N PRO A 140 32.61 16.45 11.90
CA PRO A 140 31.66 16.29 12.99
C PRO A 140 31.35 14.84 13.32
N GLN A 141 30.73 14.64 14.49
CA GLN A 141 30.49 13.34 15.06
C GLN A 141 29.11 12.81 14.70
N ILE A 142 28.16 13.73 14.49
CA ILE A 142 26.77 13.40 14.34
C ILE A 142 26.09 14.34 13.35
N CYS A 143 25.25 13.78 12.49
CA CYS A 143 24.39 14.51 11.58
C CYS A 143 22.95 14.29 12.01
N VAL A 144 22.21 15.38 12.20
CA VAL A 144 20.77 15.33 12.31
C VAL A 144 20.18 15.60 10.92
N ILE A 145 19.48 14.61 10.38
CA ILE A 145 18.81 14.68 9.12
C ILE A 145 17.32 14.90 9.44
N GLU A 146 16.73 15.97 8.92
CA GLU A 146 15.30 16.16 8.98
C GLU A 146 14.74 15.85 7.60
N LEU A 147 13.88 14.85 7.55
CA LEU A 147 13.08 14.49 6.40
C LEU A 147 11.80 15.32 6.48
N GLY A 148 11.78 16.39 5.68
CA GLY A 148 10.68 17.30 5.55
C GLY A 148 9.52 16.62 4.82
N GLY A 149 8.33 17.15 5.06
CA GLY A 149 7.10 16.58 4.52
C GLY A 149 6.47 15.68 5.57
N THR A 150 5.66 14.75 5.08
CA THR A 150 5.04 13.69 5.84
C THR A 150 5.49 12.36 5.22
N ILE A 151 5.42 11.30 6.01
CA ILE A 151 5.64 9.92 5.59
C ILE A 151 4.54 9.34 4.66
N GLY A 152 3.52 10.14 4.33
CA GLY A 152 2.56 9.82 3.28
C GLY A 152 2.96 10.44 1.94
N ASP A 153 3.90 11.40 1.91
CA ASP A 153 4.30 12.13 0.71
C ASP A 153 5.10 11.23 -0.22
N ILE A 154 4.53 10.97 -1.40
CA ILE A 154 5.08 10.07 -2.41
C ILE A 154 6.51 10.42 -2.88
N GLU A 155 6.84 11.70 -2.89
CA GLU A 155 8.16 12.23 -3.22
C GLU A 155 9.22 11.85 -2.19
N GLY A 156 8.79 11.63 -0.94
CA GLY A 156 9.66 11.34 0.19
C GLY A 156 10.02 9.86 0.25
N MET A 157 9.32 8.99 -0.46
CA MET A 157 9.42 7.53 -0.32
C MET A 157 10.78 6.97 -0.74
N ALA A 158 11.42 7.64 -1.70
CA ALA A 158 12.79 7.39 -2.12
C ALA A 158 13.80 7.61 -1.00
N PHE A 159 13.60 8.68 -0.23
CA PHE A 159 14.41 9.03 0.92
C PHE A 159 14.26 8.02 2.06
N VAL A 160 13.03 7.61 2.35
CA VAL A 160 12.77 6.62 3.39
C VAL A 160 13.37 5.24 3.05
N GLU A 161 13.29 4.86 1.77
CA GLU A 161 13.95 3.68 1.23
C GLU A 161 15.48 3.76 1.31
N ALA A 162 16.05 4.94 1.02
CA ALA A 162 17.46 5.21 1.20
C ALA A 162 17.91 5.05 2.65
N PHE A 163 17.13 5.58 3.59
CA PHE A 163 17.41 5.45 5.01
C PHE A 163 17.22 4.04 5.57
N ARG A 164 16.31 3.26 4.99
CA ARG A 164 16.17 1.84 5.26
C ARG A 164 17.44 1.06 4.92
N GLN A 165 18.01 1.34 3.75
CA GLN A 165 19.28 0.78 3.32
C GLN A 165 20.45 1.25 4.20
N PHE A 166 20.48 2.54 4.50
CA PHE A 166 21.56 3.22 5.23
C PHE A 166 21.71 2.72 6.67
N GLN A 167 20.57 2.42 7.29
CA GLN A 167 20.39 1.73 8.57
C GLN A 167 21.03 0.32 8.63
N PHE A 168 21.41 -0.22 7.47
CA PHE A 168 22.03 -1.51 7.29
C PHE A 168 23.37 -1.38 6.54
N LYS A 169 24.01 -0.22 6.66
CA LYS A 169 25.34 0.10 6.13
C LYS A 169 26.12 0.72 7.28
N ALA A 170 25.63 1.86 7.76
CA ALA A 170 25.82 2.31 9.12
C ALA A 170 25.02 1.36 10.03
N LYS A 171 25.53 1.07 11.22
CA LYS A 171 24.95 0.06 12.09
C LYS A 171 23.87 0.70 12.98
N LYS A 172 23.13 -0.13 13.71
CA LYS A 172 22.02 0.30 14.56
C LYS A 172 22.45 1.20 15.74
N GLU A 173 23.73 1.12 16.14
CA GLU A 173 24.35 2.02 17.09
C GLU A 173 24.60 3.42 16.49
N ASN A 174 24.61 3.52 15.16
CA ASN A 174 24.90 4.73 14.41
C ASN A 174 23.64 5.41 13.87
N PHE A 175 22.46 4.77 13.90
CA PHE A 175 21.29 5.26 13.21
C PHE A 175 20.10 5.24 14.16
N TYR A 176 19.49 6.41 14.38
CA TYR A 176 18.32 6.58 15.22
C TYR A 176 17.24 7.28 14.41
N ASN A 177 16.05 6.69 14.35
CA ASN A 177 14.89 7.30 13.73
C ASN A 177 14.01 7.87 14.84
N ILE A 178 13.73 9.17 14.74
CA ILE A 178 12.79 9.88 15.57
C ILE A 178 11.58 10.20 14.69
N HIS A 179 10.38 9.94 15.22
CA HIS A 179 9.13 10.18 14.52
C HIS A 179 8.31 11.21 15.29
N VAL A 180 8.06 12.35 14.68
CA VAL A 180 7.23 13.39 15.25
C VAL A 180 5.83 13.27 14.65
N SER A 181 4.84 13.15 15.52
CA SER A 181 3.46 12.97 15.14
C SER A 181 2.57 13.91 15.93
N LEU A 182 1.41 14.20 15.35
CA LEU A 182 0.34 14.97 15.94
C LEU A 182 -0.63 14.03 16.65
N VAL A 183 -0.99 14.40 17.87
CA VAL A 183 -2.10 13.84 18.63
C VAL A 183 -3.15 14.95 18.80
N PRO A 184 -4.17 15.01 17.90
CA PRO A 184 -5.21 16.03 18.00
C PRO A 184 -6.23 15.75 19.11
N GLN A 185 -6.84 16.84 19.60
CA GLN A 185 -7.95 16.82 20.53
C GLN A 185 -8.97 17.87 20.06
N PRO A 186 -9.92 17.48 19.18
CA PRO A 186 -10.90 18.40 18.59
C PRO A 186 -11.81 19.19 19.56
N SER A 187 -12.08 18.65 20.75
CA SER A 187 -12.68 19.40 21.84
C SER A 187 -12.06 18.91 23.15
N ALA A 188 -12.01 19.79 24.16
CA ALA A 188 -11.46 19.49 25.48
C ALA A 188 -12.28 18.47 26.30
N THR A 189 -13.52 18.22 25.88
CA THR A 189 -14.39 17.20 26.48
C THR A 189 -14.27 15.85 25.74
N GLY A 190 -13.54 15.83 24.61
CA GLY A 190 -13.23 14.62 23.86
C GLY A 190 -11.83 14.18 24.25
N GLU A 191 -11.49 12.92 23.96
CA GLU A 191 -10.17 12.36 24.17
C GLU A 191 -9.14 12.90 23.17
N GLN A 192 -7.87 12.76 23.54
CA GLN A 192 -6.72 12.88 22.68
C GLN A 192 -6.65 11.64 21.77
N LYS A 193 -6.61 11.86 20.46
CA LYS A 193 -6.75 10.81 19.47
C LYS A 193 -5.38 10.38 18.96
N THR A 194 -5.08 9.09 19.10
CA THR A 194 -3.80 8.49 18.76
C THR A 194 -3.77 7.87 17.36
N LYS A 195 -4.92 7.58 16.75
CA LYS A 195 -5.02 6.84 15.49
C LYS A 195 -4.12 7.31 14.34
N PRO A 196 -4.04 8.64 14.08
CA PRO A 196 -3.07 9.18 13.12
C PRO A 196 -1.60 8.82 13.39
N THR A 197 -1.20 8.74 14.65
CA THR A 197 0.14 8.33 15.05
C THR A 197 0.39 6.83 14.82
N GLN A 198 -0.60 5.98 15.15
CA GLN A 198 -0.58 4.56 14.89
C GLN A 198 -0.42 4.24 13.40
N ASN A 199 -1.25 4.93 12.60
CA ASN A 199 -1.34 4.79 11.16
C ASN A 199 -0.05 5.26 10.48
N SER A 200 0.55 6.33 11.01
CA SER A 200 1.80 6.90 10.52
C SER A 200 3.00 6.01 10.82
N VAL A 201 3.06 5.44 12.03
CA VAL A 201 4.08 4.49 12.41
C VAL A 201 3.97 3.16 11.63
N ARG A 202 2.73 2.74 11.33
CA ARG A 202 2.48 1.59 10.47
C ARG A 202 3.01 1.81 9.04
N ALA A 203 2.83 3.01 8.50
CA ALA A 203 3.40 3.42 7.22
C ALA A 203 4.93 3.42 7.23
N LEU A 204 5.50 4.04 8.26
CA LEU A 204 6.94 4.11 8.49
C LEU A 204 7.61 2.74 8.60
N ARG A 205 6.96 1.83 9.35
CA ARG A 205 7.34 0.42 9.44
C ARG A 205 7.23 -0.32 8.11
N GLY A 206 6.20 0.00 7.32
CA GLY A 206 5.99 -0.52 5.97
C GLY A 206 7.12 -0.11 5.01
N LEU A 207 7.72 1.04 5.24
CA LEU A 207 8.86 1.57 4.50
C LEU A 207 10.21 1.19 5.13
N GLY A 208 10.18 0.46 6.24
CA GLY A 208 11.33 -0.23 6.79
C GLY A 208 12.09 0.55 7.84
N LEU A 209 11.47 1.55 8.48
CA LEU A 209 12.06 2.25 9.62
C LEU A 209 11.20 2.00 10.87
N SER A 210 11.86 1.73 11.98
CA SER A 210 11.25 1.58 13.29
C SER A 210 11.65 2.82 14.10
N PRO A 211 10.67 3.56 14.68
CA PRO A 211 10.97 4.63 15.63
C PRO A 211 11.77 4.16 16.84
N ASP A 212 12.88 4.85 17.10
CA ASP A 212 13.60 4.82 18.36
C ASP A 212 12.89 5.69 19.39
N LEU A 213 12.41 6.85 18.94
CA LEU A 213 11.59 7.76 19.72
C LEU A 213 10.38 8.15 18.90
N ILE A 214 9.24 8.30 19.56
CA ILE A 214 8.04 8.88 19.02
C ILE A 214 7.75 10.14 19.85
N VAL A 215 7.70 11.27 19.16
CA VAL A 215 7.48 12.57 19.75
C VAL A 215 6.05 12.99 19.42
N CYS A 216 5.19 12.89 20.42
CA CYS A 216 3.79 13.22 20.32
C CYS A 216 3.60 14.70 20.62
N ARG A 217 3.23 15.45 19.59
CA ARG A 217 2.83 16.83 19.68
C ARG A 217 1.33 16.92 19.94
N SER A 218 1.00 17.71 20.95
CA SER A 218 -0.34 18.02 21.37
C SER A 218 -0.35 19.45 21.91
N SER A 219 -1.54 19.98 22.13
CA SER A 219 -1.76 21.25 22.81
C SER A 219 -1.46 21.09 24.32
N THR A 220 -2.39 20.46 25.01
CA THR A 220 -2.29 20.02 26.39
C THR A 220 -1.40 18.76 26.51
N PRO A 221 -0.77 18.54 27.68
CA PRO A 221 -0.07 17.28 28.00
C PRO A 221 -0.87 16.00 27.74
N ILE A 222 -0.14 14.95 27.35
CA ILE A 222 -0.64 13.63 27.04
C ILE A 222 -0.94 12.86 28.33
N GLU A 223 -2.17 12.35 28.43
CA GLU A 223 -2.60 11.42 29.48
C GLU A 223 -1.86 10.09 29.42
N MET A 224 -1.66 9.43 30.57
CA MET A 224 -0.94 8.17 30.67
C MET A 224 -1.60 7.02 29.90
N ALA A 225 -2.94 7.03 29.85
CA ALA A 225 -3.73 6.10 29.06
C ALA A 225 -3.46 6.21 27.55
N VAL A 226 -3.30 7.45 27.11
CA VAL A 226 -3.05 7.82 25.72
C VAL A 226 -1.61 7.45 25.33
N LYS A 227 -0.66 7.68 26.25
CA LYS A 227 0.73 7.27 26.16
C LYS A 227 0.89 5.75 26.06
N GLU A 228 0.13 4.99 26.86
CA GLU A 228 0.06 3.54 26.79
C GLU A 228 -0.60 3.02 25.50
N LYS A 229 -1.66 3.69 25.04
CA LYS A 229 -2.32 3.40 23.77
C LYS A 229 -1.38 3.61 22.57
N ILE A 230 -0.56 4.65 22.60
CA ILE A 230 0.54 4.83 21.65
C ILE A 230 1.57 3.70 21.76
N SER A 231 1.99 3.36 22.99
CA SER A 231 2.98 2.32 23.26
C SER A 231 2.59 0.95 22.68
N MET A 232 1.36 0.52 22.97
CA MET A 232 0.78 -0.71 22.45
C MET A 232 0.66 -0.70 20.94
N PHE A 233 -0.11 0.25 20.39
CA PHE A 233 -0.47 0.25 18.98
C PHE A 233 0.59 0.78 18.01
N CYS A 234 1.66 1.41 18.52
CA CYS A 234 2.84 1.78 17.75
C CYS A 234 3.98 0.78 17.99
N HIS A 235 3.78 -0.20 18.88
CA HIS A 235 4.65 -1.34 19.18
C HIS A 235 6.02 -0.88 19.66
N VAL A 236 5.99 -0.08 20.71
CA VAL A 236 7.11 0.69 21.19
C VAL A 236 7.00 0.79 22.72
N ASN A 237 8.13 0.88 23.43
CA ASN A 237 8.14 0.94 24.89
C ASN A 237 7.78 2.36 25.37
N PRO A 238 7.10 2.51 26.52
CA PRO A 238 6.68 3.83 27.04
C PRO A 238 7.79 4.87 27.23
N GLU A 239 9.04 4.42 27.46
CA GLU A 239 10.23 5.25 27.55
C GLU A 239 10.57 5.98 26.23
N GLN A 240 10.08 5.45 25.11
CA GLN A 240 10.35 5.93 23.76
C GLN A 240 9.28 6.92 23.31
N VAL A 241 8.15 6.98 24.01
CA VAL A 241 7.04 7.85 23.69
C VAL A 241 7.18 9.09 24.57
N ILE A 242 7.44 10.24 23.95
CA ILE A 242 7.65 11.48 24.65
C ILE A 242 6.57 12.49 24.23
N CYS A 243 6.15 13.29 25.20
CA CYS A 243 5.08 14.26 25.11
C CYS A 243 5.72 15.65 25.01
N ILE A 244 5.48 16.32 23.88
CA ILE A 244 5.86 17.71 23.69
C ILE A 244 4.56 18.50 23.53
N HIS A 245 4.06 18.97 24.67
CA HIS A 245 2.93 19.87 24.74
C HIS A 245 3.35 21.29 24.37
N ASP A 246 2.36 22.17 24.19
CA ASP A 246 2.60 23.58 23.98
C ASP A 246 3.18 24.24 25.25
N VAL A 247 4.13 25.15 25.03
CA VAL A 247 4.92 25.86 26.03
C VAL A 247 5.13 27.31 25.58
N SER A 248 5.72 28.12 26.48
CA SER A 248 5.94 29.55 26.34
C SER A 248 6.94 29.96 25.24
N SER A 249 7.93 29.10 24.97
CA SER A 249 9.07 29.43 24.15
C SER A 249 9.72 28.16 23.61
N THR A 250 10.46 28.33 22.51
CA THR A 250 11.43 27.40 21.96
C THR A 250 12.52 27.03 22.96
N TYR A 251 12.89 27.97 23.84
CA TYR A 251 13.91 27.79 24.88
C TYR A 251 13.60 26.64 25.84
N ARG A 252 12.32 26.31 26.01
CA ARG A 252 11.88 25.21 26.84
C ARG A 252 11.83 23.86 26.12
N VAL A 253 11.86 23.83 24.79
CA VAL A 253 11.74 22.59 24.04
C VAL A 253 12.90 21.58 24.24
N PRO A 254 14.18 22.02 24.30
CA PRO A 254 15.28 21.17 24.76
C PRO A 254 15.12 20.61 26.18
N LEU A 255 14.59 21.42 27.09
CA LEU A 255 14.38 21.08 28.49
C LEU A 255 13.29 20.04 28.66
N LEU A 256 12.23 20.19 27.86
CA LEU A 256 11.11 19.28 27.83
C LEU A 256 11.51 17.90 27.29
N LEU A 257 12.38 17.87 26.28
CA LEU A 257 13.03 16.65 25.81
C LEU A 257 13.93 16.01 26.87
N GLU A 258 14.70 16.83 27.59
CA GLU A 258 15.51 16.43 28.74
C GLU A 258 14.68 15.76 29.86
N GLU A 259 13.59 16.41 30.27
CA GLU A 259 12.60 15.93 31.23
C GLU A 259 11.94 14.61 30.80
N GLN A 260 11.53 14.52 29.53
CA GLN A 260 10.93 13.32 28.95
C GLN A 260 11.95 12.17 28.70
N GLY A 261 13.25 12.43 28.85
CA GLY A 261 14.26 11.39 28.98
C GLY A 261 15.13 11.21 27.74
N VAL A 262 15.03 12.10 26.76
CA VAL A 262 15.72 12.01 25.48
C VAL A 262 17.24 12.08 25.62
N VAL A 263 17.70 12.96 26.51
CA VAL A 263 19.11 13.10 26.87
C VAL A 263 19.70 11.79 27.44
N LYS A 264 18.92 11.13 28.32
CA LYS A 264 19.26 9.84 28.92
C LYS A 264 19.32 8.75 27.86
N TYR A 265 18.30 8.69 26.99
CA TYR A 265 18.22 7.76 25.85
C TYR A 265 19.47 7.85 24.96
N PHE A 266 19.81 9.08 24.55
CA PHE A 266 20.99 9.31 23.74
C PHE A 266 22.31 9.05 24.48
N GLN A 267 22.41 9.39 25.76
CA GLN A 267 23.58 9.06 26.58
C GLN A 267 23.82 7.55 26.68
N GLU A 268 22.76 6.79 26.97
CA GLU A 268 22.77 5.34 26.99
C GLU A 268 23.14 4.72 25.63
N ARG A 269 22.39 5.06 24.58
CA ARG A 269 22.53 4.46 23.26
C ARG A 269 23.84 4.86 22.56
N LEU A 270 24.31 6.10 22.72
CA LEU A 270 25.58 6.54 22.12
C LEU A 270 26.79 6.22 23.02
N GLY A 271 26.57 5.92 24.31
CA GLY A 271 27.62 5.53 25.24
C GLY A 271 28.40 6.75 25.76
N LEU A 272 27.72 7.88 25.95
CA LEU A 272 28.29 9.14 26.41
C LEU A 272 28.54 9.13 27.93
N PRO A 273 29.37 10.06 28.44
CA PRO A 273 29.45 10.40 29.88
C PRO A 273 28.16 10.74 30.60
N LEU A 281 23.64 21.77 32.28
CA LEU A 281 24.02 21.17 30.97
C LEU A 281 23.37 22.01 29.82
N LEU A 282 22.03 22.08 29.85
CA LEU A 282 21.19 22.96 29.06
C LEU A 282 20.92 24.25 29.88
N PHE A 283 21.87 24.64 30.73
CA PHE A 283 21.75 25.76 31.67
C PHE A 283 21.54 27.12 30.98
N LYS A 284 22.18 27.30 29.81
CA LYS A 284 21.99 28.42 28.92
C LYS A 284 20.54 28.55 28.43
N TRP A 285 19.96 27.42 28.04
CA TRP A 285 18.58 27.31 27.57
C TRP A 285 17.58 27.61 28.69
N LYS A 286 17.83 27.02 29.86
CA LYS A 286 17.02 27.22 31.05
C LYS A 286 17.06 28.67 31.56
N ALA A 287 18.24 29.30 31.50
CA ALA A 287 18.42 30.70 31.82
C ALA A 287 17.59 31.62 30.93
N MET A 288 17.68 31.42 29.60
CA MET A 288 16.91 32.18 28.62
C MET A 288 15.40 31.95 28.75
N ALA A 289 15.00 30.70 29.01
CA ALA A 289 13.61 30.30 29.21
C ALA A 289 12.98 30.98 30.42
N ASP A 290 13.62 30.85 31.58
CA ASP A 290 13.13 31.43 32.83
C ASP A 290 13.15 32.95 32.81
N ARG A 291 14.17 33.54 32.17
CA ARG A 291 14.25 34.97 31.94
C ARG A 291 13.09 35.51 31.10
N TYR A 292 12.77 34.82 30.00
CA TYR A 292 11.66 35.12 29.10
C TYR A 292 10.30 35.24 29.80
N GLU A 293 10.01 34.36 30.78
CA GLU A 293 8.79 34.44 31.58
C GLU A 293 8.70 35.70 32.45
N ARG A 294 9.83 36.06 33.06
CA ARG A 294 9.90 37.07 34.11
C ARG A 294 9.86 38.50 33.60
N LEU A 295 9.97 38.71 32.29
CA LEU A 295 9.93 40.02 31.64
C LEU A 295 8.58 40.72 31.85
N GLN A 296 8.60 41.88 32.50
CA GLN A 296 7.40 42.67 32.79
C GLN A 296 7.24 43.83 31.81
N LYS A 297 8.36 44.38 31.33
CA LYS A 297 8.36 45.48 30.37
C LYS A 297 7.99 44.97 28.97
N ILE A 298 7.43 45.87 28.17
CA ILE A 298 7.01 45.60 26.80
C ILE A 298 7.65 46.66 25.90
N CYS A 299 8.17 46.22 24.75
CA CYS A 299 8.51 47.07 23.62
C CYS A 299 7.53 46.71 22.50
N SER A 300 6.82 47.71 21.99
CA SER A 300 5.89 47.56 20.88
C SER A 300 6.59 47.95 19.58
N ILE A 301 6.90 46.95 18.75
CA ILE A 301 7.53 47.12 17.46
C ILE A 301 6.48 46.87 16.37
N ALA A 302 6.44 47.75 15.38
CA ALA A 302 5.64 47.56 14.18
C ALA A 302 6.49 46.88 13.11
N LEU A 303 6.03 45.74 12.61
CA LEU A 303 6.58 45.09 11.44
C LEU A 303 5.62 45.39 10.30
N VAL A 304 6.04 46.25 9.38
CA VAL A 304 5.23 46.74 8.27
C VAL A 304 5.57 45.91 7.03
N GLY A 305 4.82 44.84 6.81
CA GLY A 305 5.21 43.77 5.91
C GLY A 305 4.02 43.24 5.12
N LYS A 306 4.16 43.26 3.80
CA LYS A 306 3.31 42.66 2.76
C LYS A 306 3.01 41.17 2.92
N TYR A 307 3.91 40.41 3.56
CA TYR A 307 3.75 38.97 3.71
C TYR A 307 3.13 38.58 5.08
N THR A 308 2.67 39.55 5.87
CA THR A 308 2.13 39.43 7.25
C THR A 308 1.08 38.32 7.45
N LYS A 309 0.39 37.95 6.38
CA LYS A 309 -0.68 36.97 6.31
C LYS A 309 -0.28 35.58 6.86
N LEU A 310 1.01 35.24 6.78
CA LEU A 310 1.63 34.11 7.44
C LEU A 310 2.87 34.65 8.12
N ARG A 311 2.95 34.54 9.44
CA ARG A 311 4.01 35.14 10.25
C ARG A 311 5.40 34.53 9.98
N ASP A 312 5.41 33.27 9.50
CA ASP A 312 6.58 32.50 9.07
C ASP A 312 7.33 33.13 7.89
N CYS A 313 6.68 34.03 7.15
CA CYS A 313 7.27 34.82 6.08
C CYS A 313 8.33 35.82 6.57
N TYR A 314 8.36 36.08 7.87
CA TYR A 314 9.30 36.97 8.53
C TYR A 314 9.89 36.29 9.76
N ALA A 315 10.05 34.96 9.71
CA ALA A 315 10.49 34.14 10.84
C ALA A 315 11.81 34.63 11.45
N SER A 316 12.88 34.70 10.64
CA SER A 316 14.22 35.07 11.10
C SER A 316 14.27 36.49 11.68
N VAL A 317 13.44 37.38 11.14
CA VAL A 317 13.32 38.77 11.51
C VAL A 317 12.71 38.91 12.92
N PHE A 318 11.60 38.20 13.14
CA PHE A 318 10.94 38.04 14.43
C PHE A 318 11.85 37.43 15.50
N LYS A 319 12.61 36.40 15.12
CA LYS A 319 13.58 35.74 15.97
C LYS A 319 14.69 36.71 16.43
N ALA A 320 15.20 37.51 15.50
CA ALA A 320 16.21 38.53 15.75
C ALA A 320 15.75 39.67 16.66
N LEU A 321 14.47 40.03 16.56
CA LEU A 321 13.82 40.96 17.47
C LEU A 321 13.72 40.37 18.88
N GLU A 322 13.29 39.11 18.99
CA GLU A 322 13.17 38.40 20.25
C GLU A 322 14.51 38.16 20.95
N HIS A 323 15.56 37.86 20.18
CA HIS A 323 16.94 37.77 20.69
C HIS A 323 17.38 39.09 21.32
N SER A 324 17.07 40.19 20.63
CA SER A 324 17.39 41.54 21.02
C SER A 324 16.58 41.97 22.25
N ALA A 325 15.27 41.70 22.23
CA ALA A 325 14.33 42.03 23.29
C ALA A 325 14.63 41.31 24.60
N LEU A 326 14.96 40.02 24.50
CA LEU A 326 15.39 39.20 25.63
C LEU A 326 16.66 39.75 26.27
N ALA A 327 17.64 40.14 25.44
CA ALA A 327 18.91 40.72 25.86
C ALA A 327 18.80 42.04 26.64
N ILE A 328 17.68 42.75 26.49
CA ILE A 328 17.41 44.01 27.18
C ILE A 328 16.20 43.88 28.15
N ASN A 329 15.81 42.66 28.47
CA ASN A 329 14.75 42.27 29.42
C ASN A 329 13.40 42.96 29.15
N HIS A 330 12.98 42.96 27.89
CA HIS A 330 11.64 43.40 27.48
C HIS A 330 10.93 42.26 26.76
N LYS A 331 9.61 42.13 26.96
CA LYS A 331 8.75 41.40 26.04
C LYS A 331 8.60 42.20 24.73
N LEU A 332 8.41 41.48 23.64
CA LEU A 332 8.18 42.04 22.33
C LEU A 332 6.68 41.92 22.04
N ASN A 333 6.04 43.06 21.81
CA ASN A 333 4.77 43.14 21.13
C ASN A 333 5.11 43.43 19.66
N LEU A 334 5.10 42.38 18.84
CA LEU A 334 5.32 42.49 17.42
C LEU A 334 3.97 42.71 16.74
N MET A 335 3.72 43.96 16.34
CA MET A 335 2.54 44.35 15.62
C MET A 335 2.81 44.16 14.14
N TYR A 336 2.40 43.01 13.60
CA TYR A 336 2.39 42.73 12.18
C TYR A 336 1.32 43.59 11.50
N ILE A 337 1.76 44.49 10.62
CA ILE A 337 0.93 45.40 9.88
C ILE A 337 1.10 45.04 8.40
N ASP A 338 0.00 44.64 7.75
CA ASP A 338 -0.05 44.46 6.30
C ASP A 338 -0.02 45.85 5.67
N SER A 339 1.06 46.14 4.94
CA SER A 339 1.39 47.47 4.49
C SER A 339 0.36 48.06 3.51
N ILE A 340 -0.33 47.19 2.74
CA ILE A 340 -1.42 47.57 1.85
C ILE A 340 -2.60 48.24 2.61
N ASP A 341 -2.76 47.92 3.89
CA ASP A 341 -3.76 48.53 4.77
C ASP A 341 -3.45 49.98 5.11
N LEU A 342 -2.18 50.38 5.08
CA LEU A 342 -1.75 51.77 5.32
C LEU A 342 -1.94 52.65 4.07
N GLU A 343 -2.13 52.04 2.89
CA GLU A 343 -2.28 52.75 1.63
C GLU A 343 -3.69 53.35 1.50
N PRO A 344 -3.81 54.55 0.90
CA PRO A 344 -5.09 55.28 0.77
C PRO A 344 -6.20 54.55 0.02
N VAL A 345 -5.84 53.57 -0.82
CA VAL A 345 -6.73 52.62 -1.46
C VAL A 345 -7.64 51.90 -0.44
N THR A 346 -7.04 51.46 0.68
CA THR A 346 -7.77 50.80 1.74
C THR A 346 -8.60 51.79 2.59
N LYS A 347 -8.27 53.09 2.56
CA LYS A 347 -9.11 54.13 3.18
C LYS A 347 -10.44 54.29 2.42
N ALA A 348 -10.43 54.07 1.10
CA ALA A 348 -11.64 54.01 0.31
C ALA A 348 -12.38 52.67 0.50
N GLU A 349 -11.66 51.56 0.35
CA GLU A 349 -12.26 50.25 0.20
C GLU A 349 -12.62 49.54 1.51
N ASP A 350 -11.86 49.75 2.60
CA ASP A 350 -12.05 49.03 3.86
C ASP A 350 -11.44 49.84 5.03
N PRO A 351 -11.99 51.05 5.30
CA PRO A 351 -11.35 52.03 6.20
C PRO A 351 -11.13 51.59 7.66
N VAL A 352 -11.84 50.55 8.13
CA VAL A 352 -11.61 49.99 9.45
C VAL A 352 -10.20 49.38 9.57
N LYS A 353 -9.75 48.62 8.56
CA LYS A 353 -8.40 48.06 8.52
C LYS A 353 -7.32 49.14 8.51
N PHE A 354 -7.57 50.21 7.76
CA PHE A 354 -6.69 51.37 7.64
C PHE A 354 -6.47 52.05 8.99
N HIS A 355 -7.55 52.30 9.72
CA HIS A 355 -7.47 52.96 11.01
C HIS A 355 -7.03 52.05 12.16
N GLU A 356 -7.18 50.73 12.01
CA GLU A 356 -6.50 49.74 12.85
C GLU A 356 -4.99 49.73 12.62
N ALA A 357 -4.58 49.66 11.35
CA ALA A 357 -3.18 49.64 10.91
C ALA A 357 -2.41 50.90 11.34
N TRP A 358 -2.98 52.06 11.05
CA TRP A 358 -2.43 53.35 11.46
C TRP A 358 -2.43 53.55 12.98
N GLN A 359 -3.39 52.98 13.71
CA GLN A 359 -3.40 52.98 15.17
C GLN A 359 -2.24 52.17 15.75
N LYS A 360 -2.00 50.97 15.22
CA LYS A 360 -0.84 50.13 15.55
C LYS A 360 0.50 50.82 15.23
N LEU A 361 0.54 51.59 14.15
CA LEU A 361 1.67 52.42 13.76
C LEU A 361 1.86 53.66 14.65
N CYS A 362 0.80 54.15 15.30
CA CYS A 362 0.89 55.20 16.32
C CYS A 362 1.52 54.67 17.61
N LEU A 363 1.13 53.44 18.00
CA LEU A 363 1.61 52.74 19.19
C LEU A 363 3.02 52.14 19.01
N ALA A 364 3.68 52.44 17.89
CA ALA A 364 4.97 51.89 17.54
C ALA A 364 6.09 52.63 18.28
N ASP A 365 6.71 51.95 19.23
CA ASP A 365 7.94 52.38 19.90
C ASP A 365 9.13 52.28 18.94
N GLY A 366 9.06 51.35 17.99
CA GLY A 366 10.01 51.24 16.89
C GLY A 366 9.25 50.67 15.69
N ILE A 367 9.77 50.92 14.50
CA ILE A 367 9.25 50.47 13.22
C ILE A 367 10.33 49.66 12.51
N LEU A 368 9.90 48.53 11.98
CA LEU A 368 10.68 47.63 11.18
C LEU A 368 10.02 47.54 9.80
N VAL A 369 10.78 47.85 8.76
CA VAL A 369 10.39 47.62 7.38
C VAL A 369 11.32 46.56 6.78
N PRO A 370 10.89 45.28 6.81
CA PRO A 370 11.64 44.20 6.21
C PRO A 370 11.56 44.19 4.69
N GLY A 371 12.42 43.36 4.11
CA GLY A 371 12.58 43.19 2.68
C GLY A 371 11.38 42.51 2.02
N GLY A 372 11.49 42.36 0.70
CA GLY A 372 10.47 41.78 -0.14
C GLY A 372 10.74 42.22 -1.57
N PHE A 373 10.05 41.57 -2.50
CA PHE A 373 10.20 41.76 -3.93
C PHE A 373 8.85 42.24 -4.50
N GLY A 374 8.89 43.25 -5.36
CA GLY A 374 7.71 43.79 -6.04
C GLY A 374 7.27 45.13 -5.43
N ILE A 375 6.32 45.77 -6.11
CA ILE A 375 5.75 47.08 -5.80
C ILE A 375 4.47 46.97 -4.94
N ARG A 376 3.95 45.76 -4.73
CA ARG A 376 2.79 45.54 -3.86
C ARG A 376 3.15 45.82 -2.39
N GLY A 377 2.39 46.72 -1.77
CA GLY A 377 2.52 47.05 -0.35
C GLY A 377 3.61 48.11 -0.13
N THR A 378 4.36 48.48 -1.15
CA THR A 378 5.51 49.37 -1.11
C THR A 378 5.16 50.84 -0.82
N LEU A 379 3.99 51.31 -1.25
CA LEU A 379 3.49 52.62 -0.89
C LEU A 379 3.13 52.69 0.60
N GLY A 380 2.66 51.58 1.16
CA GLY A 380 2.36 51.42 2.58
C GLY A 380 3.62 51.43 3.43
N LYS A 381 4.70 50.82 2.93
CA LYS A 381 6.02 50.89 3.54
C LYS A 381 6.53 52.34 3.57
N LEU A 382 6.41 53.06 2.46
CA LEU A 382 6.76 54.48 2.36
C LEU A 382 5.98 55.38 3.33
N GLN A 383 4.69 55.11 3.53
CA GLN A 383 3.88 55.77 4.55
C GLN A 383 4.45 55.63 5.97
N ALA A 384 4.84 54.40 6.33
CA ALA A 384 5.44 54.08 7.62
C ALA A 384 6.83 54.69 7.82
N ILE A 385 7.63 54.75 6.75
CA ILE A 385 8.95 55.35 6.77
C ILE A 385 8.84 56.89 6.92
N SER A 386 7.86 57.51 6.26
CA SER A 386 7.55 58.94 6.37
C SER A 386 7.17 59.33 7.80
N TRP A 387 6.30 58.53 8.40
CA TRP A 387 5.89 58.61 9.79
C TRP A 387 7.09 58.51 10.74
N ALA A 388 7.96 57.51 10.52
CA ALA A 388 9.13 57.26 11.32
C ALA A 388 10.17 58.38 11.28
N ARG A 389 10.42 58.90 10.08
CA ARG A 389 11.37 59.95 9.80
C ARG A 389 11.00 61.26 10.49
N THR A 390 9.72 61.64 10.37
CA THR A 390 9.22 62.93 10.83
C THR A 390 8.93 62.93 12.33
N LYS A 391 8.31 61.85 12.85
CA LYS A 391 7.89 61.75 14.25
C LYS A 391 8.98 61.18 15.15
N LYS A 392 10.18 60.96 14.60
CA LYS A 392 11.40 60.56 15.28
C LYS A 392 11.32 59.16 15.92
N ILE A 393 10.45 58.30 15.39
CA ILE A 393 10.25 56.93 15.85
C ILE A 393 11.39 56.05 15.27
N PRO A 394 12.14 55.32 16.13
CA PRO A 394 13.18 54.36 15.74
C PRO A 394 12.82 53.44 14.56
N PHE A 395 13.69 53.44 13.55
CA PHE A 395 13.48 52.78 12.28
C PHE A 395 14.63 51.84 11.93
N LEU A 396 14.28 50.62 11.52
CA LEU A 396 15.19 49.70 10.86
C LEU A 396 14.56 49.29 9.53
N GLY A 397 15.30 49.55 8.45
CA GLY A 397 14.94 49.16 7.11
C GLY A 397 15.94 48.10 6.65
N ILE A 398 15.43 46.99 6.14
CA ILE A 398 16.23 45.87 5.65
C ILE A 398 15.95 45.70 4.16
N CYS A 399 17.02 45.79 3.37
CA CYS A 399 17.12 45.69 1.93
C CYS A 399 16.19 46.68 1.23
N LEU A 400 14.98 46.25 0.87
CA LEU A 400 13.93 47.09 0.33
C LEU A 400 13.62 48.30 1.23
N GLY A 401 13.66 48.11 2.55
CA GLY A 401 13.46 49.15 3.53
C GLY A 401 14.57 50.22 3.50
N MET A 402 15.79 49.88 3.06
CA MET A 402 16.84 50.86 2.81
C MET A 402 16.58 51.63 1.52
N GLN A 403 16.23 50.89 0.46
CA GLN A 403 15.93 51.43 -0.86
C GLN A 403 14.81 52.48 -0.81
N LEU A 404 13.73 52.12 -0.12
CA LEU A 404 12.58 52.97 0.10
C LEU A 404 12.87 54.21 0.94
N ALA A 405 13.78 54.10 1.92
CA ALA A 405 14.20 55.23 2.74
C ALA A 405 15.02 56.25 1.95
N VAL A 406 15.94 55.75 1.13
CA VAL A 406 16.75 56.55 0.22
C VAL A 406 15.89 57.26 -0.84
N ILE A 407 14.94 56.52 -1.40
CA ILE A 407 13.92 57.02 -2.32
C ILE A 407 13.06 58.11 -1.69
N GLU A 408 12.57 57.88 -0.47
CA GLU A 408 11.77 58.84 0.26
C GLU A 408 12.53 60.12 0.61
N PHE A 409 13.78 59.99 1.07
CA PHE A 409 14.62 61.13 1.39
C PHE A 409 14.87 62.00 0.16
N ALA A 410 15.09 61.36 -0.99
CA ALA A 410 15.15 62.04 -2.27
C ALA A 410 13.85 62.77 -2.62
N ARG A 411 12.72 62.08 -2.53
CA ARG A 411 11.39 62.64 -2.76
C ARG A 411 11.05 63.83 -1.86
N ASN A 412 11.25 63.67 -0.56
CA ASN A 412 10.64 64.51 0.46
C ASN A 412 11.62 65.51 1.06
N CYS A 413 12.93 65.24 1.00
CA CYS A 413 13.96 66.08 1.62
C CYS A 413 14.88 66.72 0.57
N LEU A 414 15.06 66.07 -0.59
CA LEU A 414 15.80 66.63 -1.73
C LEU A 414 14.87 67.14 -2.84
N ASN A 415 13.55 66.94 -2.66
CA ASN A 415 12.43 67.40 -3.50
C ASN A 415 12.35 66.70 -4.87
N LEU A 416 13.15 65.65 -5.09
CA LEU A 416 13.19 64.81 -6.29
C LEU A 416 12.02 63.81 -6.28
N LYS A 417 10.81 64.35 -6.30
CA LYS A 417 9.52 63.65 -6.20
C LYS A 417 9.28 62.58 -7.28
N ASP A 418 10.02 62.65 -8.37
CA ASP A 418 10.06 61.71 -9.49
C ASP A 418 10.92 60.46 -9.20
N ALA A 419 11.68 60.45 -8.10
CA ALA A 419 12.60 59.36 -7.75
C ALA A 419 11.88 58.08 -7.38
N ASN A 420 12.37 56.96 -7.95
CA ASN A 420 11.93 55.63 -7.63
C ASN A 420 13.00 54.62 -8.06
N SER A 421 12.64 53.34 -7.98
CA SER A 421 13.44 52.23 -8.46
C SER A 421 13.06 51.89 -9.91
N THR A 422 14.03 51.33 -10.63
CA THR A 422 13.83 50.69 -11.91
C THR A 422 13.23 49.27 -11.77
N GLU A 423 12.68 48.93 -10.59
CA GLU A 423 11.92 47.72 -10.34
C GLU A 423 10.44 48.05 -10.47
N PHE A 424 10.01 49.14 -9.82
CA PHE A 424 8.60 49.49 -9.72
C PHE A 424 8.14 50.23 -10.98
N GLU A 425 8.95 51.20 -11.43
CA GLU A 425 8.81 51.86 -12.72
C GLU A 425 10.17 51.80 -13.41
N PRO A 426 10.38 50.85 -14.35
CA PRO A 426 11.63 50.76 -15.13
C PRO A 426 12.13 52.09 -15.73
N ASN A 427 11.22 52.83 -16.37
CA ASN A 427 11.46 54.13 -16.98
C ASN A 427 11.18 55.27 -15.98
N THR A 428 11.77 55.18 -14.79
CA THR A 428 11.78 56.28 -13.82
C THR A 428 12.68 57.43 -14.36
N PRO A 429 12.20 58.70 -14.34
CA PRO A 429 12.99 59.87 -14.76
C PRO A 429 14.38 60.03 -14.14
N VAL A 430 14.47 59.93 -12.81
CA VAL A 430 15.73 59.90 -12.08
C VAL A 430 15.86 58.52 -11.39
N PRO A 431 16.47 57.53 -12.10
CA PRO A 431 16.51 56.15 -11.62
C PRO A 431 17.46 56.01 -10.44
N LEU A 432 16.92 56.10 -9.22
CA LEU A 432 17.68 56.18 -7.99
C LEU A 432 18.17 54.80 -7.57
N VAL A 433 17.27 53.83 -7.67
CA VAL A 433 17.54 52.45 -7.30
C VAL A 433 17.50 51.63 -8.60
N ILE A 434 18.68 51.19 -9.03
CA ILE A 434 18.95 50.53 -10.28
C ILE A 434 19.30 49.06 -10.03
N ASP A 435 19.09 48.20 -11.02
CA ASP A 435 19.64 46.85 -11.05
C ASP A 435 21.16 46.95 -11.27
N MET A 436 21.95 46.39 -10.36
CA MET A 436 23.40 46.36 -10.43
C MET A 436 23.86 44.93 -10.09
N PRO A 437 23.81 44.02 -11.08
CA PRO A 437 24.21 42.62 -10.86
C PRO A 437 25.73 42.45 -10.65
N GLU A 438 26.11 41.27 -10.17
CA GLU A 438 27.50 40.84 -10.01
C GLU A 438 27.85 40.02 -11.24
N THR A 447 24.77 38.28 -11.93
CA THR A 447 23.53 37.81 -11.24
C THR A 447 23.26 38.58 -9.90
N MET A 448 22.29 38.08 -9.13
CA MET A 448 21.89 38.53 -7.80
C MET A 448 23.08 38.51 -6.82
N ARG A 449 23.22 39.58 -6.04
CA ARG A 449 24.17 39.70 -4.96
C ARG A 449 23.63 38.91 -3.78
N LEU A 450 24.17 37.71 -3.63
CA LEU A 450 23.56 36.61 -2.93
C LEU A 450 24.62 35.91 -2.11
N GLY A 451 24.43 35.93 -0.79
CA GLY A 451 25.30 35.30 0.17
C GLY A 451 26.13 36.36 0.90
N LEU A 452 27.22 35.91 1.53
CA LEU A 452 28.09 36.70 2.37
C LEU A 452 28.93 37.66 1.53
N ARG A 453 28.92 38.94 1.90
CA ARG A 453 29.80 39.95 1.32
C ARG A 453 30.33 40.84 2.44
N ARG A 454 31.55 41.33 2.23
CA ARG A 454 32.23 42.27 3.10
C ARG A 454 31.72 43.69 2.83
N THR A 455 31.12 44.28 3.86
CA THR A 455 30.74 45.68 3.89
C THR A 455 31.73 46.43 4.79
N VAL A 456 32.23 47.56 4.31
CA VAL A 456 33.23 48.38 4.96
C VAL A 456 32.56 49.68 5.38
N PHE A 457 32.76 50.10 6.64
CA PHE A 457 32.32 51.39 7.12
C PHE A 457 33.26 52.50 6.63
N THR A 458 32.69 53.60 6.16
CA THR A 458 33.38 54.75 5.62
C THR A 458 32.87 56.04 6.31
N THR A 459 32.63 55.94 7.62
CA THR A 459 32.14 56.99 8.51
C THR A 459 32.26 56.40 9.92
N GLU A 460 33.18 56.95 10.71
CA GLU A 460 33.53 56.44 12.05
C GLU A 460 32.42 56.71 13.07
N ASN A 461 31.74 57.85 12.91
CA ASN A 461 30.66 58.33 13.78
C ASN A 461 29.30 57.69 13.47
N SER A 462 29.29 56.55 12.77
CA SER A 462 28.10 55.78 12.51
C SER A 462 27.69 54.98 13.76
N ILE A 463 26.37 54.88 13.98
CA ILE A 463 25.81 54.18 15.13
C ILE A 463 26.05 52.67 14.99
N LEU A 464 25.91 52.15 13.77
CA LEU A 464 26.11 50.73 13.48
C LEU A 464 27.53 50.26 13.72
N LYS A 465 28.54 51.06 13.42
CA LYS A 465 29.93 50.69 13.66
C LYS A 465 30.19 50.40 15.14
N LYS A 466 29.62 51.22 16.01
CA LYS A 466 29.70 51.09 17.45
C LYS A 466 28.96 49.83 17.95
N LEU A 467 27.73 49.62 17.45
CA LEU A 467 26.91 48.45 17.72
C LEU A 467 27.57 47.13 17.27
N TYR A 468 28.20 47.14 16.09
CA TYR A 468 29.02 46.04 15.57
C TYR A 468 30.42 45.96 16.22
N GLY A 469 30.69 46.74 17.27
CA GLY A 469 31.85 46.53 18.15
C GLY A 469 33.08 47.33 17.72
N ASP A 470 32.89 48.39 16.94
CA ASP A 470 33.89 49.34 16.43
C ASP A 470 34.85 48.68 15.41
N VAL A 471 34.35 47.64 14.75
CA VAL A 471 35.00 46.96 13.64
C VAL A 471 35.05 47.83 12.37
N PRO A 472 36.09 47.65 11.52
CA PRO A 472 36.21 48.41 10.26
C PRO A 472 35.23 47.91 9.18
N TYR A 473 35.08 46.59 9.11
CA TYR A 473 34.19 45.92 8.21
C TYR A 473 33.37 44.90 8.99
N ILE A 474 32.27 44.52 8.38
CA ILE A 474 31.38 43.45 8.77
C ILE A 474 31.18 42.57 7.53
N GLU A 475 30.86 41.29 7.74
CA GLU A 475 30.50 40.36 6.69
C GLU A 475 29.08 39.91 7.00
N GLU A 476 28.17 40.17 6.05
CA GLU A 476 26.74 39.98 6.21
C GLU A 476 26.13 39.40 4.94
N ARG A 477 24.99 38.73 5.12
CA ARG A 477 24.29 37.99 4.08
C ARG A 477 23.35 38.89 3.29
N HIS A 478 23.55 38.90 1.99
CA HIS A 478 22.84 39.70 1.01
C HIS A 478 21.94 38.80 0.17
N ARG A 479 20.84 39.34 -0.36
CA ARG A 479 19.96 38.69 -1.33
C ARG A 479 19.21 39.79 -2.07
N HIS A 480 19.87 40.41 -3.05
CA HIS A 480 19.31 41.56 -3.74
C HIS A 480 19.95 41.72 -5.13
N ARG A 481 19.21 42.37 -6.02
CA ARG A 481 19.67 42.71 -7.37
C ARG A 481 19.88 44.22 -7.48
N TYR A 482 18.99 44.97 -6.84
CA TYR A 482 18.93 46.41 -6.95
C TYR A 482 19.83 47.10 -5.90
N GLU A 483 20.38 48.23 -6.30
CA GLU A 483 21.33 49.06 -5.58
C GLU A 483 20.97 50.53 -5.77
N VAL A 484 21.52 51.37 -4.91
CA VAL A 484 21.57 52.81 -5.10
C VAL A 484 22.48 53.13 -6.30
N ASN A 485 22.00 53.97 -7.22
CA ASN A 485 22.71 54.44 -8.39
C ASN A 485 23.86 55.37 -7.97
N PRO A 486 25.13 54.98 -8.23
CA PRO A 486 26.29 55.65 -7.61
C PRO A 486 26.50 57.12 -7.99
N ASN A 487 26.06 57.53 -9.19
CA ASN A 487 26.14 58.92 -9.64
C ASN A 487 25.26 59.84 -8.78
N LEU A 488 23.98 59.45 -8.59
CA LEU A 488 22.98 60.17 -7.81
C LEU A 488 23.26 60.27 -6.30
N ILE A 489 24.31 59.61 -5.79
CA ILE A 489 24.80 59.80 -4.42
C ILE A 489 25.19 61.27 -4.14
N ASN A 490 25.63 61.99 -5.19
CA ASN A 490 25.95 63.42 -5.15
C ASN A 490 24.83 64.31 -4.60
N GLN A 491 23.56 63.91 -4.77
CA GLN A 491 22.39 64.62 -4.24
C GLN A 491 22.30 64.56 -2.71
N PHE A 492 22.82 63.49 -2.11
CA PHE A 492 22.75 63.20 -0.68
C PHE A 492 23.97 63.77 0.07
N GLU A 493 25.05 64.04 -0.68
CA GLU A 493 26.45 64.22 -0.26
C GLU A 493 26.68 64.90 1.10
N ASN A 494 26.02 66.04 1.32
CA ASN A 494 26.22 66.90 2.50
C ASN A 494 24.91 67.07 3.30
N LYS A 495 23.92 66.20 3.05
CA LYS A 495 22.64 66.21 3.75
C LYS A 495 22.63 65.16 4.88
N ASP A 496 21.52 65.14 5.62
CA ASP A 496 21.29 64.35 6.83
C ASP A 496 21.46 62.84 6.63
N LEU A 497 21.03 62.36 5.47
CA LEU A 497 21.12 60.96 5.06
C LEU A 497 22.54 60.70 4.52
N CYS A 498 23.30 59.89 5.25
CA CYS A 498 24.68 59.59 4.94
C CYS A 498 24.81 58.09 4.70
N PHE A 499 25.45 57.73 3.60
CA PHE A 499 25.80 56.35 3.26
C PHE A 499 27.09 55.96 3.99
N VAL A 500 26.93 55.39 5.18
CA VAL A 500 28.03 55.10 6.09
C VAL A 500 28.79 53.81 5.76
N GLY A 501 28.15 52.87 5.06
CA GLY A 501 28.71 51.58 4.76
C GLY A 501 28.60 51.34 3.27
N GLU A 502 29.69 50.86 2.68
CA GLU A 502 29.83 50.54 1.28
C GLU A 502 30.42 49.13 1.14
N ASP A 503 30.36 48.60 -0.07
CA ASP A 503 31.08 47.40 -0.48
C ASP A 503 32.60 47.70 -0.53
N VAL A 504 33.41 46.64 -0.43
CA VAL A 504 34.85 46.69 -0.64
C VAL A 504 35.27 47.24 -2.03
N ASP A 505 34.42 47.08 -3.06
CA ASP A 505 34.61 47.64 -4.39
C ASP A 505 34.00 49.05 -4.56
N GLY A 506 33.51 49.65 -3.47
CA GLY A 506 33.17 51.06 -3.31
C GLY A 506 31.87 51.51 -4.01
N LYS A 507 31.54 50.92 -5.15
CA LYS A 507 30.47 51.38 -6.04
C LYS A 507 29.04 51.06 -5.57
N ARG A 508 28.93 50.32 -4.46
CA ARG A 508 27.68 49.91 -3.83
C ARG A 508 27.63 50.50 -2.43
N MET A 509 26.49 51.11 -2.08
CA MET A 509 26.21 51.60 -0.74
C MET A 509 25.31 50.57 -0.07
N GLU A 510 25.76 50.03 1.05
CA GLU A 510 25.14 48.89 1.72
C GLU A 510 24.54 49.25 3.08
N ILE A 511 24.87 50.44 3.63
CA ILE A 511 24.30 50.94 4.86
C ILE A 511 24.10 52.46 4.70
N VAL A 512 22.96 52.95 5.19
CA VAL A 512 22.64 54.36 5.26
C VAL A 512 22.04 54.69 6.65
N GLU A 513 22.36 55.87 7.18
CA GLU A 513 21.80 56.39 8.42
C GLU A 513 21.31 57.83 8.18
N LEU A 514 20.21 58.23 8.85
CA LEU A 514 19.94 59.65 9.09
C LEU A 514 20.72 60.08 10.34
N THR A 515 21.53 61.13 10.18
CA THR A 515 22.31 61.72 11.25
C THR A 515 21.46 62.52 12.27
N SER A 516 20.28 62.98 11.84
CA SER A 516 19.37 63.85 12.56
C SER A 516 18.31 63.10 13.41
N HIS A 517 18.40 61.77 13.48
CA HIS A 517 17.39 60.90 14.06
C HIS A 517 18.06 59.98 15.10
N PRO A 518 17.35 59.64 16.20
CA PRO A 518 17.90 58.71 17.21
C PRO A 518 18.31 57.34 16.67
N TYR A 519 17.57 56.80 15.70
CA TYR A 519 17.90 55.54 15.07
C TYR A 519 17.02 55.40 13.82
N PHE A 520 17.55 55.79 12.66
CA PHE A 520 16.91 55.55 11.38
C PHE A 520 18.01 54.99 10.51
N ILE A 521 18.00 53.66 10.43
CA ILE A 521 19.03 52.86 9.79
C ILE A 521 18.39 52.09 8.64
N GLY A 522 19.09 52.11 7.50
CA GLY A 522 18.81 51.23 6.39
C GLY A 522 20.07 50.40 6.21
N VAL A 523 19.90 49.08 6.08
CA VAL A 523 20.93 48.15 5.67
C VAL A 523 20.44 47.38 4.44
N GLN A 524 21.32 47.17 3.47
CA GLN A 524 21.01 46.52 2.20
C GLN A 524 21.00 44.99 2.37
N PHE A 525 21.81 44.49 3.30
CA PHE A 525 21.85 43.10 3.71
C PHE A 525 20.68 42.71 4.62
N HIS A 526 20.64 41.42 4.96
CA HIS A 526 19.70 40.80 5.88
C HIS A 526 20.44 40.37 7.13
N PRO A 527 20.47 41.21 8.19
CA PRO A 527 21.20 40.90 9.42
C PRO A 527 20.60 39.74 10.23
N GLU A 528 19.31 39.46 10.03
CA GLU A 528 18.53 38.53 10.81
C GLU A 528 18.98 37.09 10.69
N PHE A 529 19.61 36.75 9.57
CA PHE A 529 20.14 35.42 9.28
C PHE A 529 21.36 35.07 10.13
N SER A 530 22.08 36.12 10.55
CA SER A 530 23.29 36.06 11.34
C SER A 530 22.99 36.14 12.85
N SER A 531 21.73 36.34 13.24
CA SER A 531 21.32 36.52 14.63
C SER A 531 21.28 35.17 15.37
N ARG A 532 21.78 35.17 16.61
CA ARG A 532 21.76 34.04 17.51
C ARG A 532 21.22 34.51 18.87
N PRO A 533 20.64 33.60 19.70
CA PRO A 533 20.12 33.95 21.02
C PRO A 533 21.05 34.74 21.96
N MET A 534 22.31 34.30 22.07
CA MET A 534 23.32 34.94 22.89
C MET A 534 24.31 35.76 22.04
N LYS A 535 23.88 36.17 20.85
CA LYS A 535 24.59 37.10 19.97
C LYS A 535 23.57 37.73 19.01
N PRO A 536 22.64 38.57 19.54
CA PRO A 536 21.65 39.26 18.72
C PRO A 536 22.29 40.15 17.66
N SER A 537 21.69 40.17 16.47
CA SER A 537 22.16 40.96 15.34
C SER A 537 22.09 42.47 15.66
N PRO A 538 23.26 43.16 15.68
CA PRO A 538 23.37 44.55 16.12
C PRO A 538 22.35 45.60 15.60
N PRO A 539 21.90 45.54 14.33
CA PRO A 539 20.87 46.46 13.84
C PRO A 539 19.52 46.37 14.54
N TYR A 540 19.15 45.16 14.93
CA TYR A 540 17.92 44.84 15.63
C TYR A 540 18.01 45.20 17.11
N LEU A 541 19.22 45.12 17.65
CA LEU A 541 19.55 45.53 19.01
C LEU A 541 19.34 47.03 19.18
N GLY A 542 19.96 47.81 18.28
CA GLY A 542 19.87 49.26 18.22
C GLY A 542 18.42 49.75 18.16
N LEU A 543 17.57 49.09 17.37
CA LEU A 543 16.14 49.34 17.27
C LEU A 543 15.42 49.20 18.62
N LEU A 544 15.60 48.04 19.26
CA LEU A 544 15.02 47.70 20.56
C LEU A 544 15.52 48.63 21.67
N LEU A 545 16.82 48.96 21.63
CA LEU A 545 17.44 49.91 22.54
C LEU A 545 16.87 51.32 22.36
N ALA A 546 16.79 51.80 21.13
CA ALA A 546 16.29 53.13 20.79
C ALA A 546 14.83 53.30 21.21
N ALA A 547 14.02 52.28 20.94
CA ALA A 547 12.61 52.19 21.29
C ALA A 547 12.33 52.18 22.80
N THR A 548 13.35 51.94 23.61
CA THR A 548 13.28 51.88 25.06
C THR A 548 14.21 52.93 25.72
N GLY A 549 14.82 53.82 24.91
CA GLY A 549 15.68 54.92 25.33
C GLY A 549 17.11 54.50 25.69
N ASN A 550 17.36 53.20 25.83
CA ASN A 550 18.58 52.58 26.35
C ASN A 550 19.78 52.60 25.40
N LEU A 551 19.61 53.14 24.19
CA LEU A 551 20.63 53.18 23.14
C LEU A 551 21.89 53.93 23.56
N ASN A 552 21.72 55.14 24.08
CA ASN A 552 22.84 56.00 24.51
C ASN A 552 23.58 55.38 25.69
N ALA A 553 22.83 54.78 26.62
CA ALA A 553 23.38 54.05 27.76
C ALA A 553 24.25 52.86 27.31
N HIS A 554 23.71 52.04 26.41
CA HIS A 554 24.40 50.89 25.84
C HIS A 554 25.66 51.27 25.06
N LEU A 555 25.57 52.35 24.26
CA LEU A 555 26.70 52.90 23.51
C LEU A 555 27.81 53.46 24.40
N GLN A 556 27.44 54.20 25.45
CA GLN A 556 28.39 54.75 26.41
C GLN A 556 29.05 53.67 27.28
N GLN A 557 28.31 52.59 27.56
CA GLN A 557 28.77 51.37 28.22
C GLN A 557 29.49 50.53 27.16
N MET B 1 -33.61 1.62 -4.77
CA MET B 1 -33.17 2.21 -3.47
C MET B 1 -31.97 3.13 -3.75
N LYS B 2 -31.69 4.02 -2.80
CA LYS B 2 -30.53 4.88 -2.76
C LYS B 2 -29.71 4.52 -1.52
N TYR B 3 -28.40 4.69 -1.62
CA TYR B 3 -27.44 4.40 -0.57
C TYR B 3 -26.50 5.58 -0.45
N ILE B 4 -26.26 6.02 0.77
CA ILE B 4 -25.22 6.99 1.08
C ILE B 4 -24.26 6.30 2.04
N LEU B 5 -22.98 6.35 1.71
CA LEU B 5 -21.91 5.82 2.52
C LEU B 5 -21.11 6.99 3.08
N VAL B 6 -21.18 7.15 4.39
CA VAL B 6 -20.39 8.12 5.12
C VAL B 6 -19.14 7.42 5.68
N THR B 7 -17.97 7.85 5.20
CA THR B 7 -16.65 7.38 5.60
C THR B 7 -15.94 8.47 6.41
N GLY B 8 -15.03 8.04 7.28
CA GLY B 8 -14.23 8.93 8.11
C GLY B 8 -12.78 8.76 7.73
N GLY B 9 -12.04 9.87 7.77
CA GLY B 9 -10.69 9.91 7.25
C GLY B 9 -9.65 9.71 8.33
N VAL B 10 -9.47 10.73 9.16
CA VAL B 10 -8.26 10.89 9.96
C VAL B 10 -8.40 10.30 11.36
N ILE B 11 -9.57 10.54 11.96
CA ILE B 11 -9.96 10.18 13.29
C ILE B 11 -11.48 10.01 13.27
N SER B 12 -12.00 9.22 14.20
CA SER B 12 -13.41 8.88 14.29
C SER B 12 -14.26 9.93 15.02
N GLY B 13 -13.64 10.63 15.98
CA GLY B 13 -14.28 11.49 16.98
C GLY B 13 -14.62 12.89 16.46
N ILE B 14 -14.89 13.05 15.16
CA ILE B 14 -15.13 14.32 14.50
C ILE B 14 -16.62 14.62 14.25
N GLY B 15 -17.49 13.76 14.77
CA GLY B 15 -18.94 13.96 14.70
C GLY B 15 -19.50 13.41 13.39
N LYS B 16 -18.83 12.42 12.80
CA LYS B 16 -19.27 11.66 11.63
C LYS B 16 -20.70 11.08 11.75
N GLY B 17 -21.10 10.72 12.97
CA GLY B 17 -22.47 10.27 13.28
C GLY B 17 -23.48 11.40 13.17
N ILE B 18 -23.09 12.62 13.54
CA ILE B 18 -23.93 13.80 13.46
C ILE B 18 -24.07 14.27 12.02
N ILE B 19 -23.00 14.17 11.23
CA ILE B 19 -23.04 14.38 9.78
C ILE B 19 -24.02 13.41 9.09
N ALA B 20 -23.88 12.12 9.37
CA ALA B 20 -24.74 11.06 8.85
C ALA B 20 -26.22 11.25 9.21
N SER B 21 -26.46 11.61 10.47
CA SER B 21 -27.79 11.91 10.99
C SER B 21 -28.40 13.19 10.38
N SER B 22 -27.56 14.20 10.13
CA SER B 22 -27.96 15.46 9.52
C SER B 22 -28.30 15.29 8.05
N ILE B 23 -27.53 14.46 7.34
CA ILE B 23 -27.82 14.03 5.99
C ILE B 23 -29.18 13.32 5.89
N GLY B 24 -29.44 12.42 6.84
CA GLY B 24 -30.71 11.74 6.98
C GLY B 24 -31.87 12.70 7.17
N THR B 25 -31.74 13.70 8.07
CA THR B 25 -32.86 14.57 8.42
C THR B 25 -33.15 15.59 7.31
N ILE B 26 -32.12 15.93 6.53
CA ILE B 26 -32.23 16.66 5.28
C ILE B 26 -33.04 15.90 4.23
N LEU B 27 -32.72 14.62 4.02
CA LEU B 27 -33.44 13.76 3.08
C LEU B 27 -34.88 13.48 3.52
N LYS B 28 -35.10 13.37 4.83
CA LYS B 28 -36.40 13.24 5.46
C LYS B 28 -37.30 14.46 5.17
N SER B 29 -36.72 15.67 5.20
CA SER B 29 -37.41 16.90 4.84
C SER B 29 -37.76 16.97 3.35
N CYS B 30 -36.90 16.35 2.51
CA CYS B 30 -37.13 16.16 1.08
C CYS B 30 -38.13 15.02 0.78
N GLY B 31 -38.74 14.41 1.80
CA GLY B 31 -39.86 13.50 1.67
C GLY B 31 -39.44 12.04 1.53
N LEU B 32 -38.16 11.71 1.72
CA LEU B 32 -37.69 10.34 1.67
C LEU B 32 -37.89 9.67 3.03
N ARG B 33 -38.40 8.44 3.02
CA ARG B 33 -38.29 7.49 4.12
C ARG B 33 -36.82 7.02 4.19
N VAL B 34 -36.19 7.28 5.34
CA VAL B 34 -34.78 7.04 5.55
C VAL B 34 -34.63 5.93 6.59
N THR B 35 -33.74 4.99 6.32
CA THR B 35 -33.21 4.08 7.32
C THR B 35 -31.71 4.34 7.44
N ALA B 36 -31.09 3.72 8.43
CA ALA B 36 -29.69 3.84 8.70
C ALA B 36 -29.09 2.50 9.09
N ILE B 37 -27.82 2.35 8.77
CA ILE B 37 -26.99 1.24 9.15
C ILE B 37 -25.68 1.81 9.66
N LYS B 38 -25.24 1.32 10.82
CA LYS B 38 -23.92 1.59 11.34
C LYS B 38 -23.09 0.33 11.13
N ILE B 39 -21.95 0.50 10.50
CA ILE B 39 -20.92 -0.51 10.42
C ILE B 39 -19.82 -0.14 11.42
N ASP B 40 -19.54 -1.08 12.32
CA ASP B 40 -18.48 -0.99 13.32
C ASP B 40 -17.48 -2.11 13.03
N PRO B 41 -16.33 -1.82 12.40
CA PRO B 41 -15.31 -2.83 12.08
C PRO B 41 -14.67 -3.64 13.23
N TYR B 42 -15.14 -3.49 14.46
CA TYR B 42 -14.70 -4.31 15.58
C TYR B 42 -15.24 -5.76 15.48
N ILE B 43 -14.50 -6.68 16.10
CA ILE B 43 -14.77 -8.12 16.06
C ILE B 43 -15.87 -8.50 17.06
N ASN B 44 -16.19 -7.58 17.96
CA ASN B 44 -17.28 -7.67 18.94
C ASN B 44 -18.63 -7.78 18.21
N ILE B 45 -19.49 -8.69 18.66
CA ILE B 45 -20.81 -8.91 18.09
C ILE B 45 -21.79 -7.78 18.44
N ASP B 46 -21.60 -7.21 19.62
CA ASP B 46 -22.48 -6.25 20.24
C ASP B 46 -21.64 -5.43 21.21
N ALA B 47 -22.20 -4.30 21.63
CA ALA B 47 -21.60 -3.38 22.57
C ALA B 47 -21.88 -3.73 24.04
N GLY B 48 -22.56 -4.85 24.29
CA GLY B 48 -22.96 -5.29 25.61
C GLY B 48 -21.78 -5.73 26.48
N THR B 49 -20.65 -6.03 25.84
CA THR B 49 -19.40 -6.41 26.48
C THR B 49 -18.57 -5.20 26.93
N PHE B 50 -18.87 -4.00 26.42
CA PHE B 50 -17.99 -2.85 26.54
C PHE B 50 -18.06 -2.14 27.89
N SER B 51 -16.91 -1.57 28.25
CA SER B 51 -16.79 -0.46 29.18
C SER B 51 -17.27 0.81 28.45
N PRO B 52 -18.08 1.66 29.12
CA PRO B 52 -18.45 2.97 28.58
C PRO B 52 -17.29 3.87 28.12
N TYR B 53 -16.13 3.78 28.79
CA TYR B 53 -14.95 4.57 28.46
C TYR B 53 -14.35 4.26 27.08
N GLU B 54 -14.74 3.12 26.48
CA GLU B 54 -14.18 2.60 25.25
C GLU B 54 -14.78 3.29 24.02
N HIS B 55 -16.12 3.28 23.92
CA HIS B 55 -16.85 3.78 22.76
C HIS B 55 -18.01 4.70 23.12
N GLY B 56 -18.17 5.01 24.40
CA GLY B 56 -19.26 5.82 24.91
C GLY B 56 -20.40 4.93 25.39
N GLU B 57 -21.57 5.52 25.62
CA GLU B 57 -22.75 4.82 26.12
C GLU B 57 -23.24 3.71 25.19
N VAL B 58 -23.54 2.56 25.80
CA VAL B 58 -24.19 1.45 25.16
C VAL B 58 -25.67 1.81 25.00
N PHE B 59 -26.08 2.03 23.76
CA PHE B 59 -27.43 2.33 23.39
C PHE B 59 -28.20 1.02 23.25
N VAL B 60 -29.44 1.02 23.72
CA VAL B 60 -30.29 -0.15 23.73
C VAL B 60 -31.45 0.10 22.79
N LEU B 61 -31.66 -0.87 21.91
CA LEU B 61 -32.74 -0.94 20.94
C LEU B 61 -33.90 -1.73 21.53
N ASN B 62 -35.08 -1.58 20.93
CA ASN B 62 -36.33 -2.20 21.36
C ASN B 62 -36.26 -3.74 21.42
N ASP B 63 -35.53 -4.33 20.48
CA ASP B 63 -35.33 -5.78 20.36
C ASP B 63 -34.28 -6.33 21.34
N GLY B 64 -33.64 -5.47 22.12
CA GLY B 64 -32.62 -5.86 23.08
C GLY B 64 -31.23 -5.86 22.45
N GLY B 65 -31.03 -5.15 21.34
CA GLY B 65 -29.71 -4.92 20.79
C GLY B 65 -28.99 -3.88 21.65
N GLU B 66 -27.78 -4.22 22.10
CA GLU B 66 -26.83 -3.35 22.78
C GLU B 66 -25.82 -2.90 21.74
N VAL B 67 -25.90 -1.64 21.34
CA VAL B 67 -25.20 -1.08 20.19
C VAL B 67 -24.54 0.27 20.55
N ASP B 68 -23.82 0.83 19.56
CA ASP B 68 -23.14 2.12 19.63
C ASP B 68 -24.12 3.30 19.73
N LEU B 69 -23.67 4.39 20.36
CA LEU B 69 -24.38 5.65 20.52
C LEU B 69 -24.78 6.33 19.20
N ASP B 70 -24.07 6.10 18.10
CA ASP B 70 -24.43 6.59 16.78
C ASP B 70 -25.79 6.09 16.27
N LEU B 71 -26.20 4.88 16.67
CA LEU B 71 -27.56 4.41 16.41
C LEU B 71 -28.61 5.23 17.16
N GLY B 72 -28.24 5.76 18.33
CA GLY B 72 -29.05 6.65 19.12
C GLY B 72 -29.19 8.01 18.44
N ASN B 73 -28.11 8.52 17.83
CA ASN B 73 -28.15 9.74 17.04
C ASN B 73 -29.08 9.63 15.84
N TYR B 74 -29.12 8.49 15.15
CA TYR B 74 -30.07 8.26 14.07
C TYR B 74 -31.51 8.37 14.58
N GLU B 75 -31.81 7.69 15.68
CA GLU B 75 -33.11 7.74 16.35
C GLU B 75 -33.53 9.13 16.88
N ARG B 76 -32.58 10.00 17.21
CA ARG B 76 -32.85 11.34 17.69
C ARG B 76 -33.09 12.35 16.55
N PHE B 77 -32.41 12.18 15.42
CA PHE B 77 -32.54 13.04 14.25
C PHE B 77 -33.66 12.60 13.30
N LEU B 78 -33.94 11.31 13.29
CA LEU B 78 -34.93 10.64 12.47
C LEU B 78 -35.77 9.85 13.46
N ASP B 79 -37.08 10.05 13.49
CA ASP B 79 -37.98 9.41 14.47
C ASP B 79 -38.27 7.95 14.10
N ILE B 80 -37.19 7.18 13.95
CA ILE B 80 -37.15 5.77 13.61
C ILE B 80 -36.81 4.96 14.87
N ASN B 81 -37.02 3.65 14.81
CA ASN B 81 -36.58 2.68 15.81
C ASN B 81 -35.89 1.58 15.03
N LEU B 82 -34.65 1.30 15.42
CA LEU B 82 -33.77 0.36 14.74
C LEU B 82 -33.79 -1.02 15.38
N TYR B 83 -33.23 -1.96 14.64
CA TYR B 83 -33.12 -3.37 14.99
C TYR B 83 -31.64 -3.73 15.09
N LYS B 84 -31.33 -4.86 15.72
CA LYS B 84 -29.97 -5.41 15.90
C LYS B 84 -29.13 -5.41 14.62
N ASP B 85 -29.74 -5.86 13.52
CA ASP B 85 -29.09 -6.02 12.23
C ASP B 85 -28.78 -4.72 11.50
N ASN B 86 -29.27 -3.58 11.99
CA ASN B 86 -28.84 -2.26 11.56
C ASN B 86 -27.47 -1.89 12.12
N ASN B 87 -26.94 -2.71 13.05
CA ASN B 87 -25.56 -2.71 13.45
C ASN B 87 -24.89 -3.90 12.76
N ILE B 88 -23.95 -3.63 11.85
CA ILE B 88 -23.11 -4.64 11.25
C ILE B 88 -21.75 -4.52 11.94
N THR B 89 -21.17 -5.66 12.29
CA THR B 89 -19.82 -5.73 12.76
C THR B 89 -19.09 -6.83 11.99
N THR B 90 -17.76 -6.75 11.98
CA THR B 90 -16.87 -7.77 11.47
C THR B 90 -17.10 -9.13 12.15
N GLY B 91 -17.41 -9.11 13.45
CA GLY B 91 -17.79 -10.27 14.24
C GLY B 91 -19.01 -10.97 13.69
N LYS B 92 -20.08 -10.21 13.45
CA LYS B 92 -21.34 -10.69 12.90
C LYS B 92 -21.19 -11.30 11.51
N ILE B 93 -20.41 -10.64 10.66
CA ILE B 93 -20.13 -11.07 9.31
C ILE B 93 -19.30 -12.34 9.27
N TYR B 94 -18.17 -12.36 9.97
CA TYR B 94 -17.29 -13.52 10.02
C TYR B 94 -17.98 -14.74 10.65
N GLN B 95 -18.80 -14.54 11.70
CA GLN B 95 -19.57 -15.60 12.31
C GLN B 95 -20.62 -16.20 11.35
N HIS B 96 -21.36 -15.35 10.65
CA HIS B 96 -22.35 -15.72 9.65
C HIS B 96 -21.77 -16.57 8.51
N VAL B 97 -20.62 -16.11 7.99
CA VAL B 97 -19.87 -16.79 6.95
C VAL B 97 -19.26 -18.13 7.40
N ILE B 98 -18.76 -18.20 8.64
CA ILE B 98 -18.29 -19.42 9.28
C ILE B 98 -19.41 -20.46 9.43
N ASN B 99 -20.57 -20.00 9.89
CA ASN B 99 -21.76 -20.83 10.09
C ASN B 99 -22.27 -21.41 8.77
N LYS B 100 -22.26 -20.61 7.70
CA LYS B 100 -22.55 -21.04 6.34
C LYS B 100 -21.59 -22.12 5.82
N GLU B 101 -20.29 -21.95 6.08
CA GLU B 101 -19.24 -22.87 5.69
C GLU B 101 -19.42 -24.26 6.31
N ARG B 102 -19.70 -24.29 7.61
CA ARG B 102 -19.99 -25.52 8.36
C ARG B 102 -21.23 -26.27 7.86
N ARG B 103 -22.24 -25.55 7.36
CA ARG B 103 -23.40 -26.14 6.71
C ARG B 103 -23.12 -26.62 5.26
N GLY B 104 -22.08 -26.10 4.63
CA GLY B 104 -21.72 -26.44 3.26
C GLY B 104 -22.36 -25.51 2.23
N ASP B 105 -22.92 -24.37 2.65
CA ASP B 105 -23.62 -23.39 1.82
C ASP B 105 -22.76 -22.76 0.71
N TYR B 106 -21.44 -22.83 0.87
CA TYR B 106 -20.45 -22.37 -0.10
C TYR B 106 -19.92 -23.47 -1.02
N LEU B 107 -20.62 -24.61 -1.05
CA LEU B 107 -20.59 -25.64 -2.10
C LEU B 107 -19.21 -26.30 -2.30
N GLY B 108 -18.46 -26.42 -1.20
CA GLY B 108 -17.16 -27.06 -1.17
C GLY B 108 -16.03 -26.17 -1.71
N LYS B 109 -16.29 -24.91 -2.05
CA LYS B 109 -15.27 -23.97 -2.47
C LYS B 109 -14.65 -23.25 -1.28
N THR B 110 -13.41 -22.82 -1.46
CA THR B 110 -12.61 -22.04 -0.53
C THR B 110 -13.25 -20.68 -0.21
N VAL B 111 -13.55 -20.48 1.07
CA VAL B 111 -14.13 -19.26 1.57
C VAL B 111 -13.00 -18.27 1.88
N GLN B 112 -13.15 -17.07 1.36
CA GLN B 112 -12.17 -16.00 1.42
C GLN B 112 -12.87 -14.65 1.39
N VAL B 113 -12.16 -13.59 1.80
CA VAL B 113 -12.73 -12.29 2.08
C VAL B 113 -13.45 -11.67 0.88
N VAL B 114 -12.76 -11.63 -0.24
CA VAL B 114 -13.38 -11.44 -1.52
C VAL B 114 -13.45 -12.85 -2.12
N PRO B 115 -14.64 -13.39 -2.46
CA PRO B 115 -15.93 -12.70 -2.47
C PRO B 115 -16.76 -12.77 -1.18
N HIS B 116 -16.56 -13.78 -0.34
CA HIS B 116 -17.60 -14.29 0.56
C HIS B 116 -17.99 -13.36 1.71
N ILE B 117 -17.00 -12.68 2.27
CA ILE B 117 -17.20 -11.67 3.30
C ILE B 117 -17.81 -10.41 2.69
N THR B 118 -17.32 -9.99 1.53
CA THR B 118 -17.82 -8.83 0.82
C THR B 118 -19.24 -9.02 0.27
N ASP B 119 -19.60 -10.23 -0.12
CA ASP B 119 -20.94 -10.63 -0.51
C ASP B 119 -21.92 -10.65 0.66
N ALA B 120 -21.48 -11.16 1.82
CA ALA B 120 -22.26 -11.16 3.06
C ALA B 120 -22.66 -9.77 3.52
N ILE B 121 -21.72 -8.83 3.43
CA ILE B 121 -21.93 -7.42 3.71
C ILE B 121 -22.97 -6.78 2.77
N GLN B 122 -22.84 -7.02 1.47
CA GLN B 122 -23.76 -6.54 0.45
C GLN B 122 -25.18 -7.11 0.59
N GLU B 123 -25.27 -8.42 0.87
CA GLU B 123 -26.49 -9.13 1.21
C GLU B 123 -27.20 -8.51 2.42
N TRP B 124 -26.44 -8.29 3.50
CA TRP B 124 -26.90 -7.71 4.75
C TRP B 124 -27.43 -6.29 4.55
N VAL B 125 -26.62 -5.46 3.89
CA VAL B 125 -26.94 -4.08 3.57
C VAL B 125 -28.19 -3.94 2.71
N MET B 126 -28.32 -4.73 1.64
CA MET B 126 -29.51 -4.76 0.80
C MET B 126 -30.77 -5.13 1.57
N ASN B 127 -30.69 -6.24 2.30
CA ASN B 127 -31.84 -6.85 2.94
C ASN B 127 -32.29 -6.08 4.17
N GLN B 128 -31.36 -5.48 4.92
CA GLN B 128 -31.70 -4.68 6.08
C GLN B 128 -32.09 -3.25 5.70
N ALA B 129 -31.59 -2.74 4.58
CA ALA B 129 -32.02 -1.46 4.07
C ALA B 129 -33.49 -1.47 3.62
N LYS B 130 -33.99 -2.63 3.15
CA LYS B 130 -35.40 -2.85 2.88
C LYS B 130 -36.31 -2.92 4.12
N VAL B 131 -35.75 -3.00 5.33
CA VAL B 131 -36.54 -3.10 6.56
C VAL B 131 -37.02 -1.72 7.04
N SER B 132 -38.31 -1.65 7.35
CA SER B 132 -39.02 -0.49 7.85
C SER B 132 -38.72 -0.23 9.33
N VAL B 133 -37.96 0.81 9.57
CA VAL B 133 -37.63 1.36 10.88
C VAL B 133 -38.49 2.60 11.21
N ASP B 134 -39.16 3.13 10.17
CA ASP B 134 -39.95 4.36 10.16
C ASP B 134 -41.34 4.20 10.80
N GLY B 135 -41.75 2.96 11.07
CA GLY B 135 -43.07 2.65 11.64
C GLY B 135 -44.17 2.63 10.58
N ASN B 136 -43.79 2.57 9.30
CA ASN B 136 -44.70 2.47 8.15
C ASN B 136 -44.54 1.07 7.56
N LYS B 137 -45.62 0.51 7.02
CA LYS B 137 -45.64 -0.77 6.31
C LYS B 137 -45.27 -0.53 4.84
N GLU B 138 -44.08 0.02 4.63
CA GLU B 138 -43.57 0.44 3.33
C GLU B 138 -42.05 0.50 3.45
N ASP B 139 -41.35 -0.13 2.49
CA ASP B 139 -39.90 -0.14 2.42
C ASP B 139 -39.35 1.28 2.19
N PRO B 140 -38.27 1.64 2.91
CA PRO B 140 -37.67 2.98 2.77
C PRO B 140 -36.99 3.20 1.42
N GLN B 141 -36.72 4.46 1.14
CA GLN B 141 -36.20 4.91 -0.14
C GLN B 141 -34.68 5.00 -0.14
N ILE B 142 -34.10 5.26 1.04
CA ILE B 142 -32.70 5.57 1.17
C ILE B 142 -32.15 5.02 2.48
N CYS B 143 -30.94 4.45 2.42
CA CYS B 143 -30.18 3.99 3.56
C CYS B 143 -28.95 4.88 3.68
N VAL B 144 -28.73 5.46 4.86
CA VAL B 144 -27.46 6.08 5.19
C VAL B 144 -26.63 5.04 5.95
N ILE B 145 -25.51 4.64 5.37
CA ILE B 145 -24.56 3.73 5.94
C ILE B 145 -23.42 4.58 6.49
N GLU B 146 -23.12 4.44 7.78
CA GLU B 146 -21.93 5.03 8.36
C GLU B 146 -20.92 3.92 8.56
N LEU B 147 -19.78 4.04 7.89
CA LEU B 147 -18.61 3.21 8.08
C LEU B 147 -17.79 3.85 9.19
N GLY B 148 -17.93 3.26 10.38
CA GLY B 148 -17.23 3.65 11.57
C GLY B 148 -15.75 3.29 11.46
N GLY B 149 -14.94 4.01 12.24
CA GLY B 149 -13.50 3.86 12.20
C GLY B 149 -12.92 4.94 11.29
N THR B 150 -11.73 4.66 10.79
CA THR B 150 -11.03 5.44 9.78
C THR B 150 -10.77 4.53 8.59
N ILE B 151 -10.56 5.14 7.43
CA ILE B 151 -10.15 4.49 6.19
C ILE B 151 -8.70 3.95 6.21
N GLY B 152 -7.98 4.11 7.31
CA GLY B 152 -6.70 3.44 7.55
C GLY B 152 -6.89 2.13 8.34
N ASP B 153 -8.05 1.90 8.96
CA ASP B 153 -8.32 0.75 9.81
C ASP B 153 -8.45 -0.52 8.98
N ILE B 154 -7.51 -1.45 9.19
CA ILE B 154 -7.39 -2.70 8.44
C ILE B 154 -8.64 -3.59 8.46
N GLU B 155 -9.38 -3.55 9.56
CA GLU B 155 -10.65 -4.25 9.75
C GLU B 155 -11.76 -3.72 8.83
N GLY B 156 -11.67 -2.45 8.46
CA GLY B 156 -12.66 -1.74 7.65
C GLY B 156 -12.48 -2.01 6.17
N MET B 157 -11.34 -2.53 5.73
CA MET B 157 -10.95 -2.63 4.33
C MET B 157 -11.84 -3.58 3.52
N ALA B 158 -12.37 -4.61 4.18
CA ALA B 158 -13.37 -5.51 3.65
C ALA B 158 -14.68 -4.81 3.30
N PHE B 159 -15.10 -3.87 4.16
CA PHE B 159 -16.28 -3.06 3.96
C PHE B 159 -16.11 -2.08 2.80
N VAL B 160 -14.96 -1.43 2.70
CA VAL B 160 -14.68 -0.50 1.61
C VAL B 160 -14.63 -1.22 0.24
N GLU B 161 -14.05 -2.43 0.22
CA GLU B 161 -14.06 -3.31 -0.93
C GLU B 161 -15.48 -3.77 -1.31
N ALA B 162 -16.31 -4.09 -0.31
CA ALA B 162 -17.72 -4.38 -0.51
C ALA B 162 -18.48 -3.22 -1.15
N PHE B 163 -18.25 -2.00 -0.67
CA PHE B 163 -18.87 -0.81 -1.21
C PHE B 163 -18.36 -0.40 -2.60
N ARG B 164 -17.11 -0.72 -2.92
CA ARG B 164 -16.55 -0.61 -4.25
C ARG B 164 -17.31 -1.47 -5.26
N GLN B 165 -17.58 -2.73 -4.88
CA GLN B 165 -18.39 -3.65 -5.67
C GLN B 165 -19.84 -3.19 -5.78
N PHE B 166 -20.42 -2.75 -4.67
CA PHE B 166 -21.82 -2.37 -4.52
C PHE B 166 -22.21 -1.15 -5.38
N GLN B 167 -21.27 -0.21 -5.49
CA GLN B 167 -21.23 0.94 -6.38
C GLN B 167 -21.32 0.59 -7.89
N PHE B 168 -21.13 -0.69 -8.21
CA PHE B 168 -21.17 -1.25 -9.55
C PHE B 168 -22.18 -2.41 -9.63
N LYS B 169 -23.21 -2.37 -8.76
CA LYS B 169 -24.34 -3.28 -8.73
C LYS B 169 -25.59 -2.42 -8.67
N ALA B 170 -25.70 -1.65 -7.58
CA ALA B 170 -26.42 -0.39 -7.55
C ALA B 170 -25.64 0.60 -8.42
N LYS B 171 -26.33 1.48 -9.12
CA LYS B 171 -25.72 2.36 -10.10
C LYS B 171 -25.24 3.66 -9.41
N LYS B 172 -24.50 4.49 -10.15
CA LYS B 172 -23.91 5.73 -9.64
C LYS B 172 -24.95 6.78 -9.21
N GLU B 173 -26.17 6.68 -9.76
CA GLU B 173 -27.32 7.46 -9.32
C GLU B 173 -27.86 7.01 -7.97
N ASN B 174 -27.52 5.79 -7.54
CA ASN B 174 -27.99 5.14 -6.32
C ASN B 174 -26.95 5.19 -5.20
N PHE B 175 -25.69 5.54 -5.46
CA PHE B 175 -24.62 5.39 -4.50
C PHE B 175 -23.83 6.69 -4.41
N TYR B 176 -23.77 7.26 -3.21
CA TYR B 176 -23.03 8.48 -2.91
C TYR B 176 -22.09 8.20 -1.75
N ASN B 177 -20.80 8.48 -1.94
CA ASN B 177 -19.80 8.41 -0.89
C ASN B 177 -19.54 9.82 -0.38
N ILE B 178 -19.73 10.00 0.93
CA ILE B 178 -19.38 11.19 1.66
C ILE B 178 -18.16 10.85 2.52
N HIS B 179 -17.16 11.73 2.50
CA HIS B 179 -15.93 11.56 3.25
C HIS B 179 -15.79 12.70 4.25
N VAL B 180 -15.80 12.36 5.54
CA VAL B 180 -15.59 13.33 6.60
C VAL B 180 -14.13 13.25 7.04
N SER B 181 -13.45 14.40 7.00
CA SER B 181 -12.05 14.51 7.33
C SER B 181 -11.82 15.68 8.27
N LEU B 182 -10.73 15.60 9.02
CA LEU B 182 -10.22 16.63 9.88
C LEU B 182 -9.24 17.49 9.12
N VAL B 183 -9.39 18.80 9.28
CA VAL B 183 -8.43 19.82 8.89
C VAL B 183 -7.94 20.50 10.18
N PRO B 184 -6.80 20.04 10.74
CA PRO B 184 -6.26 20.63 11.96
C PRO B 184 -5.57 21.99 11.74
N GLN B 185 -5.55 22.80 12.80
CA GLN B 185 -4.84 24.06 12.88
C GLN B 185 -4.17 24.11 14.26
N PRO B 186 -2.93 23.60 14.39
CA PRO B 186 -2.21 23.51 15.68
C PRO B 186 -1.95 24.83 16.43
N SER B 187 -1.87 25.96 15.72
CA SER B 187 -1.92 27.27 16.32
C SER B 187 -2.67 28.21 15.37
N ALA B 188 -3.32 29.24 15.92
CA ALA B 188 -4.10 30.23 15.17
C ALA B 188 -3.24 31.15 14.27
N THR B 189 -1.92 31.16 14.49
CA THR B 189 -0.97 31.89 13.65
C THR B 189 -0.38 30.99 12.55
N GLY B 190 -0.69 29.68 12.58
CA GLY B 190 -0.32 28.72 11.56
C GLY B 190 -1.53 28.52 10.66
N GLU B 191 -1.30 27.96 9.46
CA GLU B 191 -2.33 27.62 8.51
C GLU B 191 -3.15 26.40 8.96
N GLN B 192 -4.34 26.28 8.37
CA GLN B 192 -5.16 25.08 8.36
C GLN B 192 -4.51 24.06 7.42
N LYS B 193 -4.24 22.85 7.92
CA LYS B 193 -3.46 21.85 7.23
C LYS B 193 -4.39 20.83 6.55
N THR B 194 -4.23 20.68 5.24
CA THR B 194 -5.06 19.84 4.40
C THR B 194 -4.47 18.45 4.15
N LYS B 195 -3.17 18.26 4.37
CA LYS B 195 -2.44 17.03 4.02
C LYS B 195 -3.08 15.71 4.48
N PRO B 196 -3.55 15.62 5.74
CA PRO B 196 -4.32 14.45 6.19
C PRO B 196 -5.58 14.13 5.38
N THR B 197 -6.28 15.15 4.88
CA THR B 197 -7.43 14.99 4.01
C THR B 197 -7.05 14.50 2.61
N GLN B 198 -5.98 15.04 2.03
CA GLN B 198 -5.41 14.60 0.76
C GLN B 198 -5.01 13.12 0.80
N ASN B 199 -4.29 12.76 1.86
CA ASN B 199 -3.74 11.45 2.12
C ASN B 199 -4.86 10.41 2.33
N SER B 200 -5.92 10.83 3.03
CA SER B 200 -7.09 10.02 3.31
C SER B 200 -7.93 9.75 2.07
N VAL B 201 -8.13 10.78 1.23
CA VAL B 201 -8.82 10.64 -0.04
C VAL B 201 -8.02 9.79 -1.04
N ARG B 202 -6.68 9.88 -1.01
CA ARG B 202 -5.80 9.02 -1.78
C ARG B 202 -5.94 7.55 -1.40
N ALA B 203 -6.05 7.27 -0.09
CA ALA B 203 -6.32 5.94 0.43
C ALA B 203 -7.69 5.41 -0.02
N LEU B 204 -8.72 6.24 0.13
CA LEU B 204 -10.09 5.95 -0.27
C LEU B 204 -10.23 5.63 -1.76
N ARG B 205 -9.56 6.43 -2.60
CA ARG B 205 -9.41 6.19 -4.03
C ARG B 205 -8.67 4.91 -4.36
N GLY B 206 -7.64 4.58 -3.57
CA GLY B 206 -6.88 3.34 -3.66
C GLY B 206 -7.75 2.12 -3.39
N LEU B 207 -8.76 2.27 -2.54
CA LEU B 207 -9.74 1.24 -2.20
C LEU B 207 -10.99 1.30 -3.10
N GLY B 208 -11.02 2.24 -4.03
CA GLY B 208 -11.96 2.24 -5.15
C GLY B 208 -13.23 3.06 -4.88
N LEU B 209 -13.21 4.00 -3.95
CA LEU B 209 -14.30 4.94 -3.75
C LEU B 209 -13.81 6.36 -4.03
N SER B 210 -14.63 7.13 -4.74
CA SER B 210 -14.41 8.53 -5.02
C SER B 210 -15.44 9.31 -4.19
N PRO B 211 -15.00 10.28 -3.36
CA PRO B 211 -15.92 11.20 -2.69
C PRO B 211 -16.82 11.98 -3.65
N ASP B 212 -18.12 11.92 -3.39
CA ASP B 212 -19.12 12.82 -3.93
C ASP B 212 -19.10 14.14 -3.17
N LEU B 213 -18.95 14.06 -1.85
CA LEU B 213 -18.77 15.19 -0.97
C LEU B 213 -17.59 14.90 -0.05
N ILE B 214 -16.82 15.94 0.25
CA ILE B 214 -15.81 15.93 1.28
C ILE B 214 -16.22 16.98 2.32
N VAL B 215 -16.39 16.51 3.54
CA VAL B 215 -16.82 17.30 4.67
C VAL B 215 -15.61 17.56 5.55
N CYS B 216 -15.10 18.78 5.47
CA CYS B 216 -13.93 19.22 6.20
C CYS B 216 -14.38 19.76 7.55
N ARG B 217 -14.02 19.04 8.60
CA ARG B 217 -14.17 19.44 9.98
C ARG B 217 -12.95 20.24 10.42
N SER B 218 -13.22 21.38 11.02
CA SER B 218 -12.26 22.29 11.59
C SER B 218 -12.92 22.98 12.78
N SER B 219 -12.11 23.69 13.57
CA SER B 219 -12.57 24.55 14.64
C SER B 219 -13.21 25.82 14.05
N THR B 220 -12.36 26.71 13.56
CA THR B 220 -12.70 27.90 12.79
C THR B 220 -13.07 27.52 11.34
N PRO B 221 -13.90 28.35 10.65
CA PRO B 221 -14.15 28.24 9.21
C PRO B 221 -12.93 28.10 8.32
N ILE B 222 -13.09 27.36 7.24
CA ILE B 222 -12.08 27.07 6.24
C ILE B 222 -11.92 28.27 5.29
N GLU B 223 -10.68 28.74 5.15
CA GLU B 223 -10.28 29.73 4.17
C GLU B 223 -10.44 29.23 2.73
N MET B 224 -10.72 30.14 1.79
CA MET B 224 -10.95 29.80 0.38
C MET B 224 -9.72 29.18 -0.30
N ALA B 225 -8.53 29.61 0.10
CA ALA B 225 -7.26 29.04 -0.34
C ALA B 225 -7.10 27.57 0.05
N VAL B 226 -7.55 27.24 1.27
CA VAL B 226 -7.51 25.93 1.86
C VAL B 226 -8.56 25.01 1.21
N LYS B 227 -9.73 25.56 0.92
CA LYS B 227 -10.81 24.94 0.16
C LYS B 227 -10.37 24.57 -1.27
N GLU B 228 -9.66 25.48 -1.95
CA GLU B 228 -9.07 25.25 -3.26
C GLU B 228 -7.92 24.23 -3.23
N LYS B 229 -7.08 24.26 -2.19
CA LYS B 229 -6.03 23.29 -1.96
C LYS B 229 -6.59 21.87 -1.75
N ILE B 230 -7.70 21.74 -1.03
CA ILE B 230 -8.46 20.50 -0.94
C ILE B 230 -9.02 20.09 -2.31
N SER B 231 -9.62 21.02 -3.05
CA SER B 231 -10.21 20.78 -4.36
C SER B 231 -9.21 20.21 -5.37
N MET B 232 -8.05 20.86 -5.50
CA MET B 232 -6.95 20.43 -6.34
C MET B 232 -6.40 19.06 -5.93
N PHE B 233 -5.90 18.95 -4.70
CA PHE B 233 -5.17 17.77 -4.25
C PHE B 233 -6.03 16.57 -3.82
N CYS B 234 -7.34 16.76 -3.68
CA CYS B 234 -8.30 15.66 -3.50
C CYS B 234 -9.02 15.35 -4.80
N HIS B 235 -8.75 16.12 -5.87
CA HIS B 235 -9.21 15.93 -7.25
C HIS B 235 -10.73 15.95 -7.33
N VAL B 236 -11.30 17.04 -6.84
CA VAL B 236 -12.72 17.19 -6.57
C VAL B 236 -13.09 18.66 -6.82
N ASN B 237 -14.33 18.93 -7.23
CA ASN B 237 -14.78 20.30 -7.53
C ASN B 237 -15.11 21.05 -6.23
N PRO B 238 -14.88 22.38 -6.18
CA PRO B 238 -15.14 23.17 -4.96
C PRO B 238 -16.55 23.09 -4.36
N GLU B 239 -17.56 22.81 -5.19
CA GLU B 239 -18.94 22.58 -4.79
C GLU B 239 -19.11 21.34 -3.90
N GLN B 240 -18.18 20.40 -3.98
CA GLN B 240 -18.19 19.13 -3.29
C GLN B 240 -17.46 19.21 -1.94
N VAL B 241 -16.67 20.27 -1.73
CA VAL B 241 -15.90 20.47 -0.52
C VAL B 241 -16.72 21.41 0.37
N ILE B 242 -17.18 20.89 1.51
CA ILE B 242 -18.01 21.63 2.43
C ILE B 242 -17.28 21.76 3.77
N CYS B 243 -17.47 22.91 4.40
CA CYS B 243 -16.84 23.34 5.63
C CYS B 243 -17.86 23.20 6.76
N ILE B 244 -17.57 22.34 7.72
CA ILE B 244 -18.35 22.20 8.94
C ILE B 244 -17.42 22.63 10.08
N HIS B 245 -17.47 23.92 10.39
CA HIS B 245 -16.80 24.50 11.54
C HIS B 245 -17.57 24.19 12.82
N ASP B 246 -16.96 24.50 13.95
CA ASP B 246 -17.62 24.40 15.25
C ASP B 246 -18.72 25.47 15.39
N VAL B 247 -19.83 25.04 16.01
CA VAL B 247 -21.07 25.78 16.19
C VAL B 247 -21.65 25.48 17.59
N SER B 248 -22.71 26.21 17.94
CA SER B 248 -23.37 26.19 19.24
C SER B 248 -24.08 24.88 19.59
N SER B 249 -24.58 24.17 18.58
CA SER B 249 -25.48 23.04 18.75
C SER B 249 -25.45 22.14 17.52
N THR B 250 -25.85 20.89 17.73
CA THR B 250 -26.23 19.91 16.72
C THR B 250 -27.36 20.39 15.83
N TYR B 251 -28.28 21.20 16.37
CA TYR B 251 -29.42 21.78 15.67
C TYR B 251 -29.02 22.63 14.45
N ARG B 252 -27.81 23.20 14.47
CA ARG B 252 -27.25 23.98 13.38
C ARG B 252 -26.54 23.15 12.31
N VAL B 253 -26.17 21.90 12.60
CA VAL B 253 -25.40 21.10 11.67
C VAL B 253 -26.13 20.74 10.35
N PRO B 254 -27.44 20.39 10.39
CA PRO B 254 -28.26 20.31 9.17
C PRO B 254 -28.32 21.61 8.34
N LEU B 255 -28.41 22.75 9.03
CA LEU B 255 -28.51 24.07 8.43
C LEU B 255 -27.22 24.48 7.74
N LEU B 256 -26.10 24.14 8.37
CA LEU B 256 -24.76 24.39 7.87
C LEU B 256 -24.47 23.57 6.61
N LEU B 257 -24.94 22.32 6.58
CA LEU B 257 -24.96 21.49 5.38
C LEU B 257 -25.84 22.07 4.26
N GLU B 258 -27.03 22.57 4.63
CA GLU B 258 -27.93 23.30 3.74
C GLU B 258 -27.28 24.53 3.09
N GLU B 259 -26.66 25.38 3.91
CA GLU B 259 -25.89 26.56 3.51
C GLU B 259 -24.71 26.22 2.59
N GLN B 260 -23.96 25.17 2.93
CA GLN B 260 -22.83 24.70 2.13
C GLN B 260 -23.24 23.95 0.84
N GLY B 261 -24.54 23.66 0.67
CA GLY B 261 -25.12 23.28 -0.62
C GLY B 261 -25.46 21.81 -0.73
N VAL B 262 -25.40 21.05 0.36
CA VAL B 262 -25.61 19.61 0.38
C VAL B 262 -27.03 19.21 -0.02
N VAL B 263 -28.01 19.99 0.43
CA VAL B 263 -29.41 19.85 0.07
C VAL B 263 -29.63 20.00 -1.45
N LYS B 264 -28.98 20.99 -2.06
CA LYS B 264 -28.99 21.26 -3.49
C LYS B 264 -28.35 20.11 -4.26
N TYR B 265 -27.17 19.65 -3.81
CA TYR B 265 -26.45 18.50 -4.37
C TYR B 265 -27.33 17.25 -4.42
N PHE B 266 -27.95 16.91 -3.29
CA PHE B 266 -28.84 15.78 -3.22
C PHE B 266 -30.14 15.96 -4.02
N GLN B 267 -30.72 17.16 -4.05
CA GLN B 267 -31.88 17.46 -4.89
C GLN B 267 -31.60 17.27 -6.39
N GLU B 268 -30.46 17.80 -6.85
CA GLU B 268 -29.96 17.63 -8.20
C GLU B 268 -29.67 16.16 -8.56
N ARG B 269 -28.82 15.50 -7.76
CA ARG B 269 -28.35 14.15 -8.04
C ARG B 269 -29.45 13.08 -7.89
N LEU B 270 -30.36 13.23 -6.91
CA LEU B 270 -31.47 12.29 -6.72
C LEU B 270 -32.69 12.65 -7.59
N GLY B 271 -32.76 13.88 -8.11
CA GLY B 271 -33.84 14.32 -9.00
C GLY B 271 -35.11 14.68 -8.22
N LEU B 272 -34.96 15.25 -7.03
CA LEU B 272 -36.05 15.65 -6.14
C LEU B 272 -36.71 16.96 -6.59
N PRO B 273 -37.92 17.26 -6.10
CA PRO B 273 -38.53 18.61 -6.14
C PRO B 273 -37.71 19.78 -5.64
N LEU B 281 -38.08 24.40 5.48
CA LEU B 281 -37.83 22.97 5.13
C LEU B 281 -37.21 22.25 6.36
N LEU B 282 -36.06 22.76 6.81
CA LEU B 282 -35.40 22.44 8.06
C LEU B 282 -35.84 23.46 9.14
N PHE B 283 -37.07 23.97 9.02
CA PHE B 283 -37.63 25.02 9.86
C PHE B 283 -37.72 24.64 11.34
N LYS B 284 -38.01 23.36 11.60
CA LYS B 284 -37.99 22.74 12.93
C LYS B 284 -36.61 22.83 13.58
N TRP B 285 -35.58 22.52 12.80
CA TRP B 285 -34.18 22.56 13.21
C TRP B 285 -33.72 23.99 13.50
N LYS B 286 -34.07 24.90 12.61
CA LYS B 286 -33.77 26.32 12.73
C LYS B 286 -34.46 26.96 13.93
N ALA B 287 -35.72 26.58 14.20
CA ALA B 287 -36.46 27.00 15.37
C ALA B 287 -35.79 26.59 16.68
N MET B 288 -35.41 25.31 16.78
CA MET B 288 -34.72 24.76 17.94
C MET B 288 -33.33 25.39 18.14
N ALA B 289 -32.61 25.60 17.04
CA ALA B 289 -31.30 26.23 17.01
C ALA B 289 -31.32 27.66 17.54
N ASP B 290 -32.18 28.50 16.95
CA ASP B 290 -32.32 29.90 17.32
C ASP B 290 -32.86 30.08 18.73
N ARG B 291 -33.79 29.21 19.14
CA ARG B 291 -34.30 29.15 20.49
C ARG B 291 -33.22 28.86 21.53
N TYR B 292 -32.37 27.87 21.25
CA TYR B 292 -31.23 27.46 22.08
C TYR B 292 -30.26 28.61 22.40
N GLU B 293 -29.98 29.49 21.44
CA GLU B 293 -29.16 30.67 21.66
C GLU B 293 -29.77 31.68 22.65
N ARG B 294 -31.08 31.90 22.51
CA ARG B 294 -31.81 32.98 23.16
C ARG B 294 -32.13 32.71 24.63
N LEU B 295 -31.92 31.48 25.11
CA LEU B 295 -32.16 31.08 26.49
C LEU B 295 -31.26 31.84 27.48
N GLN B 296 -31.88 32.58 28.40
CA GLN B 296 -31.18 33.38 29.40
C GLN B 296 -31.16 32.69 30.76
N LYS B 297 -32.21 31.91 31.06
CA LYS B 297 -32.34 31.17 32.31
C LYS B 297 -31.42 29.94 32.29
N ILE B 298 -31.00 29.51 33.47
CA ILE B 298 -30.13 28.36 33.68
C ILE B 298 -30.82 27.45 34.69
N CYS B 299 -30.79 26.14 34.42
CA CYS B 299 -31.07 25.08 35.38
C CYS B 299 -29.74 24.35 35.60
N SER B 300 -29.31 24.25 36.85
CA SER B 300 -28.12 23.54 37.25
C SER B 300 -28.50 22.14 37.73
N ILE B 301 -28.19 21.12 36.92
CA ILE B 301 -28.44 19.73 37.21
C ILE B 301 -27.09 19.06 37.53
N ALA B 302 -27.08 18.28 38.61
CA ALA B 302 -25.96 17.42 38.96
C ALA B 302 -26.15 16.04 38.35
N LEU B 303 -25.20 15.60 37.54
CA LEU B 303 -25.12 14.23 37.06
C LEU B 303 -24.03 13.55 37.90
N VAL B 304 -24.46 12.67 38.80
CA VAL B 304 -23.59 11.99 39.75
C VAL B 304 -23.24 10.61 39.18
N GLY B 305 -22.13 10.54 38.46
CA GLY B 305 -21.84 9.42 37.58
C GLY B 305 -20.37 9.04 37.63
N LYS B 306 -20.12 7.77 37.92
CA LYS B 306 -18.85 7.04 37.87
C LYS B 306 -18.09 7.09 36.54
N TYR B 307 -18.81 7.26 35.42
CA TYR B 307 -18.21 7.27 34.09
C TYR B 307 -17.91 8.69 33.57
N THR B 308 -18.07 9.73 34.42
CA THR B 308 -17.95 11.17 34.13
C THR B 308 -16.68 11.59 33.36
N LYS B 309 -15.62 10.79 33.47
CA LYS B 309 -14.31 10.97 32.89
C LYS B 309 -14.34 11.16 31.35
N LEU B 310 -15.33 10.58 30.69
CA LEU B 310 -15.67 10.82 29.30
C LEU B 310 -17.18 11.08 29.28
N ARG B 311 -17.58 12.27 28.83
CA ARG B 311 -18.98 12.72 28.88
C ARG B 311 -19.91 11.89 27.98
N ASP B 312 -19.34 11.28 26.93
CA ASP B 312 -19.98 10.37 25.98
C ASP B 312 -20.54 9.09 26.64
N CYS B 313 -20.06 8.76 27.84
CA CYS B 313 -20.55 7.66 28.66
C CYS B 313 -21.99 7.87 29.16
N TYR B 314 -22.49 9.11 29.07
CA TYR B 314 -23.83 9.49 29.46
C TYR B 314 -24.47 10.34 28.36
N ALA B 315 -24.13 10.05 27.09
CA ALA B 315 -24.56 10.84 25.95
C ALA B 315 -26.08 11.00 25.86
N SER B 316 -26.81 9.88 25.81
CA SER B 316 -28.27 9.89 25.66
C SER B 316 -29.00 10.58 26.82
N VAL B 317 -28.41 10.49 28.02
CA VAL B 317 -28.90 11.07 29.26
C VAL B 317 -28.82 12.60 29.20
N PHE B 318 -27.64 13.11 28.82
CA PHE B 318 -27.38 14.51 28.55
C PHE B 318 -28.28 15.11 27.46
N LYS B 319 -28.48 14.35 26.38
CA LYS B 319 -29.36 14.71 25.28
C LYS B 319 -30.81 14.86 25.74
N ALA B 320 -31.29 13.92 26.56
CA ALA B 320 -32.62 13.93 27.16
C ALA B 320 -32.87 15.09 28.12
N LEU B 321 -31.83 15.51 28.86
CA LEU B 321 -31.84 16.70 29.68
C LEU B 321 -31.96 17.95 28.82
N GLU B 322 -31.16 18.05 27.75
CA GLU B 322 -31.17 19.17 26.82
C GLU B 322 -32.48 19.31 26.03
N HIS B 323 -33.09 18.18 25.65
CA HIS B 323 -34.43 18.16 25.04
C HIS B 323 -35.47 18.77 25.98
N SER B 324 -35.38 18.37 27.25
CA SER B 324 -36.25 18.80 28.32
C SER B 324 -36.05 20.29 28.66
N ALA B 325 -34.78 20.69 28.79
CA ALA B 325 -34.37 22.05 29.12
C ALA B 325 -34.76 23.06 28.04
N LEU B 326 -34.57 22.68 26.77
CA LEU B 326 -34.98 23.47 25.61
C LEU B 326 -36.50 23.67 25.60
N ALA B 327 -37.26 22.62 25.88
CA ALA B 327 -38.72 22.64 25.94
C ALA B 327 -39.32 23.56 27.01
N ILE B 328 -38.52 23.92 28.03
CA ILE B 328 -38.92 24.82 29.11
C ILE B 328 -38.10 26.13 29.10
N ASN B 329 -37.41 26.41 28.00
CA ASN B 329 -36.60 27.60 27.72
C ASN B 329 -35.57 27.93 28.81
N HIS B 330 -34.82 26.91 29.24
CA HIS B 330 -33.67 27.06 30.13
C HIS B 330 -32.43 26.50 29.46
N LYS B 331 -31.27 27.13 29.68
CA LYS B 331 -29.98 26.49 29.48
C LYS B 331 -29.74 25.44 30.57
N LEU B 332 -29.00 24.39 30.22
CA LEU B 332 -28.62 23.33 31.12
C LEU B 332 -27.17 23.58 31.52
N ASN B 333 -26.94 23.75 32.82
CA ASN B 333 -25.63 23.58 33.43
C ASN B 333 -25.61 22.14 33.95
N LEU B 334 -24.99 21.25 33.19
CA LEU B 334 -24.82 19.86 33.57
C LEU B 334 -23.50 19.75 34.33
N MET B 335 -23.60 19.63 35.65
CA MET B 335 -22.47 19.42 36.53
C MET B 335 -22.23 17.93 36.64
N TYR B 336 -21.30 17.44 35.82
CA TYR B 336 -20.78 16.08 35.92
C TYR B 336 -19.93 15.94 37.18
N ILE B 337 -20.39 15.10 38.10
CA ILE B 337 -19.75 14.82 39.36
C ILE B 337 -19.35 13.35 39.34
N ASP B 338 -18.03 13.08 39.45
CA ASP B 338 -17.51 11.74 39.65
C ASP B 338 -17.86 11.33 41.08
N SER B 339 -18.70 10.31 41.21
CA SER B 339 -19.33 9.95 42.46
C SER B 339 -18.34 9.49 43.54
N ILE B 340 -17.21 8.90 43.12
CA ILE B 340 -16.11 8.51 44.00
C ILE B 340 -15.52 9.71 44.78
N ASP B 341 -15.64 10.93 44.22
CA ASP B 341 -15.21 12.17 44.86
C ASP B 341 -16.10 12.57 46.04
N LEU B 342 -17.37 12.14 46.04
CA LEU B 342 -18.30 12.39 47.15
C LEU B 342 -18.08 11.42 48.32
N GLU B 343 -17.37 10.32 48.10
CA GLU B 343 -17.11 9.29 49.10
C GLU B 343 -16.03 9.76 50.10
N PRO B 344 -16.17 9.39 51.39
CA PRO B 344 -15.26 9.83 52.47
C PRO B 344 -13.79 9.43 52.30
N VAL B 345 -13.53 8.39 51.49
CA VAL B 345 -12.21 7.99 51.02
C VAL B 345 -11.45 9.17 50.36
N THR B 346 -12.15 9.93 49.52
CA THR B 346 -11.58 11.09 48.86
C THR B 346 -11.43 12.30 49.80
N LYS B 347 -12.18 12.32 50.92
CA LYS B 347 -11.98 13.33 51.98
C LYS B 347 -10.64 13.13 52.69
N ALA B 348 -10.19 11.87 52.81
CA ALA B 348 -8.86 11.56 53.30
C ALA B 348 -7.78 11.82 52.23
N GLU B 349 -7.98 11.28 51.03
CA GLU B 349 -6.93 11.18 50.01
C GLU B 349 -6.74 12.43 49.15
N ASP B 350 -7.81 13.19 48.85
CA ASP B 350 -7.75 14.34 47.94
C ASP B 350 -8.92 15.30 48.24
N PRO B 351 -8.94 15.91 49.45
CA PRO B 351 -10.12 16.65 49.95
C PRO B 351 -10.57 17.86 49.12
N VAL B 352 -9.72 18.41 48.25
CA VAL B 352 -10.11 19.47 47.35
C VAL B 352 -11.18 19.01 46.34
N LYS B 353 -11.02 17.81 45.75
CA LYS B 353 -12.01 17.22 44.85
C LYS B 353 -13.35 16.98 45.55
N PHE B 354 -13.29 16.51 46.79
CA PHE B 354 -14.43 16.24 47.65
C PHE B 354 -15.27 17.50 47.88
N HIS B 355 -14.61 18.59 48.24
CA HIS B 355 -15.29 19.85 48.53
C HIS B 355 -15.69 20.63 47.27
N GLU B 356 -15.05 20.37 46.12
CA GLU B 356 -15.54 20.79 44.81
C GLU B 356 -16.82 20.03 44.42
N ALA B 357 -16.79 18.70 44.54
CA ALA B 357 -17.90 17.80 44.23
C ALA B 357 -19.15 18.09 45.06
N TRP B 358 -18.98 18.18 46.38
CA TRP B 358 -20.04 18.54 47.31
C TRP B 358 -20.56 19.97 47.13
N GLN B 359 -19.70 20.91 46.70
CA GLN B 359 -20.12 22.26 46.35
C GLN B 359 -21.04 22.27 45.12
N LYS B 360 -20.67 21.54 44.07
CA LYS B 360 -21.49 21.33 42.88
C LYS B 360 -22.84 20.65 43.21
N LEU B 361 -22.83 19.73 44.18
CA LEU B 361 -24.03 19.08 44.71
C LEU B 361 -24.90 20.01 45.59
N CYS B 362 -24.31 21.04 46.19
CA CYS B 362 -25.05 22.10 46.88
C CYS B 362 -25.79 23.01 45.90
N LEU B 363 -25.14 23.34 44.78
CA LEU B 363 -25.67 24.18 43.71
C LEU B 363 -26.64 23.43 42.78
N ALA B 364 -27.01 22.20 43.14
CA ALA B 364 -27.87 21.35 42.34
C ALA B 364 -29.34 21.73 42.53
N ASP B 365 -29.92 22.30 41.48
CA ASP B 365 -31.35 22.54 41.35
C ASP B 365 -32.12 21.22 41.16
N GLY B 366 -31.45 20.24 40.55
CA GLY B 366 -31.92 18.87 40.45
C GLY B 366 -30.71 17.96 40.43
N ILE B 367 -30.91 16.70 40.80
CA ILE B 367 -29.92 15.64 40.84
C ILE B 367 -30.38 14.50 39.95
N LEU B 368 -29.45 14.00 39.16
CA LEU B 368 -29.60 12.86 38.29
C LEU B 368 -28.58 11.82 38.73
N VAL B 369 -29.07 10.61 39.05
CA VAL B 369 -28.22 9.45 39.30
C VAL B 369 -28.52 8.43 38.18
N PRO B 370 -27.68 8.45 37.13
CA PRO B 370 -27.81 7.48 36.05
C PRO B 370 -27.28 6.10 36.43
N GLY B 371 -27.59 5.15 35.56
CA GLY B 371 -27.25 3.74 35.70
C GLY B 371 -25.74 3.47 35.58
N GLY B 372 -25.41 2.18 35.74
CA GLY B 372 -24.06 1.69 35.68
C GLY B 372 -24.04 0.33 36.36
N PHE B 373 -22.92 -0.38 36.18
CA PHE B 373 -22.71 -1.73 36.68
C PHE B 373 -21.52 -1.70 37.64
N GLY B 374 -21.66 -2.39 38.78
CA GLY B 374 -20.62 -2.52 39.78
C GLY B 374 -20.87 -1.63 40.99
N ILE B 375 -20.05 -1.84 42.03
CA ILE B 375 -20.10 -1.17 43.33
C ILE B 375 -19.17 0.07 43.39
N ARG B 376 -18.34 0.28 42.36
CA ARG B 376 -17.48 1.46 42.30
C ARG B 376 -18.31 2.73 42.09
N GLY B 377 -18.15 3.70 42.99
CA GLY B 377 -18.79 5.01 42.92
C GLY B 377 -20.21 4.97 43.53
N THR B 378 -20.71 3.80 43.91
CA THR B 378 -22.05 3.56 44.38
C THR B 378 -22.35 4.14 45.78
N LEU B 379 -21.34 4.21 46.65
CA LEU B 379 -21.47 4.90 47.93
C LEU B 379 -21.60 6.42 47.74
N GLY B 380 -20.95 6.95 46.69
CA GLY B 380 -21.03 8.35 46.30
C GLY B 380 -22.41 8.70 45.74
N LYS B 381 -23.01 7.77 44.99
CA LYS B 381 -24.38 7.88 44.52
C LYS B 381 -25.37 7.92 45.70
N LEU B 382 -25.19 7.03 46.68
CA LEU B 382 -25.98 7.00 47.92
C LEU B 382 -25.89 8.29 48.74
N GLN B 383 -24.70 8.90 48.80
CA GLN B 383 -24.50 10.22 49.41
C GLN B 383 -25.38 11.32 48.76
N ALA B 384 -25.39 11.35 47.43
CA ALA B 384 -26.18 12.29 46.65
C ALA B 384 -27.70 12.06 46.76
N ILE B 385 -28.11 10.80 46.85
CA ILE B 385 -29.51 10.42 47.03
C ILE B 385 -30.01 10.80 48.44
N SER B 386 -29.16 10.62 49.46
CA SER B 386 -29.42 11.02 50.83
C SER B 386 -29.65 12.53 50.97
N TRP B 387 -28.75 13.28 50.32
CA TRP B 387 -28.82 14.72 50.18
C TRP B 387 -30.13 15.17 49.51
N ALA B 388 -30.48 14.53 48.40
CA ALA B 388 -31.67 14.83 47.62
C ALA B 388 -32.98 14.56 48.37
N ARG B 389 -33.03 13.43 49.06
CA ARG B 389 -34.18 12.98 49.84
C ARG B 389 -34.50 13.93 50.99
N THR B 390 -33.46 14.32 51.73
CA THR B 390 -33.60 15.08 52.96
C THR B 390 -33.78 16.59 52.68
N LYS B 391 -33.00 17.13 51.74
CA LYS B 391 -33.00 18.57 51.43
C LYS B 391 -34.03 18.95 50.36
N LYS B 392 -34.85 17.98 49.95
CA LYS B 392 -36.00 18.11 49.05
C LYS B 392 -35.62 18.56 47.63
N ILE B 393 -34.38 18.27 47.21
CA ILE B 393 -33.86 18.57 45.89
C ILE B 393 -34.39 17.53 44.90
N PRO B 394 -35.04 17.96 43.79
CA PRO B 394 -35.52 17.09 42.70
C PRO B 394 -34.54 16.00 42.23
N PHE B 395 -35.01 14.76 42.23
CA PHE B 395 -34.22 13.57 41.98
C PHE B 395 -34.82 12.73 40.86
N LEU B 396 -33.96 12.31 39.94
CA LEU B 396 -34.24 11.26 38.98
C LEU B 396 -33.16 10.18 39.10
N GLY B 397 -33.59 8.96 39.39
CA GLY B 397 -32.75 7.79 39.47
C GLY B 397 -33.13 6.88 38.31
N ILE B 398 -32.13 6.44 37.54
CA ILE B 398 -32.29 5.55 36.40
C ILE B 398 -31.57 4.24 36.70
N CYS B 399 -32.33 3.16 36.65
CA CYS B 399 -31.95 1.77 36.88
C CYS B 399 -31.28 1.58 38.24
N LEU B 400 -29.95 1.61 38.27
CA LEU B 400 -29.15 1.61 39.50
C LEU B 400 -29.56 2.71 40.48
N GLY B 401 -29.91 3.89 39.97
CA GLY B 401 -30.39 5.01 40.77
C GLY B 401 -31.74 4.73 41.44
N MET B 402 -32.58 3.85 40.88
CA MET B 402 -33.79 3.37 41.53
C MET B 402 -33.46 2.37 42.63
N GLN B 403 -32.58 1.42 42.31
CA GLN B 403 -32.12 0.38 43.22
C GLN B 403 -31.52 0.96 44.49
N LEU B 404 -30.61 1.92 44.31
CA LEU B 404 -29.96 2.65 45.39
C LEU B 404 -30.91 3.49 46.24
N ALA B 405 -31.96 4.06 45.64
CA ALA B 405 -32.96 4.82 46.37
C ALA B 405 -33.83 3.94 47.26
N VAL B 406 -34.23 2.77 46.73
CA VAL B 406 -34.97 1.76 47.46
C VAL B 406 -34.16 1.17 48.63
N ILE B 407 -32.88 0.90 48.35
CA ILE B 407 -31.89 0.47 49.32
C ILE B 407 -31.70 1.50 50.44
N GLU B 408 -31.54 2.76 50.06
CA GLU B 408 -31.36 3.86 51.00
C GLU B 408 -32.59 4.09 51.89
N PHE B 409 -33.79 4.05 51.30
CA PHE B 409 -35.04 4.20 52.03
C PHE B 409 -35.21 3.08 53.06
N ALA B 410 -34.84 1.86 52.69
CA ALA B 410 -34.78 0.73 53.61
C ALA B 410 -33.77 0.97 54.74
N ARG B 411 -32.54 1.37 54.41
CA ARG B 411 -31.50 1.70 55.38
C ARG B 411 -31.89 2.80 56.36
N ASN B 412 -32.38 3.93 55.83
CA ASN B 412 -32.43 5.19 56.54
C ASN B 412 -33.84 5.54 57.04
N CYS B 413 -34.88 4.99 56.42
CA CYS B 413 -36.28 5.30 56.74
C CYS B 413 -37.01 4.08 57.33
N LEU B 414 -36.60 2.86 56.96
CA LEU B 414 -37.14 1.62 57.53
C LEU B 414 -36.16 0.99 58.54
N ASN B 415 -34.97 1.60 58.70
CA ASN B 415 -33.90 1.28 59.66
C ASN B 415 -33.17 -0.06 59.36
N LEU B 416 -33.45 -0.68 58.21
CA LEU B 416 -32.86 -1.91 57.71
C LEU B 416 -31.46 -1.62 57.13
N LYS B 417 -30.56 -1.15 57.98
CA LYS B 417 -29.20 -0.70 57.69
C LYS B 417 -28.29 -1.74 57.03
N ASP B 418 -28.67 -3.01 57.14
CA ASP B 418 -28.04 -4.18 56.53
C ASP B 418 -28.44 -4.39 55.05
N ALA B 419 -29.44 -3.64 54.55
CA ALA B 419 -29.97 -3.78 53.21
C ALA B 419 -28.99 -3.36 52.12
N ASN B 420 -28.86 -4.20 51.10
CA ASN B 420 -28.09 -3.93 49.90
C ASN B 420 -28.56 -4.84 48.77
N SER B 421 -27.81 -4.81 47.66
CA SER B 421 -27.98 -5.68 46.53
C SER B 421 -27.11 -6.93 46.67
N THR B 422 -27.57 -8.02 46.05
CA THR B 422 -26.79 -9.22 45.81
C THR B 422 -25.79 -9.07 44.64
N GLU B 423 -25.53 -7.83 44.20
CA GLU B 423 -24.50 -7.48 43.24
C GLU B 423 -23.26 -7.03 44.01
N PHE B 424 -23.44 -6.13 44.99
CA PHE B 424 -22.35 -5.50 45.69
C PHE B 424 -21.84 -6.41 46.81
N GLU B 425 -22.78 -6.98 47.59
CA GLU B 425 -22.50 -8.03 48.56
C GLU B 425 -23.49 -9.16 48.28
N PRO B 426 -23.08 -10.23 47.57
CA PRO B 426 -23.92 -11.41 47.31
C PRO B 426 -24.67 -11.96 48.54
N ASN B 427 -23.93 -12.13 49.64
CA ASN B 427 -24.43 -12.61 50.93
C ASN B 427 -24.87 -11.45 51.82
N THR B 428 -25.72 -10.56 51.28
CA THR B 428 -26.39 -9.52 52.06
C THR B 428 -27.45 -10.18 52.99
N PRO B 429 -27.47 -9.83 54.31
CA PRO B 429 -28.47 -10.34 55.27
C PRO B 429 -29.94 -10.25 54.85
N VAL B 430 -30.37 -9.06 54.42
CA VAL B 430 -31.70 -8.83 53.85
C VAL B 430 -31.51 -8.43 52.36
N PRO B 431 -31.50 -9.42 51.45
CA PRO B 431 -31.18 -9.17 50.03
C PRO B 431 -32.34 -8.43 49.34
N LEU B 432 -32.22 -7.11 49.28
CA LEU B 432 -33.30 -6.24 48.84
C LEU B 432 -33.37 -6.19 47.32
N VAL B 433 -32.19 -6.08 46.70
CA VAL B 433 -32.04 -6.03 45.26
C VAL B 433 -31.34 -7.33 44.83
N ILE B 434 -32.12 -8.20 44.20
CA ILE B 434 -31.75 -9.55 43.79
C ILE B 434 -31.62 -9.63 42.27
N ASP B 435 -30.84 -10.59 41.78
CA ASP B 435 -30.85 -10.99 40.38
C ASP B 435 -32.17 -11.72 40.09
N MET B 436 -32.94 -11.22 39.11
CA MET B 436 -34.20 -11.81 38.68
C MET B 436 -34.20 -11.85 37.15
N PRO B 437 -33.54 -12.87 36.56
CA PRO B 437 -33.47 -12.99 35.09
C PRO B 437 -34.82 -13.35 34.45
N GLU B 438 -34.88 -13.20 33.12
CA GLU B 438 -36.01 -13.60 32.28
C GLU B 438 -35.67 -14.97 31.73
N THR B 447 -32.12 -14.75 31.18
CA THR B 447 -31.05 -13.74 30.93
C THR B 447 -31.47 -12.30 31.40
N MET B 448 -30.66 -11.31 31.02
CA MET B 448 -30.84 -9.88 31.23
C MET B 448 -32.17 -9.39 30.63
N ARG B 449 -32.90 -8.58 31.40
CA ARG B 449 -34.11 -7.90 30.98
C ARG B 449 -33.69 -6.72 30.12
N LEU B 450 -33.79 -6.93 28.81
CA LEU B 450 -33.05 -6.21 27.79
C LEU B 450 -34.00 -5.91 26.64
N GLY B 451 -34.21 -4.62 26.39
CA GLY B 451 -35.05 -4.13 25.32
C GLY B 451 -36.36 -3.61 25.88
N LEU B 452 -37.35 -3.48 25.00
CA LEU B 452 -38.65 -2.90 25.27
C LEU B 452 -39.50 -3.84 26.13
N ARG B 453 -40.05 -3.34 27.22
CA ARG B 453 -41.02 -4.04 28.04
C ARG B 453 -42.13 -3.09 28.44
N ARG B 454 -43.33 -3.64 28.60
CA ARG B 454 -44.52 -2.94 29.06
C ARG B 454 -44.50 -2.83 30.59
N THR B 455 -44.47 -1.59 31.06
CA THR B 455 -44.62 -1.24 32.45
C THR B 455 -46.04 -0.66 32.65
N VAL B 456 -46.75 -1.14 33.66
CA VAL B 456 -48.11 -0.77 33.97
C VAL B 456 -48.10 0.03 35.28
N PHE B 457 -48.78 1.17 35.29
CA PHE B 457 -48.99 1.95 36.50
C PHE B 457 -50.08 1.30 37.37
N THR B 458 -49.82 1.22 38.67
CA THR B 458 -50.70 0.62 39.67
C THR B 458 -50.89 1.61 40.84
N THR B 459 -51.02 2.90 40.51
CA THR B 459 -51.22 4.03 41.40
C THR B 459 -51.52 5.22 40.48
N GLU B 460 -52.77 5.70 40.51
CA GLU B 460 -53.28 6.74 39.63
C GLU B 460 -52.69 8.11 39.95
N ASN B 461 -52.44 8.36 41.24
CA ASN B 461 -51.90 9.61 41.79
C ASN B 461 -50.38 9.73 41.66
N SER B 462 -49.76 8.93 40.78
CA SER B 462 -48.34 9.01 40.47
C SER B 462 -48.06 10.21 39.55
N ILE B 463 -46.93 10.86 39.78
CA ILE B 463 -46.51 12.03 39.02
C ILE B 463 -46.15 11.62 37.57
N LEU B 464 -45.48 10.47 37.43
CA LEU B 464 -45.08 9.95 36.15
C LEU B 464 -46.24 9.61 35.22
N LYS B 465 -47.35 9.08 35.76
CA LYS B 465 -48.52 8.75 34.95
C LYS B 465 -49.07 9.99 34.24
N LYS B 466 -49.11 11.10 34.96
CA LYS B 466 -49.55 12.40 34.46
C LYS B 466 -48.59 12.95 33.40
N LEU B 467 -47.28 12.90 33.68
CA LEU B 467 -46.21 13.28 32.76
C LEU B 467 -46.20 12.46 31.46
N TYR B 468 -46.42 11.14 31.57
CA TYR B 468 -46.61 10.23 30.45
C TYR B 468 -48.02 10.33 29.81
N GLY B 469 -48.84 11.30 30.19
CA GLY B 469 -50.05 11.68 29.46
C GLY B 469 -51.30 10.95 29.94
N ASP B 470 -51.28 10.43 31.17
CA ASP B 470 -52.35 9.74 31.88
C ASP B 470 -52.68 8.37 31.25
N VAL B 471 -51.68 7.79 30.58
CA VAL B 471 -51.69 6.45 30.04
C VAL B 471 -51.68 5.37 31.15
N PRO B 472 -52.29 4.20 30.88
CA PRO B 472 -52.30 3.08 31.85
C PRO B 472 -50.95 2.36 31.94
N TYR B 473 -50.33 2.18 30.78
CA TYR B 473 -49.04 1.57 30.62
C TYR B 473 -48.17 2.45 29.73
N ILE B 474 -46.88 2.22 29.85
CA ILE B 474 -45.83 2.75 29.01
C ILE B 474 -44.97 1.55 28.56
N GLU B 475 -44.30 1.70 27.43
CA GLU B 475 -43.35 0.73 26.92
C GLU B 475 -42.01 1.46 26.85
N GLU B 476 -41.03 0.94 27.58
CA GLU B 476 -39.74 1.57 27.77
C GLU B 476 -38.61 0.53 27.73
N ARG B 477 -37.42 1.01 27.39
CA ARG B 477 -36.23 0.21 27.16
C ARG B 477 -35.48 -0.07 28.46
N HIS B 478 -35.30 -1.36 28.72
CA HIS B 478 -34.66 -1.90 29.90
C HIS B 478 -33.28 -2.48 29.53
N ARG B 479 -32.35 -2.50 30.48
CA ARG B 479 -31.06 -3.17 30.38
C ARG B 479 -30.56 -3.46 31.78
N HIS B 480 -31.09 -4.51 32.41
CA HIS B 480 -30.80 -4.80 33.80
C HIS B 480 -31.02 -6.29 34.09
N ARG B 481 -30.33 -6.78 35.13
CA ARG B 481 -30.47 -8.13 35.65
C ARG B 481 -31.16 -8.12 37.01
N TYR B 482 -30.83 -7.11 37.81
CA TYR B 482 -31.25 -6.99 39.18
C TYR B 482 -32.59 -6.25 39.30
N GLU B 483 -33.37 -6.66 40.29
CA GLU B 483 -34.71 -6.22 40.61
C GLU B 483 -34.86 -6.09 42.12
N VAL B 484 -35.89 -5.37 42.53
CA VAL B 484 -36.39 -5.38 43.89
C VAL B 484 -36.98 -6.77 44.21
N ASN B 485 -36.57 -7.33 45.36
CA ASN B 485 -37.03 -8.61 45.86
C ASN B 485 -38.51 -8.51 46.30
N PRO B 486 -39.42 -9.24 45.64
CA PRO B 486 -40.87 -8.99 45.77
C PRO B 486 -41.47 -9.24 47.16
N ASN B 487 -40.87 -10.13 47.95
CA ASN B 487 -41.30 -10.38 49.33
C ASN B 487 -41.10 -9.15 50.24
N LEU B 488 -39.88 -8.58 50.19
CA LEU B 488 -39.47 -7.40 50.96
C LEU B 488 -40.19 -6.10 50.60
N ILE B 489 -41.04 -6.08 49.57
CA ILE B 489 -41.94 -4.96 49.27
C ILE B 489 -42.90 -4.65 50.45
N ASN B 490 -43.23 -5.68 51.24
CA ASN B 490 -44.03 -5.57 52.46
C ASN B 490 -43.51 -4.53 53.48
N GLN B 491 -42.19 -4.30 53.51
CA GLN B 491 -41.55 -3.31 54.38
C GLN B 491 -41.90 -1.86 53.99
N PHE B 492 -42.15 -1.64 52.69
CA PHE B 492 -42.40 -0.33 52.10
C PHE B 492 -43.90 0.01 52.09
N GLU B 493 -44.74 -1.02 52.21
CA GLU B 493 -46.17 -1.11 51.87
C GLU B 493 -47.01 0.16 52.10
N ASN B 494 -46.89 0.75 53.30
CA ASN B 494 -47.71 1.88 53.74
C ASN B 494 -46.85 3.10 54.09
N LYS B 495 -45.58 3.10 53.64
CA LYS B 495 -44.65 4.22 53.84
C LYS B 495 -44.60 5.11 52.60
N ASP B 496 -43.82 6.21 52.73
CA ASP B 496 -43.68 7.29 51.76
C ASP B 496 -43.24 6.85 50.36
N LEU B 497 -42.35 5.86 50.32
CA LEU B 497 -41.82 5.27 49.10
C LEU B 497 -42.83 4.24 48.58
N CYS B 498 -43.44 4.54 47.44
CA CYS B 498 -44.48 3.72 46.84
C CYS B 498 -43.99 3.26 45.46
N PHE B 499 -44.10 1.96 45.21
CA PHE B 499 -43.84 1.33 43.92
C PHE B 499 -45.05 1.49 43.00
N VAL B 500 -45.06 2.59 42.23
CA VAL B 500 -46.20 3.00 41.43
C VAL B 500 -46.32 2.26 40.10
N GLY B 501 -45.21 1.71 39.59
CA GLY B 501 -45.16 1.06 38.29
C GLY B 501 -44.55 -0.31 38.46
N GLU B 502 -45.19 -1.30 37.85
CA GLU B 502 -44.78 -2.69 37.85
C GLU B 502 -44.77 -3.21 36.41
N ASP B 503 -44.17 -4.39 36.23
CA ASP B 503 -44.28 -5.18 35.02
C ASP B 503 -45.71 -5.73 34.86
N VAL B 504 -46.09 -6.05 33.63
CA VAL B 504 -47.33 -6.76 33.31
C VAL B 504 -47.50 -8.12 34.02
N ASP B 505 -46.38 -8.79 34.37
CA ASP B 505 -46.37 -10.03 35.16
C ASP B 505 -46.28 -9.78 36.68
N GLY B 506 -46.37 -8.51 37.11
CA GLY B 506 -46.60 -8.06 38.48
C GLY B 506 -45.41 -8.18 39.44
N LYS B 507 -44.58 -9.21 39.27
CA LYS B 507 -43.53 -9.59 40.22
C LYS B 507 -42.28 -8.67 40.23
N ARG B 508 -42.24 -7.71 39.31
CA ARG B 508 -41.17 -6.75 39.13
C ARG B 508 -41.73 -5.35 39.35
N MET B 509 -41.05 -4.55 40.16
CA MET B 509 -41.35 -3.15 40.37
C MET B 509 -40.38 -2.33 39.52
N GLU B 510 -40.92 -1.53 38.61
CA GLU B 510 -40.16 -0.84 37.57
C GLU B 510 -40.15 0.68 37.76
N ILE B 511 -41.02 1.22 38.62
CA ILE B 511 -41.04 2.64 38.96
C ILE B 511 -41.35 2.76 40.45
N VAL B 512 -40.67 3.69 41.12
CA VAL B 512 -40.90 4.05 42.51
C VAL B 512 -40.89 5.58 42.64
N GLU B 513 -41.74 6.13 43.51
CA GLU B 513 -41.77 7.54 43.86
C GLU B 513 -41.79 7.67 45.39
N LEU B 514 -41.16 8.73 45.91
CA LEU B 514 -41.49 9.25 47.25
C LEU B 514 -42.69 10.18 47.13
N THR B 515 -43.73 9.89 47.89
CA THR B 515 -44.95 10.68 47.96
C THR B 515 -44.76 12.03 48.69
N SER B 516 -43.75 12.10 49.57
CA SER B 516 -43.45 13.22 50.46
C SER B 516 -42.51 14.28 49.87
N HIS B 517 -42.13 14.14 48.60
CA HIS B 517 -41.09 14.91 47.94
C HIS B 517 -41.66 15.51 46.65
N PRO B 518 -41.23 16.74 46.26
CA PRO B 518 -41.68 17.36 45.01
C PRO B 518 -41.41 16.53 43.74
N TYR B 519 -40.28 15.83 43.69
CA TYR B 519 -39.94 14.95 42.59
C TYR B 519 -38.75 14.10 43.02
N PHE B 520 -39.01 12.89 43.50
CA PHE B 520 -37.99 11.89 43.79
C PHE B 520 -38.53 10.63 43.15
N ILE B 521 -38.02 10.37 41.95
CA ILE B 521 -38.47 9.33 41.05
C ILE B 521 -37.30 8.37 40.82
N GLY B 522 -37.58 7.09 40.90
CA GLY B 522 -36.71 6.04 40.44
C GLY B 522 -37.48 5.32 39.35
N VAL B 523 -36.82 5.08 38.21
CA VAL B 523 -37.30 4.21 37.15
C VAL B 523 -36.23 3.15 36.88
N GLN B 524 -36.66 1.90 36.66
CA GLN B 524 -35.79 0.75 36.44
C GLN B 524 -35.28 0.70 35.00
N PHE B 525 -36.10 1.21 34.08
CA PHE B 525 -35.76 1.41 32.68
C PHE B 525 -34.85 2.60 32.43
N HIS B 526 -34.46 2.76 31.16
CA HIS B 526 -33.66 3.86 30.66
C HIS B 526 -34.54 4.71 29.73
N PRO B 527 -35.16 5.78 30.25
CA PRO B 527 -36.06 6.63 29.45
C PRO B 527 -35.36 7.43 28.35
N GLU B 528 -34.05 7.67 28.52
CA GLU B 528 -33.24 8.54 27.69
C GLU B 528 -33.10 8.08 26.24
N PHE B 529 -33.23 6.77 26.02
CA PHE B 529 -33.13 6.15 24.72
C PHE B 529 -34.35 6.45 23.84
N SER B 530 -35.47 6.72 24.49
CA SER B 530 -36.75 7.03 23.90
C SER B 530 -36.96 8.54 23.70
N SER B 531 -36.02 9.38 24.14
CA SER B 531 -36.11 10.82 24.09
C SER B 531 -35.83 11.35 22.67
N ARG B 532 -36.63 12.32 22.23
CA ARG B 532 -36.48 13.01 20.96
C ARG B 532 -36.55 14.52 21.22
N PRO B 533 -35.96 15.37 20.36
CA PRO B 533 -36.00 16.83 20.50
C PRO B 533 -37.38 17.47 20.74
N MET B 534 -38.37 17.08 19.93
CA MET B 534 -39.74 17.55 20.04
C MET B 534 -40.66 16.53 20.73
N LYS B 535 -40.08 15.62 21.51
CA LYS B 535 -40.78 14.68 22.37
C LYS B 535 -39.83 14.24 23.49
N PRO B 536 -39.45 15.17 24.41
CA PRO B 536 -38.57 14.86 25.55
C PRO B 536 -39.14 13.77 26.45
N SER B 537 -38.27 12.88 26.92
CA SER B 537 -38.65 11.78 27.78
C SER B 537 -39.22 12.30 29.12
N PRO B 538 -40.51 11.99 29.42
CA PRO B 538 -41.22 12.54 30.58
C PRO B 538 -40.54 12.56 31.96
N PRO B 539 -39.74 11.53 32.35
CA PRO B 539 -39.02 11.57 33.62
C PRO B 539 -37.99 12.68 33.76
N TYR B 540 -37.33 13.01 32.63
CA TYR B 540 -36.33 14.06 32.54
C TYR B 540 -36.97 15.44 32.48
N LEU B 541 -38.18 15.50 31.93
CA LEU B 541 -38.99 16.70 31.87
C LEU B 541 -39.40 17.13 33.29
N GLY B 542 -39.97 16.18 34.05
CA GLY B 542 -40.38 16.35 35.44
C GLY B 542 -39.25 16.88 36.32
N LEU B 543 -38.03 16.36 36.14
CA LEU B 543 -36.82 16.81 36.82
C LEU B 543 -36.51 18.28 36.56
N LEU B 544 -36.45 18.67 35.28
CA LEU B 544 -36.20 20.02 34.83
C LEU B 544 -37.30 21.00 35.27
N LEU B 545 -38.55 20.55 35.22
CA LEU B 545 -39.69 21.30 35.69
C LEU B 545 -39.65 21.52 37.20
N ALA B 546 -39.39 20.47 37.97
CA ALA B 546 -39.30 20.51 39.42
C ALA B 546 -38.20 21.43 39.91
N ALA B 547 -37.05 21.33 39.25
CA ALA B 547 -35.86 22.15 39.50
C ALA B 547 -36.04 23.65 39.21
N THR B 548 -37.10 24.00 38.49
CA THR B 548 -37.44 25.37 38.11
C THR B 548 -38.82 25.78 38.65
N GLY B 549 -39.44 24.94 39.49
CA GLY B 549 -40.72 25.16 40.16
C GLY B 549 -41.94 24.93 39.26
N ASN B 550 -41.75 24.80 37.96
CA ASN B 550 -42.77 24.78 36.90
C ASN B 550 -43.57 23.47 36.81
N LEU B 551 -43.26 22.48 37.65
CA LEU B 551 -43.88 21.15 37.64
C LEU B 551 -45.38 21.19 37.87
N ASN B 552 -45.81 21.90 38.92
CA ASN B 552 -47.23 22.00 39.29
C ASN B 552 -48.01 22.76 38.21
N ALA B 553 -47.40 23.80 37.64
CA ALA B 553 -47.96 24.56 36.53
C ALA B 553 -48.19 23.69 35.29
N HIS B 554 -47.16 22.94 34.90
CA HIS B 554 -47.19 22.01 33.77
C HIS B 554 -48.22 20.89 33.96
N LEU B 555 -48.30 20.33 35.17
CA LEU B 555 -49.27 19.30 35.54
C LEU B 555 -50.71 19.81 35.52
N GLN B 556 -50.95 21.01 36.06
CA GLN B 556 -52.28 21.63 36.06
C GLN B 556 -52.73 22.07 34.66
N GLN B 557 -51.77 22.45 33.81
CA GLN B 557 -51.94 22.72 32.38
C GLN B 557 -51.98 21.39 31.66
N MET C 1 -10.01 12.98 -29.77
CA MET C 1 -8.99 11.89 -29.92
C MET C 1 -9.42 10.72 -29.02
N LYS C 2 -8.86 9.55 -29.31
CA LYS C 2 -8.97 8.34 -28.53
C LYS C 2 -7.59 7.97 -28.01
N TYR C 3 -7.54 7.34 -26.84
CA TYR C 3 -6.33 6.90 -26.18
C TYR C 3 -6.54 5.48 -25.71
N ILE C 4 -5.55 4.63 -25.98
CA ILE C 4 -5.48 3.29 -25.41
C ILE C 4 -4.21 3.22 -24.59
N LEU C 5 -4.34 2.80 -23.34
CA LEU C 5 -3.23 2.59 -22.42
C LEU C 5 -3.05 1.10 -22.21
N VAL C 6 -1.93 0.57 -22.69
CA VAL C 6 -1.53 -0.79 -22.47
C VAL C 6 -0.56 -0.82 -21.27
N THR C 7 -0.98 -1.51 -20.22
CA THR C 7 -0.24 -1.73 -18.99
C THR C 7 0.18 -3.19 -18.89
N GLY C 8 1.28 -3.45 -18.17
CA GLY C 8 1.81 -4.77 -17.94
C GLY C 8 1.76 -5.07 -16.46
N GLY C 9 1.47 -6.33 -16.14
CA GLY C 9 1.19 -6.72 -14.79
C GLY C 9 2.40 -7.28 -14.08
N VAL C 10 2.80 -8.49 -14.46
CA VAL C 10 3.64 -9.35 -13.61
C VAL C 10 5.13 -9.20 -13.97
N ILE C 11 5.39 -9.14 -15.26
CA ILE C 11 6.70 -9.08 -15.88
C ILE C 11 6.51 -8.34 -17.21
N SER C 12 7.59 -7.73 -17.70
CA SER C 12 7.59 -6.92 -18.91
C SER C 12 7.72 -7.74 -20.20
N GLY C 13 8.41 -8.87 -20.12
CA GLY C 13 8.89 -9.68 -21.24
C GLY C 13 7.83 -10.62 -21.83
N ILE C 14 6.55 -10.26 -21.77
CA ILE C 14 5.41 -11.07 -22.19
C ILE C 14 4.86 -10.68 -23.56
N GLY C 15 5.53 -9.75 -24.26
CA GLY C 15 5.17 -9.35 -25.60
C GLY C 15 4.12 -8.25 -25.58
N LYS C 16 4.05 -7.48 -24.50
CA LYS C 16 3.21 -6.29 -24.35
C LYS C 16 3.33 -5.27 -25.50
N GLY C 17 4.52 -5.16 -26.11
CA GLY C 17 4.76 -4.35 -27.29
C GLY C 17 4.08 -4.91 -28.53
N ILE C 18 4.01 -6.23 -28.66
CA ILE C 18 3.36 -6.91 -29.75
C ILE C 18 1.83 -6.83 -29.62
N ILE C 19 1.32 -6.90 -28.40
CA ILE C 19 -0.09 -6.63 -28.09
C ILE C 19 -0.49 -5.21 -28.50
N ALA C 20 0.29 -4.22 -28.06
CA ALA C 20 0.09 -2.81 -28.37
C ALA C 20 0.13 -2.51 -29.87
N SER C 21 1.09 -3.11 -30.56
CA SER C 21 1.25 -3.03 -32.01
C SER C 21 0.11 -3.72 -32.77
N SER C 22 -0.38 -4.85 -32.25
CA SER C 22 -1.47 -5.61 -32.83
C SER C 22 -2.80 -4.87 -32.68
N ILE C 23 -3.01 -4.24 -31.53
CA ILE C 23 -4.13 -3.34 -31.28
C ILE C 23 -4.15 -2.17 -32.27
N GLY C 24 -2.98 -1.57 -32.50
CA GLY C 24 -2.78 -0.53 -33.49
C GLY C 24 -3.14 -0.99 -34.90
N THR C 25 -2.69 -2.17 -35.33
CA THR C 25 -2.87 -2.61 -36.71
C THR C 25 -4.33 -3.05 -36.98
N ILE C 26 -5.01 -3.51 -35.93
CA ILE C 26 -6.44 -3.73 -35.90
C ILE C 26 -7.23 -2.42 -36.11
N LEU C 27 -6.88 -1.37 -35.38
CA LEU C 27 -7.51 -0.05 -35.50
C LEU C 27 -7.22 0.60 -36.86
N LYS C 28 -6.02 0.39 -37.39
CA LYS C 28 -5.59 0.81 -38.71
C LYS C 28 -6.46 0.18 -39.82
N SER C 29 -6.80 -1.10 -39.66
CA SER C 29 -7.71 -1.81 -40.56
C SER C 29 -9.15 -1.27 -40.49
N CYS C 30 -9.55 -0.81 -39.29
CA CYS C 30 -10.82 -0.11 -39.03
C CYS C 30 -10.80 1.36 -39.51
N GLY C 31 -9.72 1.81 -40.16
CA GLY C 31 -9.66 3.07 -40.88
C GLY C 31 -9.17 4.22 -40.02
N LEU C 32 -8.67 3.96 -38.80
CA LEU C 32 -8.12 4.98 -37.94
C LEU C 32 -6.65 5.23 -38.31
N ARG C 33 -6.26 6.50 -38.39
CA ARG C 33 -4.88 6.96 -38.30
C ARG C 33 -4.41 6.77 -36.85
N VAL C 34 -3.38 5.96 -36.66
CA VAL C 34 -2.88 5.56 -35.37
C VAL C 34 -1.48 6.15 -35.19
N THR C 35 -1.22 6.71 -34.03
CA THR C 35 0.10 7.00 -33.53
C THR C 35 0.34 6.16 -32.27
N ALA C 36 1.58 6.17 -31.80
CA ALA C 36 1.99 5.42 -30.64
C ALA C 36 2.94 6.25 -29.79
N ILE C 37 2.90 5.99 -28.49
CA ILE C 37 3.81 6.53 -27.50
C ILE C 37 4.26 5.36 -26.63
N LYS C 38 5.56 5.28 -26.41
CA LYS C 38 6.12 4.38 -25.44
C LYS C 38 6.55 5.21 -24.24
N ILE C 39 6.07 4.82 -23.07
CA ILE C 39 6.55 5.32 -21.79
C ILE C 39 7.48 4.28 -21.20
N ASP C 40 8.71 4.70 -20.91
CA ASP C 40 9.73 3.92 -20.24
C ASP C 40 10.06 4.61 -18.92
N PRO C 41 9.54 4.10 -17.79
CA PRO C 41 9.80 4.68 -16.46
C PRO C 41 11.25 4.78 -15.95
N TYR C 42 12.25 4.45 -16.77
CA TYR C 42 13.65 4.67 -16.43
C TYR C 42 14.02 6.16 -16.45
N ILE C 43 15.05 6.50 -15.66
CA ILE C 43 15.53 7.86 -15.46
C ILE C 43 16.43 8.32 -16.62
N ASN C 44 16.85 7.36 -17.46
CA ASN C 44 17.60 7.57 -18.69
C ASN C 44 16.78 8.41 -19.67
N ILE C 45 17.42 9.38 -20.31
CA ILE C 45 16.78 10.26 -21.29
C ILE C 45 16.51 9.55 -22.62
N ASP C 46 17.40 8.61 -22.95
CA ASP C 46 17.47 7.94 -24.22
C ASP C 46 18.16 6.59 -23.98
N ALA C 47 18.02 5.69 -24.95
CA ALA C 47 18.61 4.37 -24.95
C ALA C 47 20.04 4.35 -25.49
N GLY C 48 20.60 5.50 -25.84
CA GLY C 48 21.92 5.64 -26.45
C GLY C 48 23.05 5.29 -25.48
N THR C 49 22.76 5.33 -24.18
CA THR C 49 23.67 4.98 -23.11
C THR C 49 23.74 3.46 -22.85
N PHE C 50 22.77 2.70 -23.34
CA PHE C 50 22.57 1.32 -22.92
C PHE C 50 23.51 0.32 -23.57
N SER C 51 23.80 -0.73 -22.81
CA SER C 51 24.23 -2.03 -23.30
C SER C 51 23.01 -2.72 -23.92
N PRO C 52 23.16 -3.36 -25.09
CA PRO C 52 22.11 -4.20 -25.69
C PRO C 52 21.52 -5.29 -24.78
N TYR C 53 22.33 -5.85 -23.87
CA TYR C 53 21.92 -6.90 -22.95
C TYR C 53 20.87 -6.43 -21.92
N GLU C 54 20.70 -5.12 -21.77
CA GLU C 54 19.87 -4.50 -20.75
C GLU C 54 18.39 -4.49 -21.17
N HIS C 55 18.10 -3.94 -22.35
CA HIS C 55 16.74 -3.74 -22.84
C HIS C 55 16.55 -4.20 -24.29
N GLY C 56 17.57 -4.81 -24.89
CA GLY C 56 17.56 -5.25 -26.28
C GLY C 56 18.17 -4.17 -27.16
N GLU C 57 17.96 -4.31 -28.47
CA GLU C 57 18.52 -3.40 -29.47
C GLU C 57 18.02 -1.96 -29.32
N VAL C 58 18.97 -1.03 -29.41
CA VAL C 58 18.72 0.39 -29.49
C VAL C 58 18.21 0.68 -30.91
N PHE C 59 16.94 1.03 -31.00
CA PHE C 59 16.29 1.40 -32.23
C PHE C 59 16.55 2.88 -32.49
N VAL C 60 16.79 3.22 -33.74
CA VAL C 60 17.12 4.56 -34.16
C VAL C 60 16.00 5.08 -35.03
N LEU C 61 15.54 6.27 -34.68
CA LEU C 61 14.52 7.04 -35.38
C LEU C 61 15.19 8.00 -36.36
N ASN C 62 14.40 8.50 -37.31
CA ASN C 62 14.85 9.40 -38.38
C ASN C 62 15.50 10.68 -37.86
N ASP C 63 14.98 11.21 -36.75
CA ASP C 63 15.46 12.42 -36.09
C ASP C 63 16.73 12.21 -35.25
N GLY C 64 17.19 10.96 -35.14
CA GLY C 64 18.38 10.62 -34.36
C GLY C 64 18.02 10.28 -32.92
N GLY C 65 16.76 9.92 -32.65
CA GLY C 65 16.36 9.38 -31.36
C GLY C 65 16.86 7.95 -31.26
N GLU C 66 17.57 7.63 -30.18
CA GLU C 66 18.01 6.31 -29.78
C GLU C 66 17.04 5.84 -28.70
N VAL C 67 16.17 4.89 -29.05
CA VAL C 67 15.03 4.48 -28.25
C VAL C 67 14.92 2.95 -28.16
N ASP C 68 13.92 2.49 -27.41
CA ASP C 68 13.59 1.08 -27.19
C ASP C 68 13.08 0.39 -28.48
N LEU C 69 13.30 -0.92 -28.56
CA LEU C 69 12.85 -1.78 -29.65
C LEU C 69 11.33 -1.83 -29.86
N ASP C 70 10.53 -1.57 -28.82
CA ASP C 70 9.07 -1.45 -28.94
C ASP C 70 8.61 -0.34 -29.87
N LEU C 71 9.36 0.76 -30.00
CA LEU C 71 9.11 1.77 -31.02
C LEU C 71 9.32 1.22 -32.44
N GLY C 72 10.24 0.28 -32.58
CA GLY C 72 10.49 -0.43 -33.81
C GLY C 72 9.33 -1.37 -34.17
N ASN C 73 8.75 -2.04 -33.18
CA ASN C 73 7.55 -2.84 -33.35
C ASN C 73 6.35 -2.03 -33.85
N TYR C 74 6.15 -0.81 -33.33
CA TYR C 74 5.13 0.09 -33.84
C TYR C 74 5.32 0.39 -35.32
N GLU C 75 6.54 0.77 -35.69
CA GLU C 75 6.93 1.03 -37.07
C GLU C 75 6.82 -0.18 -38.02
N ARG C 76 6.93 -1.41 -37.52
CA ARG C 76 6.81 -2.63 -38.32
C ARG C 76 5.35 -3.07 -38.52
N PHE C 77 4.50 -2.84 -37.53
CA PHE C 77 3.07 -3.18 -37.58
C PHE C 77 2.21 -2.08 -38.21
N LEU C 78 2.65 -0.84 -38.07
CA LEU C 78 2.02 0.37 -38.53
C LEU C 78 3.10 1.08 -39.34
N ASP C 79 2.85 1.40 -40.60
CA ASP C 79 3.85 2.01 -41.49
C ASP C 79 4.04 3.51 -41.21
N ILE C 80 4.36 3.81 -39.96
CA ILE C 80 4.60 5.12 -39.39
C ILE C 80 6.11 5.31 -39.18
N ASN C 81 6.52 6.56 -38.97
CA ASN C 81 7.87 6.93 -38.55
C ASN C 81 7.70 7.86 -37.37
N LEU C 82 8.33 7.51 -36.25
CA LEU C 82 8.21 8.18 -34.98
C LEU C 82 9.33 9.20 -34.76
N TYR C 83 9.10 10.04 -33.75
CA TYR C 83 9.97 11.11 -33.32
C TYR C 83 10.42 10.83 -31.88
N LYS C 84 11.49 11.49 -31.44
CA LYS C 84 12.06 11.41 -30.09
C LYS C 84 11.02 11.47 -28.96
N ASP C 85 10.10 12.43 -29.08
CA ASP C 85 9.09 12.71 -28.08
C ASP C 85 7.98 11.68 -27.99
N ASN C 86 7.90 10.74 -28.93
CA ASN C 86 7.06 9.54 -28.81
C ASN C 86 7.65 8.53 -27.82
N ASN C 87 8.87 8.76 -27.36
CA ASN C 87 9.45 8.11 -26.20
C ASN C 87 9.39 9.09 -25.04
N ILE C 88 8.59 8.76 -24.02
CA ILE C 88 8.57 9.50 -22.77
C ILE C 88 9.35 8.68 -21.77
N THR C 89 10.19 9.35 -20.98
CA THR C 89 10.86 8.74 -19.86
C THR C 89 10.69 9.64 -18.65
N THR C 90 10.85 9.07 -17.47
CA THR C 90 10.91 9.76 -16.20
C THR C 90 12.02 10.83 -16.18
N GLY C 91 13.14 10.54 -16.84
CA GLY C 91 14.26 11.45 -17.05
C GLY C 91 13.84 12.70 -17.79
N LYS C 92 13.17 12.52 -18.93
CA LYS C 92 12.67 13.60 -19.78
C LYS C 92 11.65 14.50 -19.07
N ILE C 93 10.74 13.87 -18.33
CA ILE C 93 9.71 14.55 -17.56
C ILE C 93 10.30 15.36 -16.41
N TYR C 94 11.12 14.72 -15.57
CA TYR C 94 11.74 15.38 -14.43
C TYR C 94 12.67 16.52 -14.87
N GLN C 95 13.43 16.34 -15.96
CA GLN C 95 14.27 17.38 -16.51
C GLN C 95 13.48 18.60 -17.01
N HIS C 96 12.40 18.35 -17.75
CA HIS C 96 11.48 19.36 -18.26
C HIS C 96 10.86 20.21 -17.15
N VAL C 97 10.39 19.54 -16.10
CA VAL C 97 9.82 20.15 -14.92
C VAL C 97 10.84 20.95 -14.09
N ILE C 98 12.06 20.44 -13.96
CA ILE C 98 13.18 21.14 -13.33
C ILE C 98 13.56 22.42 -14.08
N ASN C 99 13.62 22.32 -15.41
CA ASN C 99 13.95 23.45 -16.28
C ASN C 99 12.89 24.55 -16.21
N LYS C 100 11.61 24.17 -16.14
CA LYS C 100 10.49 25.07 -15.90
C LYS C 100 10.57 25.81 -14.56
N GLU C 101 10.94 25.08 -13.49
CA GLU C 101 11.10 25.60 -12.14
C GLU C 101 12.17 26.68 -12.06
N ARG C 102 13.33 26.43 -12.67
CA ARG C 102 14.44 27.38 -12.76
C ARG C 102 14.09 28.66 -13.53
N ARG C 103 13.21 28.57 -14.53
CA ARG C 103 12.66 29.75 -15.22
C ARG C 103 11.58 30.49 -14.42
N GLY C 104 10.95 29.83 -13.45
CA GLY C 104 9.89 30.40 -12.63
C GLY C 104 8.50 30.15 -13.22
N ASP C 105 8.37 29.24 -14.19
CA ASP C 105 7.11 28.92 -14.89
C ASP C 105 6.00 28.37 -13.99
N TYR C 106 6.36 27.88 -12.81
CA TYR C 106 5.45 27.39 -11.78
C TYR C 106 5.12 28.43 -10.70
N LEU C 107 5.43 29.71 -10.99
CA LEU C 107 4.88 30.90 -10.35
C LEU C 107 5.16 31.01 -8.85
N GLY C 108 6.31 30.49 -8.44
CA GLY C 108 6.78 30.54 -7.06
C GLY C 108 6.12 29.50 -6.15
N LYS C 109 5.29 28.60 -6.68
CA LYS C 109 4.69 27.52 -5.92
C LYS C 109 5.60 26.28 -5.91
N THR C 110 5.45 25.48 -4.85
CA THR C 110 6.12 24.22 -4.63
C THR C 110 5.79 23.19 -5.71
N VAL C 111 6.82 22.74 -6.40
CA VAL C 111 6.73 21.74 -7.44
C VAL C 111 6.80 20.35 -6.80
N GLN C 112 5.84 19.51 -7.16
CA GLN C 112 5.63 18.20 -6.60
C GLN C 112 4.98 17.30 -7.65
N VAL C 113 5.05 15.98 -7.43
CA VAL C 113 4.72 14.97 -8.43
C VAL C 113 3.28 15.08 -8.95
N VAL C 114 2.35 15.12 -8.01
CA VAL C 114 1.00 15.59 -8.29
C VAL C 114 1.00 17.03 -7.74
N PRO C 115 0.72 18.05 -8.57
CA PRO C 115 0.25 17.95 -9.96
C PRO C 115 1.33 17.95 -11.05
N HIS C 116 2.52 18.48 -10.79
CA HIS C 116 3.37 19.06 -11.84
C HIS C 116 4.00 18.06 -12.79
N ILE C 117 4.40 16.90 -12.25
CA ILE C 117 4.92 15.79 -13.03
C ILE C 117 3.79 15.11 -13.80
N THR C 118 2.64 14.91 -13.16
CA THR C 118 1.47 14.30 -13.77
C THR C 118 0.83 15.18 -14.85
N ASP C 119 0.89 16.50 -14.70
CA ASP C 119 0.48 17.49 -15.70
C ASP C 119 1.42 17.52 -16.91
N ALA C 120 2.74 17.43 -16.67
CA ALA C 120 3.74 17.36 -17.72
C ALA C 120 3.56 16.15 -18.64
N ILE C 121 3.26 15.00 -18.05
CA ILE C 121 2.94 13.77 -18.74
C ILE C 121 1.69 13.91 -19.62
N GLN C 122 0.61 14.46 -19.07
CA GLN C 122 -0.64 14.71 -19.77
C GLN C 122 -0.50 15.71 -20.93
N GLU C 123 0.24 16.79 -20.69
CA GLU C 123 0.64 17.77 -21.68
C GLU C 123 1.40 17.14 -22.85
N TRP C 124 2.41 16.33 -22.52
CA TRP C 124 3.26 15.62 -23.48
C TRP C 124 2.45 14.66 -24.33
N VAL C 125 1.64 13.81 -23.67
CA VAL C 125 0.78 12.83 -24.30
C VAL C 125 -0.24 13.46 -25.24
N MET C 126 -0.94 14.51 -24.81
CA MET C 126 -1.87 15.27 -25.64
C MET C 126 -1.21 15.83 -26.90
N ASN C 127 -0.11 16.56 -26.69
CA ASN C 127 0.53 17.32 -27.73
C ASN C 127 1.29 16.45 -28.72
N GLN C 128 1.88 15.35 -28.26
CA GLN C 128 2.58 14.43 -29.15
C GLN C 128 1.63 13.45 -29.83
N ALA C 129 0.49 13.16 -29.21
CA ALA C 129 -0.54 12.36 -29.86
C ALA C 129 -1.16 13.08 -31.06
N LYS C 130 -1.22 14.41 -31.03
CA LYS C 130 -1.60 15.22 -32.17
C LYS C 130 -0.57 15.27 -33.33
N VAL C 131 0.64 14.75 -33.15
CA VAL C 131 1.68 14.77 -34.17
C VAL C 131 1.52 13.60 -35.16
N SER C 132 1.58 13.94 -36.44
CA SER C 132 1.48 13.05 -37.57
C SER C 132 2.77 12.27 -37.79
N VAL C 133 2.70 10.98 -37.49
CA VAL C 133 3.73 9.98 -37.72
C VAL C 133 3.43 9.15 -38.98
N ASP C 134 2.18 9.24 -39.46
CA ASP C 134 1.58 8.48 -40.55
C ASP C 134 2.01 8.96 -41.94
N GLY C 135 2.68 10.12 -42.01
CA GLY C 135 3.12 10.72 -43.28
C GLY C 135 1.99 11.48 -43.98
N ASN C 136 0.90 11.78 -43.26
CA ASN C 136 -0.24 12.57 -43.74
C ASN C 136 -0.22 13.91 -43.00
N LYS C 137 -0.65 14.98 -43.67
CA LYS C 137 -0.80 16.31 -43.09
C LYS C 137 -2.18 16.41 -42.42
N GLU C 138 -2.41 15.53 -41.44
CA GLU C 138 -3.67 15.38 -40.74
C GLU C 138 -3.36 14.70 -39.41
N ASP C 139 -3.89 15.26 -38.32
CA ASP C 139 -3.74 14.75 -36.96
C ASP C 139 -4.40 13.36 -36.84
N PRO C 140 -3.73 12.41 -36.16
CA PRO C 140 -4.28 11.06 -35.99
C PRO C 140 -5.49 11.03 -35.06
N GLN C 141 -6.19 9.90 -35.11
CA GLN C 141 -7.45 9.71 -34.43
C GLN C 141 -7.25 9.03 -33.07
N ILE C 142 -6.20 8.23 -32.95
CA ILE C 142 -5.99 7.38 -31.80
C ILE C 142 -4.50 7.24 -31.50
N CYS C 143 -4.16 7.30 -30.21
CA CYS C 143 -2.82 7.05 -29.70
C CYS C 143 -2.87 5.76 -28.88
N VAL C 144 -1.99 4.82 -29.18
CA VAL C 144 -1.73 3.70 -28.31
C VAL C 144 -0.51 4.06 -27.45
N ILE C 145 -0.73 4.13 -26.15
CA ILE C 145 0.29 4.40 -25.17
C ILE C 145 0.63 3.05 -24.53
N GLU C 146 1.90 2.65 -24.58
CA GLU C 146 2.38 1.51 -23.84
C GLU C 146 3.15 2.04 -22.64
N LEU C 147 2.66 1.68 -21.45
CA LEU C 147 3.33 1.91 -20.19
C LEU C 147 4.22 0.70 -19.94
N GLY C 148 5.51 0.89 -20.22
CA GLY C 148 6.56 -0.07 -20.04
C GLY C 148 6.81 -0.30 -18.56
N GLY C 149 7.36 -1.47 -18.24
CA GLY C 149 7.60 -1.88 -16.87
C GLY C 149 6.45 -2.77 -16.43
N THR C 150 6.28 -2.84 -15.11
CA THR C 150 5.17 -3.47 -14.43
C THR C 150 4.46 -2.41 -13.59
N ILE C 151 3.21 -2.67 -13.26
CA ILE C 151 2.39 -1.89 -12.34
C ILE C 151 2.83 -1.97 -10.85
N GLY C 152 3.88 -2.74 -10.56
CA GLY C 152 4.55 -2.72 -9.26
C GLY C 152 5.74 -1.74 -9.25
N ASP C 153 6.22 -1.28 -10.41
CA ASP C 153 7.41 -0.44 -10.56
C ASP C 153 7.11 0.98 -10.04
N ILE C 154 7.80 1.36 -8.96
CA ILE C 154 7.62 2.63 -8.26
C ILE C 154 7.80 3.88 -9.14
N GLU C 155 8.67 3.80 -10.13
CA GLU C 155 8.92 4.84 -11.13
C GLU C 155 7.71 5.08 -12.04
N GLY C 156 6.89 4.05 -12.24
CA GLY C 156 5.75 4.05 -13.14
C GLY C 156 4.52 4.67 -12.48
N MET C 157 4.50 4.83 -11.15
CA MET C 157 3.31 5.20 -10.38
C MET C 157 2.81 6.61 -10.68
N ALA C 158 3.73 7.51 -11.03
CA ALA C 158 3.44 8.84 -11.52
C ALA C 158 2.66 8.83 -12.83
N PHE C 159 3.01 7.92 -13.73
CA PHE C 159 2.34 7.72 -15.00
C PHE C 159 0.93 7.17 -14.82
N VAL C 160 0.76 6.18 -13.94
CA VAL C 160 -0.54 5.60 -13.67
C VAL C 160 -1.50 6.63 -13.03
N GLU C 161 -0.98 7.46 -12.12
CA GLU C 161 -1.67 8.59 -11.54
C GLU C 161 -2.06 9.65 -12.58
N ALA C 162 -1.16 9.95 -13.53
CA ALA C 162 -1.43 10.79 -14.66
C ALA C 162 -2.58 10.27 -15.54
N PHE C 163 -2.57 8.97 -15.83
CA PHE C 163 -3.63 8.34 -16.60
C PHE C 163 -4.96 8.22 -15.87
N ARG C 164 -4.94 8.11 -14.55
CA ARG C 164 -6.13 8.20 -13.70
C ARG C 164 -6.82 9.56 -13.85
N GLN C 165 -6.03 10.63 -13.82
CA GLN C 165 -6.51 11.99 -14.06
C GLN C 165 -7.01 12.18 -15.49
N PHE C 166 -6.25 11.68 -16.47
CA PHE C 166 -6.48 11.85 -17.89
C PHE C 166 -7.79 11.19 -18.38
N GLN C 167 -8.11 10.05 -17.77
CA GLN C 167 -9.37 9.30 -17.84
C GLN C 167 -10.60 10.10 -17.40
N PHE C 168 -10.39 11.24 -16.74
CA PHE C 168 -11.39 12.15 -16.23
C PHE C 168 -11.16 13.58 -16.78
N LYS C 169 -10.56 13.67 -17.97
CA LYS C 169 -10.34 14.90 -18.73
C LYS C 169 -10.80 14.60 -20.16
N ALA C 170 -10.12 13.64 -20.79
CA ALA C 170 -10.69 12.81 -21.84
C ALA C 170 -11.75 11.91 -21.18
N LYS C 171 -12.83 11.62 -21.89
CA LYS C 171 -13.97 10.92 -21.33
C LYS C 171 -13.77 9.41 -21.47
N LYS C 172 -14.64 8.61 -20.85
CA LYS C 172 -14.57 7.15 -20.83
C LYS C 172 -14.74 6.51 -22.22
N GLU C 173 -15.38 7.23 -23.14
CA GLU C 173 -15.46 6.86 -24.54
C GLU C 173 -14.12 7.05 -25.29
N ASN C 174 -13.23 7.86 -24.72
CA ASN C 174 -11.93 8.21 -25.29
C ASN C 174 -10.78 7.45 -24.68
N PHE C 175 -10.97 6.73 -23.56
CA PHE C 175 -9.86 6.16 -22.80
C PHE C 175 -10.16 4.69 -22.52
N TYR C 176 -9.28 3.81 -22.97
CA TYR C 176 -9.37 2.37 -22.74
C TYR C 176 -8.07 1.90 -22.12
N ASN C 177 -8.15 1.21 -20.99
CA ASN C 177 -7.02 0.57 -20.34
C ASN C 177 -7.05 -0.92 -20.70
N ILE C 178 -5.96 -1.39 -21.27
CA ILE C 178 -5.70 -2.79 -21.53
C ILE C 178 -4.61 -3.24 -20.55
N HIS C 179 -4.82 -4.38 -19.90
CA HIS C 179 -3.88 -4.94 -18.94
C HIS C 179 -3.38 -6.28 -19.44
N VAL C 180 -2.09 -6.38 -19.70
CA VAL C 180 -1.46 -7.62 -20.10
C VAL C 180 -0.81 -8.25 -18.87
N SER C 181 -1.18 -9.49 -18.59
CA SER C 181 -0.73 -10.23 -17.44
C SER C 181 -0.28 -11.63 -17.85
N LEU C 182 0.59 -12.20 -17.04
CA LEU C 182 1.07 -13.57 -17.14
C LEU C 182 0.19 -14.47 -16.28
N VAL C 183 -0.20 -15.59 -16.87
CA VAL C 183 -0.79 -16.73 -16.20
C VAL C 183 0.20 -17.90 -16.32
N PRO C 184 1.06 -18.11 -15.29
CA PRO C 184 2.02 -19.21 -15.32
C PRO C 184 1.40 -20.58 -15.05
N GLN C 185 2.05 -21.62 -15.58
CA GLN C 185 1.75 -23.02 -15.33
C GLN C 185 3.08 -23.74 -15.12
N PRO C 186 3.58 -23.81 -13.86
CA PRO C 186 4.90 -24.41 -13.54
C PRO C 186 5.12 -25.88 -13.93
N SER C 187 4.05 -26.68 -13.99
CA SER C 187 4.08 -28.00 -14.61
C SER C 187 2.74 -28.23 -15.31
N ALA C 188 2.75 -29.05 -16.37
CA ALA C 188 1.57 -29.38 -17.17
C ALA C 188 0.52 -30.23 -16.41
N THR C 189 0.91 -30.83 -15.29
CA THR C 189 0.02 -31.57 -14.41
C THR C 189 -0.56 -30.67 -13.28
N GLY C 190 -0.06 -29.43 -13.18
CA GLY C 190 -0.56 -28.41 -12.27
C GLY C 190 -1.50 -27.49 -13.05
N GLU C 191 -2.34 -26.74 -12.34
CA GLU C 191 -3.23 -25.76 -12.91
C GLU C 191 -2.48 -24.51 -13.41
N GLN C 192 -3.14 -23.77 -14.30
CA GLN C 192 -2.81 -22.41 -14.67
C GLN C 192 -3.18 -21.48 -13.51
N LYS C 193 -2.21 -20.68 -13.04
CA LYS C 193 -2.34 -19.90 -11.84
C LYS C 193 -2.70 -18.45 -12.17
N THR C 194 -3.82 -17.98 -11.62
CA THR C 194 -4.39 -16.67 -11.88
C THR C 194 -3.99 -15.62 -10.84
N LYS C 195 -3.51 -16.01 -9.66
CA LYS C 195 -3.26 -15.12 -8.54
C LYS C 195 -2.43 -13.86 -8.85
N PRO C 196 -1.31 -13.98 -9.59
CA PRO C 196 -0.57 -12.81 -10.06
C PRO C 196 -1.38 -11.80 -10.89
N THR C 197 -2.33 -12.27 -11.69
CA THR C 197 -3.23 -11.42 -12.46
C THR C 197 -4.25 -10.70 -11.56
N GLN C 198 -4.83 -11.42 -10.59
CA GLN C 198 -5.73 -10.87 -9.58
C GLN C 198 -5.08 -9.74 -8.78
N ASN C 199 -3.86 -10.03 -8.31
CA ASN C 199 -3.03 -9.17 -7.49
C ASN C 199 -2.61 -7.91 -8.25
N SER C 200 -2.30 -8.07 -9.54
CA SER C 200 -1.90 -7.00 -10.44
C SER C 200 -3.06 -6.07 -10.78
N VAL C 201 -4.24 -6.63 -11.03
CA VAL C 201 -5.45 -5.86 -11.26
C VAL C 201 -5.92 -5.12 -10.00
N ARG C 202 -5.72 -5.72 -8.82
CA ARG C 202 -5.97 -5.08 -7.53
C ARG C 202 -5.06 -3.86 -7.31
N ALA C 203 -3.79 -3.96 -7.70
CA ALA C 203 -2.84 -2.86 -7.68
C ALA C 203 -3.24 -1.74 -8.65
N LEU C 204 -3.58 -2.11 -9.88
CA LEU C 204 -4.04 -1.21 -10.93
C LEU C 204 -5.31 -0.43 -10.54
N ARG C 205 -6.27 -1.13 -9.93
CA ARG C 205 -7.47 -0.55 -9.34
C ARG C 205 -7.15 0.40 -8.17
N GLY C 206 -6.17 0.04 -7.35
CA GLY C 206 -5.65 0.86 -6.26
C GLY C 206 -5.06 2.18 -6.75
N LEU C 207 -4.50 2.18 -7.96
CA LEU C 207 -3.94 3.35 -8.63
C LEU C 207 -4.96 4.05 -9.54
N GLY C 208 -6.19 3.53 -9.60
CA GLY C 208 -7.34 4.22 -10.15
C GLY C 208 -7.61 3.92 -11.61
N LEU C 209 -7.11 2.81 -12.15
CA LEU C 209 -7.46 2.35 -13.48
C LEU C 209 -8.19 1.01 -13.40
N SER C 210 -9.25 0.88 -14.17
CA SER C 210 -10.02 -0.35 -14.33
C SER C 210 -9.72 -0.89 -15.73
N PRO C 211 -9.27 -2.15 -15.86
CA PRO C 211 -9.14 -2.81 -17.15
C PRO C 211 -10.46 -2.85 -17.94
N ASP C 212 -10.39 -2.37 -19.19
CA ASP C 212 -11.38 -2.60 -20.22
C ASP C 212 -11.19 -4.00 -20.82
N LEU C 213 -9.94 -4.39 -21.02
CA LEU C 213 -9.55 -5.71 -21.44
C LEU C 213 -8.42 -6.19 -20.55
N ILE C 214 -8.43 -7.48 -20.25
CA ILE C 214 -7.34 -8.18 -19.61
C ILE C 214 -6.86 -9.25 -20.59
N VAL C 215 -5.59 -9.16 -20.95
CA VAL C 215 -4.93 -10.02 -21.89
C VAL C 215 -4.04 -10.97 -21.11
N CYS C 216 -4.52 -12.21 -21.00
CA CYS C 216 -3.84 -13.27 -20.28
C CYS C 216 -2.89 -13.98 -21.22
N ARG C 217 -1.59 -13.80 -20.97
CA ARG C 217 -0.52 -14.53 -21.61
C ARG C 217 -0.23 -15.81 -20.87
N SER C 218 -0.19 -16.89 -21.63
CA SER C 218 0.14 -18.23 -21.19
C SER C 218 0.86 -18.94 -22.33
N SER C 219 1.42 -20.11 -22.04
CA SER C 219 1.99 -21.01 -23.01
C SER C 219 0.87 -21.69 -23.81
N THR C 220 0.21 -22.64 -23.18
CA THR C 220 -0.99 -23.31 -23.63
C THR C 220 -2.24 -22.40 -23.45
N PRO C 221 -3.30 -22.60 -24.26
CA PRO C 221 -4.60 -21.95 -24.07
C PRO C 221 -5.18 -22.04 -22.65
N ILE C 222 -5.91 -20.99 -22.27
CA ILE C 222 -6.56 -20.83 -20.99
C ILE C 222 -7.85 -21.65 -20.94
N GLU C 223 -7.97 -22.49 -19.92
CA GLU C 223 -9.19 -23.22 -19.58
C GLU C 223 -10.33 -22.27 -19.17
N MET C 224 -11.58 -22.68 -19.44
CA MET C 224 -12.76 -21.86 -19.16
C MET C 224 -12.97 -21.58 -17.66
N ALA C 225 -12.58 -22.54 -16.81
CA ALA C 225 -12.57 -22.39 -15.36
C ALA C 225 -11.62 -21.29 -14.88
N VAL C 226 -10.47 -21.21 -15.53
CA VAL C 226 -9.41 -20.27 -15.26
C VAL C 226 -9.81 -18.86 -15.74
N LYS C 227 -10.46 -18.79 -16.91
CA LYS C 227 -11.07 -17.60 -17.48
C LYS C 227 -12.17 -17.03 -16.57
N GLU C 228 -13.03 -17.88 -16.02
CA GLU C 228 -14.04 -17.51 -15.03
C GLU C 228 -13.46 -17.07 -13.69
N LYS C 229 -12.40 -17.74 -13.23
CA LYS C 229 -11.65 -17.37 -12.03
C LYS C 229 -11.00 -15.98 -12.17
N ILE C 230 -10.46 -15.66 -13.35
CA ILE C 230 -10.02 -14.30 -13.68
C ILE C 230 -11.19 -13.33 -13.69
N SER C 231 -12.32 -13.68 -14.31
CA SER C 231 -13.50 -12.84 -14.41
C SER C 231 -14.05 -12.41 -13.05
N MET C 232 -14.24 -13.40 -12.15
CA MET C 232 -14.67 -13.18 -10.78
C MET C 232 -13.70 -12.33 -9.98
N PHE C 233 -12.45 -12.80 -9.84
CA PHE C 233 -11.48 -12.20 -8.93
C PHE C 233 -10.77 -10.95 -9.47
N CYS C 234 -10.90 -10.65 -10.76
CA CYS C 234 -10.46 -9.38 -11.35
C CYS C 234 -11.63 -8.43 -11.56
N HIS C 235 -12.86 -8.88 -11.24
CA HIS C 235 -14.11 -8.12 -11.22
C HIS C 235 -14.43 -7.52 -12.59
N VAL C 236 -14.48 -8.41 -13.58
CA VAL C 236 -14.50 -8.08 -14.98
C VAL C 236 -15.36 -9.14 -15.70
N ASN C 237 -16.02 -8.77 -16.80
CA ASN C 237 -16.89 -9.69 -17.55
C ASN C 237 -16.04 -10.62 -18.43
N PRO C 238 -16.47 -11.88 -18.64
CA PRO C 238 -15.70 -12.84 -19.46
C PRO C 238 -15.34 -12.42 -20.89
N GLU C 239 -16.14 -11.53 -21.50
CA GLU C 239 -15.90 -10.92 -22.79
C GLU C 239 -14.63 -10.05 -22.83
N GLN C 240 -14.20 -9.56 -21.65
CA GLN C 240 -13.08 -8.66 -21.48
C GLN C 240 -11.78 -9.42 -21.21
N VAL C 241 -11.88 -10.70 -20.87
CA VAL C 241 -10.75 -11.55 -20.58
C VAL C 241 -10.42 -12.32 -21.85
N ILE C 242 -9.25 -12.04 -22.43
CA ILE C 242 -8.82 -12.66 -23.67
C ILE C 242 -7.53 -13.46 -23.42
N CYS C 243 -7.44 -14.58 -24.12
CA CYS C 243 -6.39 -15.56 -24.02
C CYS C 243 -5.46 -15.39 -25.22
N ILE C 244 -4.20 -15.05 -24.96
CA ILE C 244 -3.15 -15.01 -25.97
C ILE C 244 -2.14 -16.08 -25.57
N HIS C 245 -2.37 -17.28 -26.09
CA HIS C 245 -1.45 -18.39 -25.99
C HIS C 245 -0.28 -18.22 -26.95
N ASP C 246 0.73 -19.07 -26.80
CA ASP C 246 1.85 -19.12 -27.73
C ASP C 246 1.40 -19.67 -29.11
N VAL C 247 1.96 -19.06 -30.15
CA VAL C 247 1.65 -19.28 -31.56
C VAL C 247 2.95 -19.24 -32.39
N SER C 248 2.84 -19.57 -33.67
CA SER C 248 3.93 -19.69 -34.63
C SER C 248 4.65 -18.38 -34.98
N SER C 249 3.93 -17.26 -34.93
CA SER C 249 4.39 -15.98 -35.45
C SER C 249 3.61 -14.83 -34.81
N THR C 250 4.22 -13.65 -34.86
CA THR C 250 3.63 -12.34 -34.61
C THR C 250 2.45 -12.06 -35.54
N TYR C 251 2.50 -12.57 -36.78
CA TYR C 251 1.47 -12.43 -37.80
C TYR C 251 0.09 -12.95 -37.35
N ARG C 252 0.08 -13.93 -36.44
CA ARG C 252 -1.14 -14.47 -35.86
C ARG C 252 -1.68 -13.71 -34.66
N VAL C 253 -0.88 -12.85 -34.02
CA VAL C 253 -1.31 -12.16 -32.81
C VAL C 253 -2.48 -11.17 -33.00
N PRO C 254 -2.51 -10.37 -34.11
CA PRO C 254 -3.71 -9.61 -34.48
C PRO C 254 -4.97 -10.47 -34.69
N LEU C 255 -4.80 -11.63 -35.32
CA LEU C 255 -5.86 -12.57 -35.65
C LEU C 255 -6.46 -13.21 -34.40
N LEU C 256 -5.58 -13.54 -33.45
CA LEU C 256 -5.93 -14.11 -32.17
C LEU C 256 -6.72 -13.13 -31.30
N LEU C 257 -6.35 -11.84 -31.35
CA LEU C 257 -7.12 -10.75 -30.77
C LEU C 257 -8.49 -10.59 -31.44
N GLU C 258 -8.53 -10.66 -32.78
CA GLU C 258 -9.75 -10.69 -33.57
C GLU C 258 -10.72 -11.82 -33.18
N GLU C 259 -10.21 -13.05 -33.11
CA GLU C 259 -10.91 -14.24 -32.65
C GLU C 259 -11.45 -14.12 -31.22
N GLN C 260 -10.62 -13.60 -30.30
CA GLN C 260 -10.99 -13.38 -28.91
C GLN C 260 -11.94 -12.18 -28.70
N GLY C 261 -12.18 -11.37 -29.74
CA GLY C 261 -13.29 -10.43 -29.79
C GLY C 261 -12.89 -8.97 -29.62
N VAL C 262 -11.58 -8.68 -29.65
CA VAL C 262 -11.04 -7.35 -29.41
C VAL C 262 -11.47 -6.32 -30.47
N VAL C 263 -11.50 -6.77 -31.72
CA VAL C 263 -12.00 -5.99 -32.85
C VAL C 263 -13.46 -5.57 -32.67
N LYS C 264 -14.30 -6.50 -32.21
CA LYS C 264 -15.71 -6.29 -31.90
C LYS C 264 -15.88 -5.30 -30.75
N TYR C 265 -15.12 -5.50 -29.67
CA TYR C 265 -15.07 -4.61 -28.51
C TYR C 265 -14.77 -3.16 -28.91
N PHE C 266 -13.70 -2.97 -29.68
CA PHE C 266 -13.34 -1.67 -30.18
C PHE C 266 -14.32 -1.08 -31.18
N GLN C 267 -14.90 -1.89 -32.08
CA GLN C 267 -15.96 -1.44 -32.98
C GLN C 267 -17.20 -0.93 -32.25
N GLU C 268 -17.67 -1.69 -31.25
CA GLU C 268 -18.76 -1.32 -30.37
C GLU C 268 -18.47 -0.06 -29.56
N ARG C 269 -17.37 -0.04 -28.80
CA ARG C 269 -17.03 1.04 -27.88
C ARG C 269 -16.63 2.34 -28.61
N LEU C 270 -15.94 2.27 -29.75
CA LEU C 270 -15.58 3.45 -30.53
C LEU C 270 -16.68 3.88 -31.51
N GLY C 271 -17.65 3.00 -31.80
CA GLY C 271 -18.79 3.29 -32.67
C GLY C 271 -18.41 3.23 -34.14
N LEU C 272 -17.52 2.31 -34.51
CA LEU C 272 -17.03 2.12 -35.88
C LEU C 272 -18.05 1.36 -36.76
N PRO C 273 -17.89 1.42 -38.10
CA PRO C 273 -18.55 0.49 -39.04
C PRO C 273 -18.41 -1.00 -38.80
N LEU C 281 -10.12 -8.27 -43.63
CA LEU C 281 -9.85 -7.02 -42.88
C LEU C 281 -8.36 -6.99 -42.44
N LEU C 282 -7.97 -8.03 -41.68
CA LEU C 282 -6.61 -8.39 -41.33
C LEU C 282 -6.10 -9.44 -42.34
N PHE C 283 -6.58 -9.36 -43.59
CA PHE C 283 -6.31 -10.33 -44.65
C PHE C 283 -4.82 -10.40 -45.03
N LYS C 284 -4.14 -9.26 -44.98
CA LYS C 284 -2.69 -9.13 -45.14
C LYS C 284 -1.92 -9.94 -44.09
N TRP C 285 -2.35 -9.83 -42.83
CA TRP C 285 -1.79 -10.53 -41.68
C TRP C 285 -2.00 -12.03 -41.78
N LYS C 286 -3.22 -12.42 -42.14
CA LYS C 286 -3.61 -13.81 -42.33
C LYS C 286 -2.87 -14.48 -43.49
N ALA C 287 -2.68 -13.75 -44.59
CA ALA C 287 -1.88 -14.16 -45.72
C ALA C 287 -0.42 -14.47 -45.34
N MET C 288 0.22 -13.54 -44.65
CA MET C 288 1.60 -13.68 -44.17
C MET C 288 1.74 -14.82 -43.14
N ALA C 289 0.76 -14.95 -42.24
CA ALA C 289 0.69 -15.99 -41.23
C ALA C 289 0.62 -17.39 -41.85
N ASP C 290 -0.37 -17.61 -42.72
CA ASP C 290 -0.59 -18.89 -43.37
C ASP C 290 0.54 -19.26 -44.33
N ARG C 291 1.11 -18.27 -45.01
CA ARG C 291 2.29 -18.43 -45.84
C ARG C 291 3.50 -18.92 -45.05
N TYR C 292 3.76 -18.29 -43.90
CA TYR C 292 4.84 -18.63 -42.97
C TYR C 292 4.85 -20.11 -42.53
N GLU C 293 3.66 -20.69 -42.27
CA GLU C 293 3.54 -22.11 -41.94
C GLU C 293 3.96 -23.05 -43.08
N ARG C 294 3.56 -22.69 -44.30
CA ARG C 294 3.62 -23.55 -45.47
C ARG C 294 5.01 -23.64 -46.09
N LEU C 295 5.96 -22.80 -45.67
CA LEU C 295 7.33 -22.76 -46.15
C LEU C 295 8.07 -24.08 -45.84
N GLN C 296 8.52 -24.77 -46.88
CA GLN C 296 9.23 -26.04 -46.77
C GLN C 296 10.75 -25.86 -46.91
N LYS C 297 11.16 -24.87 -47.73
CA LYS C 297 12.56 -24.56 -47.95
C LYS C 297 13.16 -23.83 -46.75
N ILE C 298 14.47 -23.99 -46.55
CA ILE C 298 15.22 -23.38 -45.49
C ILE C 298 16.39 -22.62 -46.11
N CYS C 299 16.66 -21.41 -45.60
CA CYS C 299 17.90 -20.67 -45.80
C CYS C 299 18.58 -20.62 -44.44
N SER C 300 19.83 -21.08 -44.37
CA SER C 300 20.64 -21.04 -43.17
C SER C 300 21.55 -19.81 -43.23
N ILE C 301 21.25 -18.81 -42.41
CA ILE C 301 22.03 -17.58 -42.28
C ILE C 301 22.78 -17.62 -40.95
N ALA C 302 24.06 -17.27 -41.00
CA ALA C 302 24.88 -17.06 -39.82
C ALA C 302 24.82 -15.60 -39.41
N LEU C 303 24.39 -15.33 -38.17
CA LEU C 303 24.50 -14.02 -37.55
C LEU C 303 25.69 -14.11 -36.60
N VAL C 304 26.78 -13.45 -36.97
CA VAL C 304 28.03 -13.48 -36.23
C VAL C 304 28.11 -12.24 -35.34
N GLY C 305 27.65 -12.38 -34.09
CA GLY C 305 27.32 -11.26 -33.24
C GLY C 305 27.73 -11.51 -31.80
N LYS C 306 28.52 -10.58 -31.27
CA LYS C 306 28.95 -10.42 -29.88
C LYS C 306 27.83 -10.34 -28.83
N TYR C 307 26.64 -9.89 -29.22
CA TYR C 307 25.52 -9.72 -28.30
C TYR C 307 24.54 -10.91 -28.34
N THR C 308 24.89 -12.00 -29.03
CA THR C 308 24.08 -13.22 -29.28
C THR C 308 23.41 -13.85 -28.03
N LYS C 309 23.98 -13.58 -26.86
CA LYS C 309 23.58 -14.08 -25.54
C LYS C 309 22.11 -13.77 -25.20
N LEU C 310 21.58 -12.67 -25.76
CA LEU C 310 20.16 -12.32 -25.75
C LEU C 310 19.83 -11.98 -27.19
N ARG C 311 18.89 -12.71 -27.80
CA ARG C 311 18.56 -12.57 -29.22
C ARG C 311 17.91 -11.22 -29.56
N ASP C 312 17.27 -10.59 -28.56
CA ASP C 312 16.67 -9.26 -28.60
C ASP C 312 17.67 -8.14 -28.91
N CYS C 313 18.97 -8.40 -28.71
CA CYS C 313 20.07 -7.50 -29.05
C CYS C 313 20.21 -7.28 -30.56
N TYR C 314 19.59 -8.14 -31.37
CA TYR C 314 19.60 -8.08 -32.81
C TYR C 314 18.18 -8.23 -33.35
N ALA C 315 17.19 -7.73 -32.60
CA ALA C 315 15.77 -7.90 -32.92
C ALA C 315 15.40 -7.42 -34.32
N SER C 316 15.67 -6.16 -34.63
CA SER C 316 15.32 -5.55 -35.91
C SER C 316 16.00 -6.23 -37.11
N VAL C 317 17.20 -6.74 -36.89
CA VAL C 317 18.04 -7.44 -37.86
C VAL C 317 17.41 -8.79 -38.24
N PHE C 318 17.05 -9.57 -37.21
CA PHE C 318 16.30 -10.81 -37.32
C PHE C 318 14.94 -10.65 -38.02
N LYS C 319 14.23 -9.59 -37.67
CA LYS C 319 12.96 -9.22 -38.27
C LYS C 319 13.09 -8.94 -39.77
N ALA C 320 14.13 -8.19 -40.15
CA ALA C 320 14.47 -7.86 -41.54
C ALA C 320 14.87 -9.07 -42.38
N LEU C 321 15.52 -10.05 -41.76
CA LEU C 321 15.81 -11.34 -42.37
C LEU C 321 14.53 -12.13 -42.62
N GLU C 322 13.64 -12.19 -41.62
CA GLU C 322 12.36 -12.87 -41.71
C GLU C 322 11.40 -12.26 -42.72
N HIS C 323 11.39 -10.93 -42.83
CA HIS C 323 10.65 -10.20 -43.87
C HIS C 323 11.11 -10.61 -45.26
N SER C 324 12.43 -10.70 -45.42
CA SER C 324 13.11 -11.06 -46.65
C SER C 324 12.88 -12.53 -47.00
N ALA C 325 13.03 -13.41 -46.01
CA ALA C 325 12.87 -14.85 -46.14
C ALA C 325 11.44 -15.26 -46.50
N LEU C 326 10.46 -14.61 -45.87
CA LEU C 326 9.04 -14.79 -46.16
C LEU C 326 8.71 -14.38 -47.60
N ALA C 327 9.26 -13.24 -48.05
CA ALA C 327 9.09 -12.73 -49.40
C ALA C 327 9.62 -13.64 -50.52
N ILE C 328 10.53 -14.56 -50.20
CA ILE C 328 11.10 -15.52 -51.13
C ILE C 328 10.72 -16.97 -50.78
N ASN C 329 9.71 -17.14 -49.92
CA ASN C 329 9.12 -18.41 -49.47
C ASN C 329 10.15 -19.42 -48.93
N HIS C 330 11.04 -18.96 -48.07
CA HIS C 330 11.97 -19.80 -47.32
C HIS C 330 11.76 -19.58 -45.82
N LYS C 331 11.90 -20.65 -45.03
CA LYS C 331 12.15 -20.52 -43.60
C LYS C 331 13.57 -20.03 -43.37
N LEU C 332 13.77 -19.30 -42.28
CA LEU C 332 15.06 -18.81 -41.86
C LEU C 332 15.55 -19.69 -40.72
N ASN C 333 16.71 -20.33 -40.92
CA ASN C 333 17.52 -20.87 -39.85
C ASN C 333 18.54 -19.78 -39.55
N LEU C 334 18.28 -19.01 -38.49
CA LEU C 334 19.20 -17.99 -38.02
C LEU C 334 20.13 -18.62 -36.99
N MET C 335 21.36 -18.88 -37.42
CA MET C 335 22.41 -19.41 -36.58
C MET C 335 23.13 -18.23 -35.93
N TYR C 336 22.72 -17.91 -34.71
CA TYR C 336 23.39 -16.96 -33.85
C TYR C 336 24.72 -17.55 -33.39
N ILE C 337 25.81 -16.92 -33.80
CA ILE C 337 27.18 -17.31 -33.48
C ILE C 337 27.79 -16.18 -32.66
N ASP C 338 28.18 -16.48 -31.42
CA ASP C 338 28.96 -15.57 -30.59
C ASP C 338 30.37 -15.51 -31.17
N SER C 339 30.75 -14.34 -31.67
CA SER C 339 31.93 -14.17 -32.48
C SER C 339 33.24 -14.47 -31.74
N ILE C 340 33.26 -14.27 -30.42
CA ILE C 340 34.37 -14.63 -29.55
C ILE C 340 34.71 -16.14 -29.59
N ASP C 341 33.71 -16.98 -29.91
CA ASP C 341 33.89 -18.42 -30.07
C ASP C 341 34.68 -18.78 -31.34
N LEU C 342 34.65 -17.93 -32.36
CA LEU C 342 35.42 -18.12 -33.59
C LEU C 342 36.89 -17.71 -33.44
N GLU C 343 37.22 -16.96 -32.38
CA GLU C 343 38.57 -16.48 -32.11
C GLU C 343 39.46 -17.60 -31.55
N PRO C 344 40.76 -17.62 -31.94
CA PRO C 344 41.71 -18.68 -31.53
C PRO C 344 41.92 -18.85 -30.02
N VAL C 345 41.64 -17.80 -29.25
CA VAL C 345 41.56 -17.81 -27.79
C VAL C 345 40.63 -18.93 -27.27
N THR C 346 39.45 -19.07 -27.90
CA THR C 346 38.49 -20.10 -27.55
C THR C 346 38.91 -21.49 -28.06
N LYS C 347 39.80 -21.58 -29.06
CA LYS C 347 40.40 -22.84 -29.48
C LYS C 347 41.33 -23.41 -28.39
N ALA C 348 41.99 -22.51 -27.63
CA ALA C 348 42.76 -22.90 -26.45
C ALA C 348 41.84 -23.22 -25.26
N GLU C 349 40.92 -22.30 -24.95
CA GLU C 349 40.21 -22.31 -23.68
C GLU C 349 38.96 -23.21 -23.65
N ASP C 350 38.25 -23.37 -24.76
CA ASP C 350 36.99 -24.12 -24.80
C ASP C 350 36.70 -24.60 -26.24
N PRO C 351 37.56 -25.49 -26.79
CA PRO C 351 37.55 -25.83 -28.22
C PRO C 351 36.27 -26.46 -28.77
N VAL C 352 35.40 -27.01 -27.92
CA VAL C 352 34.10 -27.51 -28.35
C VAL C 352 33.20 -26.38 -28.91
N LYS C 353 33.16 -25.22 -28.23
CA LYS C 353 32.41 -24.05 -28.69
C LYS C 353 32.94 -23.53 -30.04
N PHE C 354 34.27 -23.53 -30.18
CA PHE C 354 34.97 -23.11 -31.39
C PHE C 354 34.56 -23.96 -32.60
N HIS C 355 34.58 -25.28 -32.44
CA HIS C 355 34.25 -26.20 -33.52
C HIS C 355 32.75 -26.34 -33.76
N GLU C 356 31.90 -26.02 -32.78
CA GLU C 356 30.47 -25.78 -32.99
C GLU C 356 30.21 -24.52 -33.82
N ALA C 357 30.85 -23.40 -33.42
CA ALA C 357 30.73 -22.10 -34.07
C ALA C 357 31.19 -22.13 -35.53
N TRP C 358 32.39 -22.67 -35.76
CA TRP C 358 32.94 -22.85 -37.10
C TRP C 358 32.15 -23.85 -37.95
N GLN C 359 31.51 -24.86 -37.34
CA GLN C 359 30.61 -25.77 -38.04
C GLN C 359 29.35 -25.06 -38.55
N LYS C 360 28.73 -24.24 -37.68
CA LYS C 360 27.60 -23.38 -38.04
C LYS C 360 27.96 -22.37 -39.15
N LEU C 361 29.20 -21.86 -39.13
CA LEU C 361 29.76 -21.00 -40.17
C LEU C 361 30.07 -21.74 -41.49
N CYS C 362 30.31 -23.05 -41.45
CA CYS C 362 30.43 -23.91 -42.63
C CYS C 362 29.07 -24.10 -43.31
N LEU C 363 28.02 -24.32 -42.50
CA LEU C 363 26.64 -24.50 -42.93
C LEU C 363 25.94 -23.20 -43.33
N ALA C 364 26.68 -22.09 -43.40
CA ALA C 364 26.15 -20.77 -43.70
C ALA C 364 25.96 -20.60 -45.20
N ASP C 365 24.70 -20.56 -45.62
CA ASP C 365 24.27 -20.18 -46.97
C ASP C 365 24.49 -18.67 -47.19
N GLY C 366 24.42 -17.88 -46.12
CA GLY C 366 24.77 -16.48 -46.11
C GLY C 366 25.30 -16.15 -44.72
N ILE C 367 26.09 -15.09 -44.63
CA ILE C 367 26.68 -14.56 -43.41
C ILE C 367 26.24 -13.11 -43.23
N LEU C 368 25.84 -12.80 -42.01
CA LEU C 368 25.47 -11.49 -41.56
C LEU C 368 26.43 -11.10 -40.43
N VAL C 369 27.11 -9.96 -40.60
CA VAL C 369 27.91 -9.35 -39.56
C VAL C 369 27.25 -8.01 -39.19
N PRO C 370 26.40 -8.03 -38.14
CA PRO C 370 25.77 -6.80 -37.66
C PRO C 370 26.73 -5.92 -36.87
N GLY C 371 26.26 -4.70 -36.61
CA GLY C 371 26.97 -3.65 -35.91
C GLY C 371 27.20 -3.95 -34.43
N GLY C 372 27.89 -3.02 -33.78
CA GLY C 372 28.23 -3.09 -32.38
C GLY C 372 29.37 -2.12 -32.14
N PHE C 373 29.65 -1.88 -30.86
CA PHE C 373 30.65 -0.93 -30.38
C PHE C 373 31.70 -1.71 -29.59
N GLY C 374 32.97 -1.40 -29.82
CA GLY C 374 34.10 -1.99 -29.11
C GLY C 374 34.82 -3.05 -29.95
N ILE C 375 35.97 -3.50 -29.43
CA ILE C 375 36.89 -4.45 -30.04
C ILE C 375 36.61 -5.90 -29.59
N ARG C 376 35.72 -6.10 -28.61
CA ARG C 376 35.34 -7.43 -28.17
C ARG C 376 34.53 -8.16 -29.26
N GLY C 377 35.01 -9.34 -29.65
CA GLY C 377 34.34 -10.21 -30.62
C GLY C 377 34.70 -9.83 -32.06
N THR C 378 35.40 -8.72 -32.27
CA THR C 378 35.73 -8.14 -33.55
C THR C 378 36.74 -8.96 -34.38
N LEU C 379 37.66 -9.68 -33.74
CA LEU C 379 38.54 -10.62 -34.42
C LEU C 379 37.75 -11.83 -34.95
N GLY C 380 36.70 -12.22 -34.24
CA GLY C 380 35.79 -13.30 -34.62
C GLY C 380 34.93 -12.90 -35.82
N LYS C 381 34.52 -11.63 -35.88
CA LYS C 381 33.85 -11.06 -37.03
C LYS C 381 34.76 -11.06 -38.27
N LEU C 382 36.02 -10.66 -38.11
CA LEU C 382 37.05 -10.70 -39.16
C LEU C 382 37.30 -12.12 -39.70
N GLN C 383 37.31 -13.13 -38.82
CA GLN C 383 37.38 -14.53 -39.22
C GLN C 383 36.24 -14.96 -40.16
N ALA C 384 35.01 -14.57 -39.81
CA ALA C 384 33.82 -14.85 -40.60
C ALA C 384 33.77 -14.10 -41.94
N ILE C 385 34.28 -12.87 -41.96
CA ILE C 385 34.38 -12.06 -43.18
C ILE C 385 35.44 -12.62 -44.14
N SER C 386 36.57 -13.10 -43.59
CA SER C 386 37.64 -13.78 -44.34
C SER C 386 37.14 -15.04 -45.03
N TRP C 387 36.40 -15.85 -44.27
CA TRP C 387 35.70 -17.04 -44.73
C TRP C 387 34.72 -16.71 -45.87
N ALA C 388 33.90 -15.68 -45.68
CA ALA C 388 32.90 -15.25 -46.65
C ALA C 388 33.49 -14.74 -47.97
N ARG C 389 34.55 -13.95 -47.86
CA ARG C 389 35.25 -13.34 -48.98
C ARG C 389 35.89 -14.40 -49.89
N THR C 390 36.57 -15.36 -49.27
CA THR C 390 37.38 -16.35 -49.98
C THR C 390 36.51 -17.51 -50.52
N LYS C 391 35.56 -18.00 -49.71
CA LYS C 391 34.74 -19.15 -50.06
C LYS C 391 33.45 -18.76 -50.82
N LYS C 392 33.33 -17.48 -51.16
CA LYS C 392 32.30 -16.88 -51.99
C LYS C 392 30.88 -16.97 -51.38
N ILE C 393 30.80 -17.07 -50.05
CA ILE C 393 29.56 -17.14 -49.29
C ILE C 393 28.97 -15.71 -49.18
N PRO C 394 27.70 -15.51 -49.61
CA PRO C 394 26.97 -14.24 -49.46
C PRO C 394 27.11 -13.52 -48.12
N PHE C 395 27.51 -12.26 -48.16
CA PHE C 395 27.86 -11.45 -47.01
C PHE C 395 27.08 -10.14 -46.99
N LEU C 396 26.53 -9.82 -45.82
CA LEU C 396 26.03 -8.51 -45.48
C LEU C 396 26.71 -8.03 -44.21
N GLY C 397 27.38 -6.89 -44.31
CA GLY C 397 28.03 -6.21 -43.21
C GLY C 397 27.26 -4.92 -42.96
N ILE C 398 26.88 -4.69 -41.70
CA ILE C 398 26.17 -3.50 -41.26
C ILE C 398 27.04 -2.73 -40.28
N CYS C 399 27.31 -1.48 -40.63
CA CYS C 399 28.10 -0.48 -39.93
C CYS C 399 29.52 -0.99 -39.64
N LEU C 400 29.74 -1.55 -38.45
CA LEU C 400 30.97 -2.23 -38.06
C LEU C 400 31.38 -3.32 -39.05
N GLY C 401 30.41 -4.06 -39.58
CA GLY C 401 30.63 -5.10 -40.58
C GLY C 401 31.15 -4.52 -41.91
N MET C 402 30.85 -3.28 -42.25
CA MET C 402 31.44 -2.59 -43.39
C MET C 402 32.88 -2.18 -43.09
N GLN C 403 33.09 -1.59 -41.91
CA GLN C 403 34.39 -1.13 -41.44
C GLN C 403 35.41 -2.26 -41.41
N LEU C 404 35.01 -3.40 -40.83
CA LEU C 404 35.81 -4.61 -40.75
C LEU C 404 36.12 -5.24 -42.11
N ALA C 405 35.20 -5.15 -43.08
CA ALA C 405 35.42 -5.65 -44.43
C ALA C 405 36.45 -4.81 -45.21
N VAL C 406 36.35 -3.49 -45.06
CA VAL C 406 37.30 -2.53 -45.63
C VAL C 406 38.71 -2.70 -45.04
N ILE C 407 38.76 -2.86 -43.72
CA ILE C 407 39.95 -3.17 -42.95
C ILE C 407 40.60 -4.49 -43.40
N GLU C 408 39.79 -5.53 -43.53
CA GLU C 408 40.25 -6.84 -43.97
C GLU C 408 40.78 -6.83 -45.40
N PHE C 409 40.08 -6.16 -46.32
CA PHE C 409 40.50 -6.03 -47.71
C PHE C 409 41.85 -5.31 -47.81
N ALA C 410 42.04 -4.26 -47.00
CA ALA C 410 43.32 -3.60 -46.86
C ALA C 410 44.41 -4.53 -46.34
N ARG C 411 44.13 -5.25 -45.24
CA ARG C 411 45.04 -6.23 -44.65
C ARG C 411 45.45 -7.35 -45.63
N ASN C 412 44.47 -7.97 -46.26
CA ASN C 412 44.62 -9.28 -46.89
C ASN C 412 44.73 -9.18 -48.41
N CYS C 413 44.22 -8.11 -49.02
CA CYS C 413 44.19 -7.95 -50.48
C CYS C 413 45.08 -6.79 -50.95
N LEU C 414 45.27 -5.77 -50.10
CA LEU C 414 46.19 -4.65 -50.37
C LEU C 414 47.50 -4.79 -49.57
N ASN C 415 47.59 -5.83 -48.72
CA ASN C 415 48.74 -6.25 -47.90
C ASN C 415 49.10 -5.28 -46.76
N LEU C 416 48.25 -4.28 -46.50
CA LEU C 416 48.36 -3.29 -45.45
C LEU C 416 47.92 -3.89 -44.10
N LYS C 417 48.65 -4.92 -43.66
CA LYS C 417 48.42 -5.74 -42.48
C LYS C 417 48.35 -4.98 -41.14
N ASP C 418 48.88 -3.76 -41.13
CA ASP C 418 48.88 -2.80 -40.04
C ASP C 418 47.55 -2.02 -39.93
N ALA C 419 46.65 -2.13 -40.93
CA ALA C 419 45.41 -1.39 -40.99
C ALA C 419 44.40 -1.81 -39.92
N ASN C 420 43.82 -0.81 -39.27
CA ASN C 420 42.74 -0.97 -38.31
C ASN C 420 41.98 0.34 -38.14
N SER C 421 41.08 0.36 -37.16
CA SER C 421 40.36 1.54 -36.74
C SER C 421 41.10 2.25 -35.61
N THR C 422 40.89 3.56 -35.52
CA THR C 422 41.25 4.38 -34.37
C THR C 422 40.27 4.22 -33.19
N GLU C 423 39.43 3.18 -33.21
CA GLU C 423 38.58 2.77 -32.11
C GLU C 423 39.29 1.67 -31.32
N PHE C 424 39.81 0.66 -32.03
CA PHE C 424 40.37 -0.54 -31.43
C PHE C 424 41.82 -0.28 -31.01
N GLU C 425 42.61 0.34 -31.90
CA GLU C 425 43.93 0.85 -31.60
C GLU C 425 43.97 2.31 -32.08
N PRO C 426 43.79 3.30 -31.17
CA PRO C 426 43.89 4.73 -31.52
C PRO C 426 45.10 5.12 -32.37
N ASN C 427 46.29 4.65 -31.95
CA ASN C 427 47.57 4.87 -32.63
C ASN C 427 47.85 3.75 -33.63
N THR C 428 46.90 3.46 -34.51
CA THR C 428 47.11 2.59 -35.68
C THR C 428 48.06 3.28 -36.68
N PRO C 429 49.11 2.58 -37.18
CA PRO C 429 50.04 3.12 -38.20
C PRO C 429 49.40 3.73 -39.45
N VAL C 430 48.47 3.00 -40.08
CA VAL C 430 47.67 3.47 -41.21
C VAL C 430 46.20 3.51 -40.75
N PRO C 431 45.75 4.66 -40.18
CA PRO C 431 44.41 4.74 -39.57
C PRO C 431 43.32 4.76 -40.65
N LEU C 432 42.77 3.57 -40.94
CA LEU C 432 41.88 3.36 -42.05
C LEU C 432 40.46 3.81 -41.70
N VAL C 433 40.03 3.46 -40.49
CA VAL C 433 38.74 3.79 -39.98
C VAL C 433 38.93 4.78 -38.82
N ILE C 434 38.58 6.03 -39.09
CA ILE C 434 38.79 7.19 -38.23
C ILE C 434 37.46 7.68 -37.66
N ASP C 435 37.49 8.37 -36.53
CA ASP C 435 36.36 9.14 -36.02
C ASP C 435 36.18 10.37 -36.91
N MET C 436 34.99 10.53 -37.50
CA MET C 436 34.63 11.66 -38.35
C MET C 436 33.26 12.15 -37.90
N PRO C 437 33.21 12.97 -36.83
CA PRO C 437 31.94 13.50 -36.32
C PRO C 437 31.28 14.53 -37.25
N GLU C 438 30.00 14.83 -36.99
CA GLU C 438 29.23 15.87 -37.66
C GLU C 438 29.30 17.10 -36.79
N THR C 447 29.25 15.70 -33.45
CA THR C 447 28.79 14.49 -32.73
C THR C 447 28.60 13.26 -33.67
N MET C 448 28.00 12.19 -33.13
CA MET C 448 27.60 10.95 -33.80
C MET C 448 26.68 11.23 -34.99
N ARG C 449 26.96 10.57 -36.12
CA ARG C 449 26.13 10.57 -37.31
C ARG C 449 24.95 9.64 -37.04
N LEU C 450 23.83 10.27 -36.70
CA LEU C 450 22.74 9.67 -35.97
C LEU C 450 21.43 10.11 -36.60
N GLY C 451 20.68 9.15 -37.12
CA GLY C 451 19.38 9.36 -37.73
C GLY C 451 19.50 9.26 -39.24
N LEU C 452 18.49 9.79 -39.94
CA LEU C 452 18.33 9.70 -41.37
C LEU C 452 19.34 10.58 -42.10
N ARG C 453 20.06 10.03 -43.06
CA ARG C 453 20.93 10.76 -43.95
C ARG C 453 20.76 10.23 -45.37
N ARG C 454 20.94 11.13 -46.34
CA ARG C 454 20.92 10.84 -47.75
C ARG C 454 22.26 10.27 -48.20
N THR C 455 22.22 9.03 -48.68
CA THR C 455 23.33 8.35 -49.32
C THR C 455 23.07 8.35 -50.83
N VAL C 456 24.07 8.72 -51.62
CA VAL C 456 24.01 8.83 -53.06
C VAL C 456 24.89 7.74 -53.66
N PHE C 457 24.36 7.00 -54.63
CA PHE C 457 25.13 6.03 -55.40
C PHE C 457 26.01 6.75 -56.43
N THR C 458 27.26 6.32 -56.53
CA THR C 458 28.27 6.88 -57.43
C THR C 458 28.92 5.74 -58.24
N THR C 459 28.11 4.76 -58.66
CA THR C 459 28.46 3.58 -59.43
C THR C 459 27.12 2.94 -59.80
N GLU C 460 26.77 2.99 -61.10
CA GLU C 460 25.49 2.54 -61.64
C GLU C 460 25.34 1.02 -61.61
N ASN C 461 26.46 0.32 -61.82
CA ASN C 461 26.56 -1.13 -61.86
C ASN C 461 26.63 -1.78 -60.46
N SER C 462 26.22 -1.06 -59.42
CA SER C 462 26.12 -1.58 -58.07
C SER C 462 24.87 -2.45 -57.92
N ILE C 463 25.00 -3.53 -57.15
CA ILE C 463 23.91 -4.48 -56.91
C ILE C 463 22.81 -3.82 -56.06
N LEU C 464 23.23 -3.03 -55.06
CA LEU C 464 22.32 -2.33 -54.18
C LEU C 464 21.44 -1.31 -54.87
N LYS C 465 21.96 -0.58 -55.86
CA LYS C 465 21.17 0.40 -56.60
C LYS C 465 19.97 -0.25 -57.29
N LYS C 466 20.20 -1.44 -57.87
CA LYS C 466 19.17 -2.24 -58.52
C LYS C 466 18.13 -2.76 -57.51
N LEU C 467 18.60 -3.31 -56.39
CA LEU C 467 17.77 -3.77 -55.27
C LEU C 467 16.91 -2.66 -54.65
N TYR C 468 17.49 -1.46 -54.49
CA TYR C 468 16.79 -0.25 -54.07
C TYR C 468 15.95 0.40 -55.19
N GLY C 469 15.81 -0.25 -56.35
CA GLY C 469 14.82 0.11 -57.36
C GLY C 469 15.35 1.07 -58.42
N ASP C 470 16.67 1.15 -58.58
CA ASP C 470 17.42 1.95 -59.54
C ASP C 470 17.33 3.46 -59.25
N VAL C 471 17.09 3.78 -57.98
CA VAL C 471 17.11 5.12 -57.42
C VAL C 471 18.54 5.72 -57.39
N PRO C 472 18.65 7.06 -57.52
CA PRO C 472 19.95 7.73 -57.46
C PRO C 472 20.53 7.81 -56.04
N TYR C 473 19.63 8.09 -55.09
CA TYR C 473 19.92 8.17 -53.68
C TYR C 473 18.89 7.34 -52.91
N ILE C 474 19.29 7.01 -51.70
CA ILE C 474 18.48 6.40 -50.67
C ILE C 474 18.66 7.25 -49.40
N GLU C 475 17.67 7.21 -48.51
CA GLU C 475 17.72 7.84 -47.21
C GLU C 475 17.58 6.71 -46.20
N GLU C 476 18.59 6.56 -45.35
CA GLU C 476 18.71 5.46 -44.41
C GLU C 476 19.25 5.95 -43.06
N ARG C 477 18.93 5.17 -42.03
CA ARG C 477 19.21 5.48 -40.63
C ARG C 477 20.61 5.04 -40.23
N HIS C 478 21.38 6.02 -39.75
CA HIS C 478 22.75 5.88 -39.33
C HIS C 478 22.84 5.97 -37.80
N ARG C 479 23.86 5.35 -37.21
CA ARG C 479 24.22 5.46 -35.79
C ARG C 479 25.69 5.09 -35.64
N HIS C 480 26.58 6.01 -35.98
CA HIS C 480 28.01 5.74 -36.02
C HIS C 480 28.81 7.03 -35.85
N ARG C 481 30.05 6.88 -35.37
CA ARG C 481 31.02 7.96 -35.22
C ARG C 481 32.14 7.79 -36.24
N TYR C 482 32.54 6.53 -36.46
CA TYR C 482 33.68 6.18 -37.26
C TYR C 482 33.30 6.01 -38.74
N GLU C 483 34.25 6.36 -39.60
CA GLU C 483 34.17 6.40 -41.05
C GLU C 483 35.46 5.88 -41.64
N VAL C 484 35.40 5.53 -42.92
CA VAL C 484 36.58 5.31 -43.75
C VAL C 484 37.32 6.65 -43.96
N ASN C 485 38.63 6.63 -43.74
CA ASN C 485 39.52 7.77 -43.90
C ASN C 485 39.66 8.12 -45.39
N PRO C 486 39.19 9.31 -45.83
CA PRO C 486 39.00 9.61 -47.25
C PRO C 486 40.27 9.63 -48.12
N ASN C 487 41.42 9.93 -47.52
CA ASN C 487 42.72 9.90 -48.22
C ASN C 487 43.10 8.47 -48.66
N LEU C 488 43.03 7.52 -47.72
CA LEU C 488 43.33 6.11 -47.92
C LEU C 488 42.39 5.35 -48.86
N ILE C 489 41.32 5.98 -49.36
CA ILE C 489 40.47 5.44 -50.44
C ILE C 489 41.29 5.18 -51.73
N ASN C 490 42.35 5.96 -51.94
CA ASN C 490 43.31 5.81 -53.04
C ASN C 490 43.92 4.39 -53.17
N GLN C 491 44.05 3.67 -52.05
CA GLN C 491 44.55 2.30 -52.00
C GLN C 491 43.59 1.29 -52.66
N PHE C 492 42.28 1.59 -52.59
CA PHE C 492 41.21 0.73 -53.05
C PHE C 492 40.84 1.01 -54.52
N GLU C 493 41.22 2.20 -55.01
CA GLU C 493 40.73 2.92 -56.19
C GLU C 493 40.32 2.07 -57.40
N ASN C 494 41.20 1.15 -57.81
CA ASN C 494 41.05 0.34 -59.02
C ASN C 494 41.02 -1.16 -58.70
N LYS C 495 40.80 -1.52 -57.44
CA LYS C 495 40.70 -2.90 -56.98
C LYS C 495 39.23 -3.34 -56.86
N ASP C 496 39.04 -4.61 -56.51
CA ASP C 496 37.77 -5.33 -56.46
C ASP C 496 36.73 -4.68 -55.52
N LEU C 497 37.21 -4.15 -54.39
CA LEU C 497 36.41 -3.46 -53.39
C LEU C 497 36.17 -2.02 -53.86
N CYS C 498 34.93 -1.69 -54.18
CA CYS C 498 34.53 -0.40 -54.70
C CYS C 498 33.54 0.23 -53.74
N PHE C 499 33.79 1.49 -53.38
CA PHE C 499 32.90 2.32 -52.59
C PHE C 499 31.82 2.93 -53.48
N VAL C 500 30.70 2.22 -53.61
CA VAL C 500 29.63 2.53 -54.55
C VAL C 500 28.69 3.64 -54.05
N GLY C 501 28.60 3.84 -52.74
CA GLY C 501 27.67 4.78 -52.14
C GLY C 501 28.45 5.69 -51.21
N GLU C 502 28.18 6.99 -51.32
CA GLU C 502 28.78 8.04 -50.53
C GLU C 502 27.67 8.93 -49.95
N ASP C 503 28.05 9.78 -49.00
CA ASP C 503 27.23 10.89 -48.52
C ASP C 503 27.09 11.96 -49.61
N VAL C 504 26.04 12.77 -49.52
CA VAL C 504 25.82 13.95 -50.35
C VAL C 504 26.97 14.99 -50.29
N ASP C 505 27.71 15.03 -49.16
CA ASP C 505 28.92 15.86 -48.99
C ASP C 505 30.21 15.15 -49.41
N GLY C 506 30.11 13.95 -50.00
CA GLY C 506 31.14 13.22 -50.74
C GLY C 506 32.24 12.59 -49.87
N LYS C 507 32.61 13.21 -48.75
CA LYS C 507 33.78 12.85 -47.94
C LYS C 507 33.62 11.57 -47.10
N ARG C 508 32.42 10.99 -47.09
CA ARG C 508 32.06 9.80 -46.36
C ARG C 508 31.63 8.73 -47.35
N MET C 509 32.16 7.52 -47.20
CA MET C 509 31.76 6.35 -47.97
C MET C 509 30.83 5.53 -47.09
N GLU C 510 29.60 5.31 -47.57
CA GLU C 510 28.51 4.74 -46.80
C GLU C 510 28.10 3.35 -47.31
N ILE C 511 28.54 2.95 -48.51
CA ILE C 511 28.30 1.63 -49.06
C ILE C 511 29.57 1.18 -49.79
N VAL C 512 29.92 -0.09 -49.64
CA VAL C 512 31.01 -0.74 -50.34
C VAL C 512 30.54 -2.13 -50.83
N GLU C 513 31.00 -2.54 -52.02
CA GLU C 513 30.76 -3.86 -52.58
C GLU C 513 32.09 -4.44 -53.06
N LEU C 514 32.27 -5.77 -52.95
CA LEU C 514 33.23 -6.50 -53.78
C LEU C 514 32.58 -6.81 -55.13
N THR C 515 33.23 -6.38 -56.20
CA THR C 515 32.81 -6.63 -57.57
C THR C 515 32.98 -8.10 -58.01
N SER C 516 33.91 -8.82 -57.37
CA SER C 516 34.34 -10.18 -57.68
C SER C 516 33.54 -11.29 -56.98
N HIS C 517 32.48 -10.92 -56.24
CA HIS C 517 31.74 -11.79 -55.34
C HIS C 517 30.25 -11.70 -55.68
N PRO C 518 29.49 -12.82 -55.56
CA PRO C 518 28.03 -12.80 -55.80
C PRO C 518 27.24 -11.80 -54.96
N TYR C 519 27.64 -11.61 -53.69
CA TYR C 519 27.02 -10.64 -52.81
C TYR C 519 27.92 -10.48 -51.59
N PHE C 520 28.79 -9.47 -51.60
CA PHE C 520 29.59 -9.09 -50.45
C PHE C 520 29.41 -7.59 -50.37
N ILE C 521 28.50 -7.19 -49.49
CA ILE C 521 28.02 -5.83 -49.32
C ILE C 521 28.35 -5.38 -47.91
N GLY C 522 28.88 -4.18 -47.80
CA GLY C 522 28.99 -3.46 -46.56
C GLY C 522 28.16 -2.20 -46.74
N VAL C 523 27.32 -1.90 -45.75
CA VAL C 523 26.61 -0.63 -45.62
C VAL C 523 26.93 -0.03 -44.24
N GLN C 524 27.15 1.28 -44.19
CA GLN C 524 27.52 2.01 -42.99
C GLN C 524 26.31 2.30 -42.11
N PHE C 525 25.15 2.45 -42.75
CA PHE C 525 23.84 2.57 -42.12
C PHE C 525 23.29 1.26 -41.58
N HIS C 526 22.14 1.35 -40.92
CA HIS C 526 21.37 0.25 -40.38
C HIS C 526 20.07 0.13 -41.19
N PRO C 527 20.04 -0.73 -42.23
CA PRO C 527 18.85 -0.87 -43.08
C PRO C 527 17.64 -1.51 -42.38
N GLU C 528 17.90 -2.27 -41.31
CA GLU C 528 16.94 -3.08 -40.60
C GLU C 528 15.81 -2.30 -39.93
N PHE C 529 16.10 -1.04 -39.58
CA PHE C 529 15.17 -0.13 -38.94
C PHE C 529 14.07 0.33 -39.90
N SER C 530 14.39 0.34 -41.19
CA SER C 530 13.54 0.75 -42.28
C SER C 530 12.74 -0.44 -42.88
N SER C 531 12.96 -1.66 -42.40
CA SER C 531 12.34 -2.87 -42.91
C SER C 531 10.90 -3.01 -42.41
N ARG C 532 10.01 -3.41 -43.31
CA ARG C 532 8.60 -3.68 -43.03
C ARG C 532 8.24 -5.06 -43.63
N PRO C 533 7.22 -5.75 -43.11
CA PRO C 533 6.79 -7.06 -43.64
C PRO C 533 6.54 -7.16 -45.14
N MET C 534 5.81 -6.18 -45.70
CA MET C 534 5.52 -6.10 -47.13
C MET C 534 6.40 -5.06 -47.85
N LYS C 535 7.56 -4.74 -47.26
CA LYS C 535 8.60 -3.92 -47.86
C LYS C 535 9.93 -4.24 -47.17
N PRO C 536 10.46 -5.47 -47.36
CA PRO C 536 11.75 -5.88 -46.78
C PRO C 536 12.90 -4.99 -47.22
N SER C 537 13.80 -4.69 -46.29
CA SER C 537 14.96 -3.86 -46.54
C SER C 537 15.89 -4.49 -47.59
N PRO C 538 16.09 -3.82 -48.76
CA PRO C 538 16.83 -4.38 -49.89
C PRO C 538 18.18 -5.09 -49.65
N PRO C 539 19.05 -4.61 -48.73
CA PRO C 539 20.30 -5.31 -48.45
C PRO C 539 20.15 -6.72 -47.88
N TYR C 540 19.11 -6.92 -47.06
CA TYR C 540 18.77 -8.19 -46.46
C TYR C 540 18.08 -9.13 -47.43
N LEU C 541 17.36 -8.55 -48.40
CA LEU C 541 16.74 -9.26 -49.50
C LEU C 541 17.81 -9.90 -50.38
N GLY C 542 18.77 -9.09 -50.84
CA GLY C 542 19.91 -9.51 -51.64
C GLY C 542 20.69 -10.67 -51.02
N LEU C 543 20.90 -10.63 -49.70
CA LEU C 543 21.54 -11.70 -48.92
C LEU C 543 20.77 -13.02 -49.02
N LEU C 544 19.47 -12.98 -48.72
CA LEU C 544 18.56 -14.13 -48.78
C LEU C 544 18.44 -14.69 -50.20
N LEU C 545 18.36 -13.80 -51.19
CA LEU C 545 18.34 -14.15 -52.60
C LEU C 545 19.63 -14.84 -53.04
N ALA C 546 20.78 -14.24 -52.70
CA ALA C 546 22.10 -14.76 -53.04
C ALA C 546 22.36 -16.14 -52.45
N ALA C 547 21.96 -16.30 -51.19
CA ALA C 547 22.05 -17.54 -50.42
C ALA C 547 21.19 -18.68 -50.97
N THR C 548 20.23 -18.36 -51.84
CA THR C 548 19.31 -19.32 -52.45
C THR C 548 19.44 -19.31 -53.99
N GLY C 549 20.43 -18.58 -54.53
CA GLY C 549 20.77 -18.49 -55.96
C GLY C 549 19.86 -17.54 -56.75
N ASN C 550 18.74 -17.12 -56.17
CA ASN C 550 17.65 -16.37 -56.80
C ASN C 550 17.94 -14.90 -57.11
N LEU C 551 19.13 -14.41 -56.76
CA LEU C 551 19.55 -13.02 -56.90
C LEU C 551 19.52 -12.54 -58.35
N ASN C 552 20.14 -13.31 -59.25
CA ASN C 552 20.21 -12.97 -60.67
C ASN C 552 18.82 -13.00 -61.32
N ALA C 553 17.99 -13.97 -60.92
CA ALA C 553 16.60 -14.08 -61.35
C ALA C 553 15.77 -12.86 -60.95
N HIS C 554 15.87 -12.47 -59.67
CA HIS C 554 15.19 -11.30 -59.11
C HIS C 554 15.64 -9.99 -59.76
N LEU C 555 16.95 -9.85 -59.99
CA LEU C 555 17.54 -8.69 -60.67
C LEU C 555 17.10 -8.56 -62.14
N GLN C 556 17.10 -9.69 -62.87
CA GLN C 556 16.65 -9.72 -64.26
C GLN C 556 15.14 -9.50 -64.41
N GLN C 557 14.36 -9.94 -63.42
CA GLN C 557 12.93 -9.68 -63.26
C GLN C 557 12.78 -8.28 -62.68
N MET D 1 12.93 -22.29 22.15
CA MET D 1 12.44 -22.94 20.89
C MET D 1 12.98 -22.10 19.70
N LYS D 2 12.98 -22.73 18.53
CA LYS D 2 13.29 -22.13 17.25
C LYS D 2 12.04 -22.19 16.37
N TYR D 3 11.88 -21.20 15.49
CA TYR D 3 10.76 -21.08 14.59
C TYR D 3 11.32 -20.75 13.21
N ILE D 4 10.82 -21.46 12.20
CA ILE D 4 11.07 -21.13 10.81
C ILE D 4 9.71 -20.84 10.18
N LEU D 5 9.62 -19.70 9.51
CA LEU D 5 8.45 -19.27 8.78
C LEU D 5 8.75 -19.33 7.30
N VAL D 6 8.09 -20.24 6.61
CA VAL D 6 8.15 -20.36 5.17
C VAL D 6 6.95 -19.60 4.57
N THR D 7 7.26 -18.57 3.80
CA THR D 7 6.32 -17.71 3.09
C THR D 7 6.44 -17.97 1.58
N GLY D 8 5.35 -17.73 0.85
CA GLY D 8 5.28 -17.88 -0.58
C GLY D 8 5.00 -16.53 -1.20
N GLY D 9 5.60 -16.30 -2.36
CA GLY D 9 5.61 -14.99 -2.98
C GLY D 9 4.52 -14.84 -4.02
N VAL D 10 4.70 -15.50 -5.16
CA VAL D 10 4.02 -15.13 -6.40
C VAL D 10 2.74 -15.96 -6.62
N ILE D 11 2.86 -17.24 -6.32
CA ILE D 11 1.86 -18.27 -6.48
C ILE D 11 2.14 -19.34 -5.42
N SER D 12 1.11 -20.09 -5.06
CA SER D 12 1.18 -21.10 -4.01
C SER D 12 1.73 -22.46 -4.48
N GLY D 13 1.49 -22.77 -5.77
CA GLY D 13 1.67 -24.09 -6.38
C GLY D 13 3.12 -24.39 -6.79
N ILE D 14 4.11 -23.83 -6.10
CA ILE D 14 5.53 -23.93 -6.42
C ILE D 14 6.28 -24.95 -5.56
N GLY D 15 5.55 -25.69 -4.74
CA GLY D 15 6.13 -26.77 -3.94
C GLY D 15 6.67 -26.23 -2.61
N LYS D 16 6.14 -25.10 -2.13
CA LYS D 16 6.42 -24.51 -0.83
C LYS D 16 6.29 -25.49 0.36
N GLY D 17 5.37 -26.45 0.26
CA GLY D 17 5.20 -27.53 1.22
C GLY D 17 6.37 -28.51 1.21
N ILE D 18 6.93 -28.76 0.03
CA ILE D 18 8.08 -29.65 -0.14
C ILE D 18 9.36 -28.98 0.35
N ILE D 19 9.49 -27.67 0.13
CA ILE D 19 10.56 -26.85 0.71
C ILE D 19 10.53 -26.90 2.24
N ALA D 20 9.36 -26.63 2.83
CA ALA D 20 9.13 -26.67 4.27
C ALA D 20 9.43 -28.03 4.90
N SER D 21 8.98 -29.08 4.23
CA SER D 21 9.22 -30.47 4.62
C SER D 21 10.70 -30.87 4.49
N SER D 22 11.38 -30.36 3.46
CA SER D 22 12.80 -30.61 3.22
C SER D 22 13.68 -29.90 4.23
N ILE D 23 13.31 -28.68 4.61
CA ILE D 23 13.90 -27.94 5.70
C ILE D 23 13.79 -28.69 7.04
N GLY D 24 12.61 -29.24 7.31
CA GLY D 24 12.35 -30.09 8.46
C GLY D 24 13.25 -31.33 8.48
N THR D 25 13.39 -32.04 7.35
CA THR D 25 14.10 -33.31 7.34
C THR D 25 15.63 -33.11 7.42
N ILE D 26 16.09 -31.95 6.94
CA ILE D 26 17.45 -31.44 7.14
C ILE D 26 17.74 -31.19 8.63
N LEU D 27 16.84 -30.49 9.33
CA LEU D 27 16.97 -30.22 10.75
C LEU D 27 16.88 -31.48 11.61
N LYS D 28 16.03 -32.43 11.19
CA LYS D 28 15.89 -33.75 11.78
C LYS D 28 17.20 -34.55 11.72
N SER D 29 17.92 -34.46 10.60
CA SER D 29 19.24 -35.06 10.43
C SER D 29 20.31 -34.41 11.32
N CYS D 30 20.15 -33.10 11.57
CA CYS D 30 20.95 -32.33 12.51
C CYS D 30 20.56 -32.57 13.98
N GLY D 31 19.63 -33.51 14.25
CA GLY D 31 19.33 -34.02 15.58
C GLY D 31 18.23 -33.24 16.30
N LEU D 32 17.54 -32.33 15.61
CA LEU D 32 16.43 -31.59 16.19
C LEU D 32 15.14 -32.41 16.09
N ARG D 33 14.37 -32.46 17.17
CA ARG D 33 12.96 -32.81 17.16
C ARG D 33 12.19 -31.64 16.50
N VAL D 34 11.51 -31.95 15.41
CA VAL D 34 10.82 -30.98 14.59
C VAL D 34 9.32 -31.24 14.68
N THR D 35 8.56 -30.17 14.84
CA THR D 35 7.12 -30.15 14.59
C THR D 35 6.86 -29.17 13.44
N ALA D 36 5.62 -29.18 12.98
CA ALA D 36 5.17 -28.34 11.90
C ALA D 36 3.79 -27.79 12.17
N ILE D 37 3.54 -26.61 11.63
CA ILE D 37 2.26 -25.94 11.62
C ILE D 37 2.02 -25.45 10.21
N LYS D 38 0.84 -25.71 9.69
CA LYS D 38 0.37 -25.13 8.46
C LYS D 38 -0.66 -24.06 8.82
N ILE D 39 -0.43 -22.87 8.31
CA ILE D 39 -1.40 -21.79 8.32
C ILE D 39 -2.03 -21.70 6.95
N ASP D 40 -3.36 -21.80 6.91
CA ASP D 40 -4.18 -21.66 5.73
C ASP D 40 -5.10 -20.46 5.95
N PRO D 41 -4.79 -19.30 5.35
CA PRO D 41 -5.60 -18.07 5.49
C PRO D 41 -7.07 -18.10 5.04
N TYR D 42 -7.61 -19.26 4.65
CA TYR D 42 -9.03 -19.40 4.36
C TYR D 42 -9.90 -19.36 5.63
N ILE D 43 -11.15 -18.96 5.46
CA ILE D 43 -12.12 -18.76 6.54
C ILE D 43 -12.74 -20.10 6.98
N ASN D 44 -12.54 -21.14 6.18
CA ASN D 44 -12.92 -22.53 6.45
C ASN D 44 -12.20 -23.03 7.70
N ILE D 45 -12.93 -23.72 8.58
CA ILE D 45 -12.40 -24.28 9.81
C ILE D 45 -11.52 -25.51 9.56
N ASP D 46 -11.88 -26.26 8.52
CA ASP D 46 -11.33 -27.55 8.18
C ASP D 46 -11.54 -27.74 6.68
N ALA D 47 -10.82 -28.71 6.12
CA ALA D 47 -10.88 -29.09 4.72
C ALA D 47 -11.99 -30.11 4.41
N GLY D 48 -12.79 -30.48 5.41
CA GLY D 48 -13.84 -31.49 5.30
C GLY D 48 -15.00 -31.04 4.42
N THR D 49 -15.13 -29.73 4.22
CA THR D 49 -16.12 -29.10 3.37
C THR D 49 -15.73 -29.08 1.89
N PHE D 50 -14.44 -29.30 1.57
CA PHE D 50 -13.90 -29.02 0.25
C PHE D 50 -14.20 -30.10 -0.79
N SER D 51 -14.31 -29.62 -2.03
CA SER D 51 -14.08 -30.41 -3.23
C SER D 51 -12.57 -30.64 -3.37
N PRO D 52 -12.14 -31.87 -3.72
CA PRO D 52 -10.74 -32.16 -4.05
C PRO D 52 -10.10 -31.25 -5.11
N TYR D 53 -10.89 -30.78 -6.08
CA TYR D 53 -10.40 -29.91 -7.15
C TYR D 53 -9.94 -28.53 -6.67
N GLU D 54 -10.30 -28.15 -5.44
CA GLU D 54 -10.07 -26.84 -4.88
C GLU D 54 -8.64 -26.70 -4.34
N HIS D 55 -8.23 -27.62 -3.46
CA HIS D 55 -6.95 -27.56 -2.76
C HIS D 55 -6.20 -28.90 -2.78
N GLY D 56 -6.72 -29.90 -3.49
CA GLY D 56 -6.15 -31.22 -3.55
C GLY D 56 -6.82 -32.13 -2.52
N GLU D 57 -6.21 -33.29 -2.27
CA GLU D 57 -6.73 -34.29 -1.35
C GLU D 57 -6.85 -33.78 0.09
N VAL D 58 -7.99 -34.08 0.70
CA VAL D 58 -8.24 -33.87 2.10
C VAL D 58 -7.51 -34.96 2.87
N PHE D 59 -6.45 -34.55 3.58
CA PHE D 59 -5.66 -35.40 4.41
C PHE D 59 -6.34 -35.54 5.77
N VAL D 60 -6.31 -36.75 6.32
CA VAL D 60 -6.95 -37.07 7.56
C VAL D 60 -5.88 -37.41 8.59
N LEU D 61 -6.00 -36.77 9.74
CA LEU D 61 -5.17 -36.95 10.90
C LEU D 61 -5.81 -37.97 11.84
N ASN D 62 -5.02 -38.51 12.77
CA ASN D 62 -5.42 -39.53 13.73
C ASN D 62 -6.61 -39.12 14.60
N ASP D 63 -6.65 -37.84 14.97
CA ASP D 63 -7.71 -37.24 15.80
C ASP D 63 -9.00 -36.93 15.03
N GLY D 64 -9.01 -37.16 13.70
CA GLY D 64 -10.16 -36.91 12.87
C GLY D 64 -10.13 -35.49 12.30
N GLY D 65 -8.97 -34.83 12.27
CA GLY D 65 -8.79 -33.57 11.57
C GLY D 65 -8.76 -33.85 10.07
N GLU D 66 -9.59 -33.13 9.32
CA GLU D 66 -9.63 -33.10 7.86
C GLU D 66 -8.91 -31.82 7.45
N VAL D 67 -7.71 -31.96 6.91
CA VAL D 67 -6.78 -30.87 6.67
C VAL D 67 -6.16 -30.96 5.25
N ASP D 68 -5.33 -29.97 4.93
CA ASP D 68 -4.60 -29.84 3.67
C ASP D 68 -3.53 -30.94 3.50
N LEU D 69 -3.23 -31.27 2.23
CA LEU D 69 -2.22 -32.23 1.83
C LEU D 69 -0.79 -31.90 2.28
N ASP D 70 -0.46 -30.61 2.50
CA ASP D 70 0.83 -30.19 3.06
C ASP D 70 1.11 -30.75 4.46
N LEU D 71 0.08 -30.99 5.28
CA LEU D 71 0.24 -31.71 6.54
C LEU D 71 0.67 -33.16 6.32
N GLY D 72 0.23 -33.75 5.21
CA GLY D 72 0.61 -35.08 4.78
C GLY D 72 2.07 -35.11 4.34
N ASN D 73 2.55 -34.07 3.64
CA ASN D 73 3.96 -33.92 3.29
C ASN D 73 4.87 -33.84 4.51
N TYR D 74 4.46 -33.13 5.57
CA TYR D 74 5.20 -33.12 6.82
C TYR D 74 5.35 -34.52 7.41
N GLU D 75 4.23 -35.26 7.49
CA GLU D 75 4.20 -36.63 7.95
C GLU D 75 5.00 -37.64 7.10
N ARG D 76 5.19 -37.37 5.81
CA ARG D 76 5.96 -38.23 4.91
C ARG D 76 7.47 -37.96 4.98
N PHE D 77 7.87 -36.70 5.19
CA PHE D 77 9.27 -36.31 5.30
C PHE D 77 9.83 -36.43 6.73
N LEU D 78 8.95 -36.29 7.71
CA LEU D 78 9.22 -36.34 9.13
C LEU D 78 8.25 -37.36 9.67
N ASP D 79 8.71 -38.41 10.35
CA ASP D 79 7.87 -39.51 10.83
C ASP D 79 7.09 -39.11 12.10
N ILE D 80 6.34 -38.02 11.97
CA ILE D 80 5.50 -37.41 12.98
C ILE D 80 4.03 -37.72 12.67
N ASN D 81 3.15 -37.50 13.65
CA ASN D 81 1.70 -37.54 13.50
C ASN D 81 1.18 -36.27 14.13
N LEU D 82 0.42 -35.51 13.35
CA LEU D 82 -0.08 -34.20 13.70
C LEU D 82 -1.49 -34.25 14.27
N TYR D 83 -1.88 -33.13 14.86
CA TYR D 83 -3.17 -32.90 15.50
C TYR D 83 -3.87 -31.77 14.76
N LYS D 84 -5.19 -31.64 14.96
CA LYS D 84 -6.06 -30.60 14.38
C LYS D 84 -5.48 -29.19 14.47
N ASP D 85 -4.96 -28.85 15.64
CA ASP D 85 -4.46 -27.52 15.97
C ASP D 85 -3.13 -27.18 15.31
N ASN D 86 -2.46 -28.14 14.68
CA ASN D 86 -1.33 -27.90 13.80
C ASN D 86 -1.77 -27.33 12.44
N ASN D 87 -3.08 -27.30 12.18
CA ASN D 87 -3.69 -26.53 11.13
C ASN D 87 -4.32 -25.29 11.78
N ILE D 88 -3.79 -24.11 11.47
CA ILE D 88 -4.39 -22.85 11.86
C ILE D 88 -5.09 -22.30 10.61
N THR D 89 -6.30 -21.79 10.80
CA THR D 89 -7.00 -21.06 9.77
C THR D 89 -7.52 -19.76 10.37
N THR D 90 -7.79 -18.80 9.49
CA THR D 90 -8.47 -17.56 9.81
C THR D 90 -9.84 -17.79 10.48
N GLY D 91 -10.54 -18.84 10.05
CA GLY D 91 -11.79 -19.30 10.61
C GLY D 91 -11.66 -19.68 12.08
N LYS D 92 -10.66 -20.52 12.38
CA LYS D 92 -10.36 -20.98 13.73
C LYS D 92 -9.97 -19.86 14.68
N ILE D 93 -9.17 -18.92 14.19
CA ILE D 93 -8.71 -17.76 14.92
C ILE D 93 -9.85 -16.79 15.22
N TYR D 94 -10.59 -16.38 14.20
CA TYR D 94 -11.71 -15.47 14.35
C TYR D 94 -12.82 -16.05 15.23
N GLN D 95 -13.11 -17.35 15.12
CA GLN D 95 -14.07 -18.03 15.97
C GLN D 95 -13.65 -18.04 17.44
N HIS D 96 -12.38 -18.38 17.71
CA HIS D 96 -11.79 -18.39 19.04
C HIS D 96 -11.86 -17.03 19.73
N VAL D 97 -11.49 -15.99 19.00
CA VAL D 97 -11.54 -14.60 19.43
C VAL D 97 -12.98 -14.09 19.68
N ILE D 98 -13.92 -14.47 18.83
CA ILE D 98 -15.34 -14.19 18.98
C ILE D 98 -15.92 -14.85 20.24
N ASN D 99 -15.56 -16.11 20.47
CA ASN D 99 -15.99 -16.89 21.61
C ASN D 99 -15.47 -16.31 22.93
N LYS D 100 -14.21 -15.84 22.94
CA LYS D 100 -13.60 -15.10 24.03
C LYS D 100 -14.33 -13.79 24.36
N GLU D 101 -14.71 -13.03 23.33
CA GLU D 101 -15.41 -11.77 23.43
C GLU D 101 -16.78 -11.92 24.10
N ARG D 102 -17.55 -12.93 23.68
CA ARG D 102 -18.84 -13.29 24.26
C ARG D 102 -18.77 -13.71 25.74
N ARG D 103 -17.66 -14.32 26.15
CA ARG D 103 -17.38 -14.62 27.56
C ARG D 103 -16.91 -13.39 28.37
N GLY D 104 -16.41 -12.37 27.70
CA GLY D 104 -15.90 -11.15 28.35
C GLY D 104 -14.41 -11.24 28.67
N ASP D 105 -13.69 -12.21 28.10
CA ASP D 105 -12.25 -12.47 28.33
C ASP D 105 -11.33 -11.30 27.92
N TYR D 106 -11.82 -10.40 27.08
CA TYR D 106 -11.13 -9.19 26.63
C TYR D 106 -11.52 -7.95 27.44
N LEU D 107 -12.16 -8.15 28.59
CA LEU D 107 -12.28 -7.20 29.71
C LEU D 107 -13.01 -5.90 29.36
N GLY D 108 -13.96 -5.99 28.44
CA GLY D 108 -14.79 -4.88 28.02
C GLY D 108 -14.10 -3.94 27.04
N LYS D 109 -12.88 -4.25 26.57
CA LYS D 109 -12.20 -3.48 25.54
C LYS D 109 -12.57 -3.95 24.15
N THR D 110 -12.45 -3.03 23.19
CA THR D 110 -12.67 -3.23 21.77
C THR D 110 -11.70 -4.25 21.17
N VAL D 111 -12.27 -5.32 20.62
CA VAL D 111 -11.53 -6.37 19.98
C VAL D 111 -11.28 -6.01 18.52
N GLN D 112 -10.02 -6.10 18.11
CA GLN D 112 -9.54 -5.68 16.81
C GLN D 112 -8.33 -6.54 16.42
N VAL D 113 -7.99 -6.55 15.14
CA VAL D 113 -7.05 -7.48 14.54
C VAL D 113 -5.66 -7.44 15.18
N VAL D 114 -5.11 -6.24 15.26
CA VAL D 114 -4.02 -5.96 16.15
C VAL D 114 -4.67 -5.26 17.35
N PRO D 115 -4.54 -5.79 18.58
CA PRO D 115 -3.70 -6.91 18.97
C PRO D 115 -4.33 -8.31 18.91
N HIS D 116 -5.66 -8.42 19.01
CA HIS D 116 -6.32 -9.61 19.54
C HIS D 116 -6.25 -10.86 18.66
N ILE D 117 -6.35 -10.66 17.35
CA ILE D 117 -6.19 -11.71 16.35
C ILE D 117 -4.72 -12.12 16.24
N THR D 118 -3.82 -11.13 16.23
CA THR D 118 -2.38 -11.36 16.16
C THR D 118 -1.81 -12.03 17.42
N ASP D 119 -2.37 -11.73 18.59
CA ASP D 119 -2.08 -12.38 19.85
C ASP D 119 -2.57 -13.82 19.91
N ALA D 120 -3.77 -14.09 19.39
CA ALA D 120 -4.35 -15.42 19.29
C ALA D 120 -3.49 -16.37 18.45
N ILE D 121 -2.98 -15.87 17.33
CA ILE D 121 -2.06 -16.56 16.45
C ILE D 121 -0.75 -16.92 17.15
N GLN D 122 -0.14 -15.95 17.84
CA GLN D 122 1.09 -16.12 18.60
C GLN D 122 0.94 -17.11 19.77
N GLU D 123 -0.17 -17.01 20.50
CA GLU D 123 -0.59 -17.93 21.54
C GLU D 123 -0.70 -19.37 21.01
N TRP D 124 -1.40 -19.54 19.89
CA TRP D 124 -1.63 -20.81 19.23
C TRP D 124 -0.32 -21.45 18.77
N VAL D 125 0.50 -20.66 18.07
CA VAL D 125 1.79 -21.06 17.56
C VAL D 125 2.75 -21.49 18.66
N MET D 126 2.87 -20.71 19.74
CA MET D 126 3.68 -21.05 20.91
C MET D 126 3.25 -22.37 21.54
N ASN D 127 1.97 -22.47 21.84
CA ASN D 127 1.42 -23.56 22.62
C ASN D 127 1.34 -24.86 21.84
N GLN D 128 1.07 -24.79 20.53
CA GLN D 128 1.03 -25.98 19.69
C GLN D 128 2.42 -26.40 19.23
N ALA D 129 3.37 -25.47 19.14
CA ALA D 129 4.75 -25.80 18.85
C ALA D 129 5.39 -26.61 19.98
N LYS D 130 4.97 -26.38 21.23
CA LYS D 130 5.34 -27.20 22.38
C LYS D 130 4.75 -28.62 22.40
N VAL D 131 3.80 -28.95 21.52
CA VAL D 131 3.17 -30.27 21.49
C VAL D 131 4.01 -31.28 20.70
N SER D 132 4.20 -32.44 21.32
CA SER D 132 4.93 -33.58 20.79
C SER D 132 4.12 -34.34 19.74
N VAL D 133 4.56 -34.20 18.50
CA VAL D 133 4.06 -34.91 17.33
C VAL D 133 4.99 -36.08 16.95
N ASP D 134 6.20 -36.07 17.51
CA ASP D 134 7.32 -36.97 17.26
C ASP D 134 7.18 -38.35 17.91
N GLY D 135 6.19 -38.50 18.81
CA GLY D 135 5.96 -39.74 19.54
C GLY D 135 6.89 -39.89 20.74
N ASN D 136 7.54 -38.80 21.17
CA ASN D 136 8.41 -38.74 22.33
C ASN D 136 7.71 -37.88 23.40
N LYS D 137 7.91 -38.20 24.67
CA LYS D 137 7.41 -37.44 25.81
C LYS D 137 8.41 -36.31 26.14
N GLU D 138 8.64 -35.44 25.15
CA GLU D 138 9.61 -34.37 25.19
C GLU D 138 9.20 -33.33 24.16
N ASP D 139 9.14 -32.07 24.58
CA ASP D 139 8.79 -30.93 23.72
C ASP D 139 9.84 -30.78 22.61
N PRO D 140 9.39 -30.51 21.36
CA PRO D 140 10.30 -30.34 20.23
C PRO D 140 11.13 -29.05 20.32
N GLN D 141 12.16 -29.00 19.49
CA GLN D 141 13.16 -27.95 19.50
C GLN D 141 12.83 -26.85 18.50
N ILE D 142 12.13 -27.22 17.42
CA ILE D 142 11.92 -26.35 16.29
C ILE D 142 10.55 -26.61 15.66
N CYS D 143 9.85 -25.53 15.30
CA CYS D 143 8.61 -25.55 14.56
C CYS D 143 8.88 -24.94 13.19
N VAL D 144 8.51 -25.67 12.13
CA VAL D 144 8.43 -25.10 10.80
C VAL D 144 6.97 -24.69 10.57
N ILE D 145 6.75 -23.40 10.40
CA ILE D 145 5.47 -22.81 10.11
C ILE D 145 5.45 -22.53 8.60
N GLU D 146 4.48 -23.07 7.88
CA GLU D 146 4.25 -22.71 6.50
C GLU D 146 3.03 -21.80 6.47
N LEU D 147 3.25 -20.56 6.00
CA LEU D 147 2.21 -19.61 5.71
C LEU D 147 1.77 -19.86 4.27
N GLY D 148 0.64 -20.54 4.15
CA GLY D 148 0.00 -20.87 2.91
C GLY D 148 -0.58 -19.62 2.26
N GLY D 149 -0.74 -19.68 0.94
CA GLY D 149 -1.21 -18.56 0.16
C GLY D 149 0.00 -17.85 -0.44
N THR D 150 -0.19 -16.58 -0.77
CA THR D 150 0.81 -15.65 -1.20
C THR D 150 0.82 -14.47 -0.23
N ILE D 151 1.94 -13.76 -0.19
CA ILE D 151 2.12 -12.52 0.56
C ILE D 151 1.33 -11.31 -0.02
N GLY D 152 0.58 -11.51 -1.10
CA GLY D 152 -0.40 -10.54 -1.59
C GLY D 152 -1.81 -10.82 -1.03
N ASP D 153 -2.06 -12.01 -0.46
CA ASP D 153 -3.37 -12.45 0.01
C ASP D 153 -3.76 -11.67 1.28
N ILE D 154 -4.82 -10.87 1.17
CA ILE D 154 -5.31 -9.99 2.23
C ILE D 154 -5.65 -10.70 3.55
N GLU D 155 -6.12 -11.94 3.47
CA GLU D 155 -6.42 -12.81 4.59
C GLU D 155 -5.17 -13.20 5.40
N GLY D 156 -4.01 -13.23 4.72
CA GLY D 156 -2.74 -13.65 5.28
C GLY D 156 -2.06 -12.53 6.04
N MET D 157 -2.48 -11.27 5.88
CA MET D 157 -1.78 -10.09 6.37
C MET D 157 -1.74 -9.99 7.89
N ALA D 158 -2.78 -10.54 8.55
CA ALA D 158 -2.85 -10.71 9.98
C ALA D 158 -1.77 -11.64 10.53
N PHE D 159 -1.50 -12.72 9.79
CA PHE D 159 -0.47 -13.68 10.11
C PHE D 159 0.92 -13.10 9.96
N VAL D 160 1.17 -12.35 8.88
CA VAL D 160 2.46 -11.71 8.66
C VAL D 160 2.76 -10.65 9.73
N GLU D 161 1.74 -9.88 10.13
CA GLU D 161 1.79 -8.95 11.24
C GLU D 161 2.07 -9.64 12.59
N ALA D 162 1.43 -10.78 12.82
CA ALA D 162 1.70 -11.63 13.97
C ALA D 162 3.16 -12.10 14.03
N PHE D 163 3.69 -12.55 12.90
CA PHE D 163 5.08 -12.97 12.79
C PHE D 163 6.10 -11.85 12.90
N ARG D 164 5.74 -10.64 12.47
CA ARG D 164 6.51 -9.42 12.69
C ARG D 164 6.69 -9.14 14.18
N GLN D 165 5.61 -9.24 14.95
CA GLN D 165 5.62 -9.12 16.40
C GLN D 165 6.41 -10.24 17.08
N PHE D 166 6.20 -11.47 16.62
CA PHE D 166 6.75 -12.69 17.19
C PHE D 166 8.28 -12.76 17.08
N GLN D 167 8.80 -12.25 15.97
CA GLN D 167 10.20 -11.97 15.65
C GLN D 167 10.89 -11.01 16.65
N PHE D 168 10.11 -10.33 17.48
CA PHE D 168 10.53 -9.39 18.49
C PHE D 168 9.99 -9.79 19.87
N LYS D 169 9.75 -11.08 20.07
CA LYS D 169 9.35 -11.71 21.33
C LYS D 169 10.27 -12.90 21.55
N ALA D 170 10.19 -13.85 20.61
CA ALA D 170 11.29 -14.73 20.26
C ALA D 170 12.37 -13.87 19.57
N LYS D 171 13.63 -14.17 19.79
CA LYS D 171 14.73 -13.35 19.33
C LYS D 171 15.13 -13.76 17.91
N LYS D 172 16.01 -12.97 17.28
CA LYS D 172 16.45 -13.18 15.90
C LYS D 172 17.24 -14.49 15.69
N GLU D 173 17.82 -15.02 16.77
CA GLU D 173 18.43 -16.35 16.79
C GLU D 173 17.39 -17.47 16.76
N ASN D 174 16.14 -17.16 17.11
CA ASN D 174 15.03 -18.09 17.21
C ASN D 174 14.10 -18.04 16.00
N PHE D 175 14.20 -17.04 15.12
CA PHE D 175 13.19 -16.80 14.09
C PHE D 175 13.90 -16.62 12.76
N TYR D 176 13.55 -17.46 11.79
CA TYR D 176 14.08 -17.42 10.43
C TYR D 176 12.91 -17.37 9.46
N ASN D 177 12.90 -16.38 8.57
CA ASN D 177 11.93 -16.27 7.50
C ASN D 177 12.59 -16.77 6.22
N ILE D 178 11.96 -17.77 5.60
CA ILE D 178 12.29 -18.28 4.29
C ILE D 178 11.19 -17.82 3.33
N HIS D 179 11.59 -17.30 2.18
CA HIS D 179 10.68 -16.80 1.16
C HIS D 179 10.87 -17.62 -0.11
N VAL D 180 9.82 -18.34 -0.52
CA VAL D 180 9.81 -19.10 -1.75
C VAL D 180 9.11 -18.27 -2.82
N SER D 181 9.80 -18.05 -3.93
CA SER D 181 9.32 -17.23 -5.03
C SER D 181 9.54 -17.96 -6.35
N LEU D 182 8.72 -17.60 -7.33
CA LEU D 182 8.81 -18.04 -8.70
C LEU D 182 9.68 -17.05 -9.49
N VAL D 183 10.58 -17.61 -10.28
CA VAL D 183 11.32 -16.93 -11.32
C VAL D 183 10.89 -17.54 -12.66
N PRO D 184 9.91 -16.93 -13.36
CA PRO D 184 9.45 -17.45 -14.65
C PRO D 184 10.41 -17.15 -15.80
N GLN D 185 10.34 -18.01 -16.83
CA GLN D 185 11.04 -17.85 -18.10
C GLN D 185 10.05 -18.24 -19.21
N PRO D 186 9.27 -17.26 -19.72
CA PRO D 186 8.22 -17.50 -20.73
C PRO D 186 8.65 -18.14 -22.06
N SER D 187 9.91 -17.93 -22.47
CA SER D 187 10.52 -18.68 -23.56
C SER D 187 12.00 -18.88 -23.21
N ALA D 188 12.58 -19.98 -23.71
CA ALA D 188 13.99 -20.34 -23.49
C ALA D 188 15.00 -19.39 -24.15
N THR D 189 14.54 -18.56 -25.10
CA THR D 189 15.34 -17.52 -25.73
C THR D 189 15.21 -16.16 -25.01
N GLY D 190 14.30 -16.08 -24.03
CA GLY D 190 14.12 -14.92 -23.16
C GLY D 190 14.85 -15.20 -21.86
N GLU D 191 15.13 -14.13 -21.09
CA GLU D 191 15.74 -14.22 -19.77
C GLU D 191 14.77 -14.79 -18.71
N GLN D 192 15.36 -15.27 -17.62
CA GLN D 192 14.69 -15.55 -16.37
C GLN D 192 14.35 -14.22 -15.68
N LYS D 193 13.08 -14.03 -15.34
CA LYS D 193 12.56 -12.76 -14.87
C LYS D 193 12.47 -12.76 -13.35
N THR D 194 13.13 -11.79 -12.72
CA THR D 194 13.25 -11.67 -11.28
C THR D 194 12.22 -10.70 -10.67
N LYS D 195 11.60 -9.82 -11.46
CA LYS D 195 10.73 -8.75 -10.99
C LYS D 195 9.63 -9.16 -9.99
N PRO D 196 8.90 -10.27 -10.23
CA PRO D 196 7.96 -10.81 -9.25
C PRO D 196 8.56 -11.15 -7.88
N THR D 197 9.81 -11.63 -7.85
CA THR D 197 10.52 -11.89 -6.61
C THR D 197 10.93 -10.62 -5.87
N GLN D 198 11.41 -9.61 -6.60
CA GLN D 198 11.73 -8.28 -6.07
C GLN D 198 10.51 -7.61 -5.42
N ASN D 199 9.41 -7.66 -6.16
CA ASN D 199 8.12 -7.07 -5.80
C ASN D 199 7.52 -7.76 -4.57
N SER D 200 7.67 -9.08 -4.50
CA SER D 200 7.20 -9.91 -3.40
C SER D 200 8.00 -9.69 -2.11
N VAL D 201 9.32 -9.59 -2.24
CA VAL D 201 10.19 -9.27 -1.11
C VAL D 201 9.97 -7.84 -0.60
N ARG D 202 9.68 -6.89 -1.50
CA ARG D 202 9.30 -5.53 -1.15
C ARG D 202 8.00 -5.49 -0.33
N ALA D 203 7.01 -6.31 -0.71
CA ALA D 203 5.77 -6.49 0.03
C ALA D 203 6.01 -7.08 1.43
N LEU D 204 6.81 -8.15 1.48
CA LEU D 204 7.19 -8.84 2.70
C LEU D 204 7.92 -7.93 3.70
N ARG D 205 8.86 -7.12 3.19
CA ARG D 205 9.54 -6.07 3.92
C ARG D 205 8.60 -4.98 4.43
N GLY D 206 7.60 -4.62 3.61
CA GLY D 206 6.53 -3.68 3.95
C GLY D 206 5.69 -4.17 5.12
N LEU D 207 5.53 -5.49 5.25
CA LEU D 207 4.82 -6.15 6.33
C LEU D 207 5.75 -6.53 7.50
N GLY D 208 7.03 -6.22 7.39
CA GLY D 208 7.97 -6.23 8.50
C GLY D 208 8.75 -7.53 8.65
N LEU D 209 8.85 -8.35 7.61
CA LEU D 209 9.71 -9.53 7.60
C LEU D 209 10.81 -9.36 6.56
N SER D 210 12.03 -9.73 6.93
CA SER D 210 13.18 -9.76 6.05
C SER D 210 13.51 -11.24 5.82
N PRO D 211 13.60 -11.68 4.54
CA PRO D 211 14.10 -13.01 4.22
C PRO D 211 15.51 -13.29 4.76
N ASP D 212 15.64 -14.40 5.47
CA ASP D 212 16.90 -15.03 5.79
C ASP D 212 17.40 -15.83 4.60
N LEU D 213 16.48 -16.52 3.93
CA LEU D 213 16.72 -17.23 2.69
C LEU D 213 15.63 -16.86 1.70
N ILE D 214 16.01 -16.75 0.43
CA ILE D 214 15.10 -16.63 -0.69
C ILE D 214 15.33 -17.86 -1.57
N VAL D 215 14.27 -18.63 -1.77
CA VAL D 215 14.26 -19.85 -2.53
C VAL D 215 13.60 -19.56 -3.86
N CYS D 216 14.41 -19.46 -4.90
CA CYS D 216 13.98 -19.17 -6.24
C CYS D 216 13.66 -20.48 -6.95
N ARG D 217 12.38 -20.68 -7.22
CA ARG D 217 11.86 -21.75 -8.04
C ARG D 217 11.86 -21.33 -9.50
N SER D 218 12.40 -22.20 -10.33
CA SER D 218 12.47 -22.08 -11.76
C SER D 218 12.42 -23.48 -12.36
N SER D 219 12.24 -23.57 -13.67
CA SER D 219 12.33 -24.79 -14.44
C SER D 219 13.80 -25.23 -14.54
N THR D 220 14.54 -24.52 -15.39
CA THR D 220 15.98 -24.61 -15.55
C THR D 220 16.70 -23.89 -14.39
N PRO D 221 17.96 -24.29 -14.06
CA PRO D 221 18.83 -23.56 -13.15
C PRO D 221 18.97 -22.05 -13.40
N ILE D 222 19.13 -21.32 -12.31
CA ILE D 222 19.28 -19.87 -12.28
C ILE D 222 20.71 -19.48 -12.68
N GLU D 223 20.82 -18.60 -13.67
CA GLU D 223 22.06 -17.95 -14.07
C GLU D 223 22.63 -17.04 -12.97
N MET D 224 23.96 -16.91 -12.91
CA MET D 224 24.65 -16.11 -11.89
C MET D 224 24.29 -14.62 -11.93
N ALA D 225 24.04 -14.10 -13.14
CA ALA D 225 23.56 -12.74 -13.36
C ALA D 225 22.19 -12.48 -12.73
N VAL D 226 21.33 -13.49 -12.84
CA VAL D 226 19.96 -13.48 -12.33
C VAL D 226 19.97 -13.60 -10.80
N LYS D 227 20.86 -14.44 -10.26
CA LYS D 227 21.14 -14.60 -8.85
C LYS D 227 21.66 -13.29 -8.21
N GLU D 228 22.57 -12.59 -8.89
CA GLU D 228 23.05 -11.27 -8.49
C GLU D 228 21.97 -10.17 -8.58
N LYS D 229 21.13 -10.21 -9.62
CA LYS D 229 20.00 -9.32 -9.78
C LYS D 229 18.97 -9.49 -8.65
N ILE D 230 18.72 -10.73 -8.22
CA ILE D 230 17.94 -11.02 -7.02
C ILE D 230 18.64 -10.48 -5.77
N SER D 231 19.94 -10.70 -5.63
CA SER D 231 20.74 -10.26 -4.48
C SER D 231 20.67 -8.75 -4.26
N MET D 232 20.93 -7.98 -5.32
CA MET D 232 20.84 -6.53 -5.34
C MET D 232 19.43 -6.02 -5.02
N PHE D 233 18.46 -6.39 -5.85
CA PHE D 233 17.12 -5.82 -5.80
C PHE D 233 16.20 -6.40 -4.73
N CYS D 234 16.58 -7.52 -4.09
CA CYS D 234 15.92 -8.05 -2.91
C CYS D 234 16.69 -7.69 -1.63
N HIS D 235 17.83 -7.03 -1.77
CA HIS D 235 18.68 -6.46 -0.71
C HIS D 235 19.14 -7.54 0.26
N VAL D 236 19.79 -8.55 -0.30
CA VAL D 236 20.10 -9.81 0.36
C VAL D 236 21.44 -10.31 -0.20
N ASN D 237 22.22 -11.03 0.59
CA ASN D 237 23.53 -11.55 0.17
C ASN D 237 23.37 -12.79 -0.71
N PRO D 238 24.25 -13.00 -1.70
CA PRO D 238 24.16 -14.16 -2.62
C PRO D 238 24.09 -15.55 -1.97
N GLU D 239 24.66 -15.71 -0.79
CA GLU D 239 24.60 -16.92 0.03
C GLU D 239 23.17 -17.28 0.48
N GLN D 240 22.29 -16.28 0.52
CA GLN D 240 20.92 -16.40 0.98
C GLN D 240 19.96 -16.71 -0.16
N VAL D 241 20.40 -16.53 -1.41
CA VAL D 241 19.60 -16.77 -2.59
C VAL D 241 19.95 -18.17 -3.08
N ILE D 242 18.99 -19.08 -3.02
CA ILE D 242 19.18 -20.47 -3.42
C ILE D 242 18.25 -20.80 -4.58
N CYS D 243 18.76 -21.63 -5.48
CA CYS D 243 18.14 -22.04 -6.73
C CYS D 243 17.61 -23.46 -6.54
N ILE D 244 16.29 -23.62 -6.65
CA ILE D 244 15.64 -24.91 -6.67
C ILE D 244 15.00 -25.04 -8.05
N HIS D 245 15.77 -25.61 -8.97
CA HIS D 245 15.32 -25.98 -10.29
C HIS D 245 14.50 -27.27 -10.24
N ASP D 246 13.86 -27.60 -11.35
CA ASP D 246 13.16 -28.86 -11.50
C ASP D 246 14.14 -30.05 -11.54
N VAL D 247 13.73 -31.13 -10.89
CA VAL D 247 14.49 -32.36 -10.66
C VAL D 247 13.56 -33.58 -10.79
N SER D 248 14.14 -34.77 -10.75
CA SER D 248 13.50 -36.06 -10.94
C SER D 248 12.49 -36.47 -9.86
N SER D 249 12.72 -36.02 -8.62
CA SER D 249 12.02 -36.49 -7.45
C SER D 249 12.11 -35.47 -6.31
N THR D 250 11.16 -35.57 -5.39
CA THR D 250 11.16 -34.97 -4.06
C THR D 250 12.38 -35.37 -3.23
N TYR D 251 12.87 -36.60 -3.42
CA TYR D 251 14.03 -37.16 -2.74
C TYR D 251 15.31 -36.33 -2.94
N ARG D 252 15.41 -35.60 -4.05
CA ARG D 252 16.51 -34.71 -4.36
C ARG D 252 16.38 -33.31 -3.77
N VAL D 253 15.18 -32.89 -3.36
CA VAL D 253 14.96 -31.52 -2.90
C VAL D 253 15.71 -31.15 -1.59
N PRO D 254 15.77 -32.06 -0.58
CA PRO D 254 16.69 -31.88 0.57
C PRO D 254 18.17 -31.75 0.18
N LEU D 255 18.61 -32.55 -0.79
CA LEU D 255 19.99 -32.59 -1.27
C LEU D 255 20.38 -31.31 -1.99
N LEU D 256 19.44 -30.79 -2.78
CA LEU D 256 19.59 -29.55 -3.53
C LEU D 256 19.69 -28.34 -2.59
N LEU D 257 18.91 -28.35 -1.51
CA LEU D 257 19.04 -27.39 -0.41
C LEU D 257 20.40 -27.50 0.31
N GLU D 258 20.85 -28.74 0.57
CA GLU D 258 22.18 -29.04 1.10
C GLU D 258 23.32 -28.48 0.23
N GLU D 259 23.28 -28.76 -1.07
CA GLU D 259 24.20 -28.25 -2.09
C GLU D 259 24.22 -26.72 -2.16
N GLN D 260 23.03 -26.10 -2.15
CA GLN D 260 22.88 -24.64 -2.18
C GLN D 260 23.24 -23.95 -0.84
N GLY D 261 23.46 -24.73 0.23
CA GLY D 261 24.15 -24.25 1.43
C GLY D 261 23.21 -24.05 2.62
N VAL D 262 21.96 -24.49 2.53
CA VAL D 262 20.93 -24.29 3.55
C VAL D 262 21.26 -24.98 4.88
N VAL D 263 21.81 -26.19 4.78
CA VAL D 263 22.29 -26.96 5.91
C VAL D 263 23.41 -26.22 6.68
N LYS D 264 24.35 -25.62 5.95
CA LYS D 264 25.43 -24.80 6.47
C LYS D 264 24.90 -23.56 7.16
N TYR D 265 23.97 -22.84 6.50
CA TYR D 265 23.29 -21.66 7.03
C TYR D 265 22.64 -21.95 8.38
N PHE D 266 21.83 -23.01 8.43
CA PHE D 266 21.18 -23.44 9.66
C PHE D 266 22.16 -23.94 10.73
N GLN D 267 23.21 -24.66 10.36
CA GLN D 267 24.25 -25.08 11.30
C GLN D 267 24.96 -23.89 11.95
N GLU D 268 25.35 -22.91 11.14
CA GLU D 268 25.94 -21.65 11.58
C GLU D 268 25.00 -20.83 12.48
N ARG D 269 23.79 -20.52 11.99
CA ARG D 269 22.84 -19.65 12.67
C ARG D 269 22.24 -20.28 13.95
N LEU D 270 21.99 -21.60 13.94
CA LEU D 270 21.47 -22.29 15.12
C LEU D 270 22.59 -22.75 16.08
N GLY D 271 23.84 -22.80 15.61
CA GLY D 271 25.00 -23.15 16.43
C GLY D 271 25.11 -24.67 16.62
N LEU D 272 24.75 -25.45 15.60
CA LEU D 272 24.77 -26.91 15.61
C LEU D 272 26.20 -27.46 15.42
N PRO D 273 26.43 -28.75 15.75
CA PRO D 273 27.62 -29.51 15.31
C PRO D 273 27.95 -29.53 13.83
N LEU D 281 24.55 -37.91 5.89
CA LEU D 281 23.65 -37.14 6.79
C LEU D 281 22.19 -37.26 6.26
N LEU D 282 21.99 -36.82 5.02
CA LEU D 282 20.81 -37.03 4.20
C LEU D 282 21.01 -38.29 3.33
N PHE D 283 21.77 -39.26 3.83
CA PHE D 283 22.18 -40.46 3.12
C PHE D 283 21.01 -41.35 2.72
N LYS D 284 19.97 -41.40 3.56
CA LYS D 284 18.68 -42.04 3.30
C LYS D 284 17.98 -41.45 2.07
N TRP D 285 17.97 -40.12 2.00
CA TRP D 285 17.38 -39.35 0.91
C TRP D 285 18.13 -39.57 -0.40
N LYS D 286 19.45 -39.51 -0.32
CA LYS D 286 20.35 -39.74 -1.45
C LYS D 286 20.26 -41.17 -2.00
N ALA D 287 20.14 -42.15 -1.11
CA ALA D 287 19.91 -43.54 -1.46
C ALA D 287 18.62 -43.75 -2.25
N MET D 288 17.51 -43.20 -1.74
CA MET D 288 16.21 -43.27 -2.39
C MET D 288 16.19 -42.52 -3.74
N ALA D 289 16.84 -41.36 -3.79
CA ALA D 289 16.98 -40.54 -4.98
C ALA D 289 17.71 -41.26 -6.10
N ASP D 290 18.92 -41.74 -5.81
CA ASP D 290 19.77 -42.45 -6.77
C ASP D 290 19.16 -43.78 -7.22
N ARG D 291 18.51 -44.48 -6.29
CA ARG D 291 17.75 -45.69 -6.58
C ARG D 291 16.61 -45.46 -7.57
N TYR D 292 15.83 -44.40 -7.35
CA TYR D 292 14.72 -43.95 -8.20
C TYR D 292 15.11 -43.75 -9.67
N GLU D 293 16.30 -43.17 -9.94
CA GLU D 293 16.82 -43.00 -11.30
C GLU D 293 17.11 -44.34 -12.01
N ARG D 294 17.69 -45.28 -11.26
CA ARG D 294 18.28 -46.50 -11.79
C ARG D 294 17.25 -47.59 -12.13
N LEU D 295 15.99 -47.41 -11.72
CA LEU D 295 14.90 -48.34 -11.98
C LEU D 295 14.61 -48.48 -13.49
N GLN D 296 14.75 -49.71 -14.00
CA GLN D 296 14.54 -50.01 -15.41
C GLN D 296 13.17 -50.66 -15.64
N LYS D 297 12.69 -51.42 -14.65
CA LYS D 297 11.40 -52.10 -14.71
C LYS D 297 10.26 -51.09 -14.51
N ILE D 298 9.10 -51.39 -15.07
CA ILE D 298 7.89 -50.59 -14.99
C ILE D 298 6.77 -51.49 -14.48
N CYS D 299 5.97 -50.95 -13.56
CA CYS D 299 4.66 -51.48 -13.18
C CYS D 299 3.63 -50.44 -13.66
N SER D 300 2.67 -50.88 -14.46
CA SER D 300 1.58 -50.06 -14.96
C SER D 300 0.35 -50.28 -14.08
N ILE D 301 0.03 -49.27 -13.26
CA ILE D 301 -1.12 -49.28 -12.37
C ILE D 301 -2.16 -48.31 -12.95
N ALA D 302 -3.42 -48.76 -12.98
CA ALA D 302 -4.55 -47.93 -13.32
C ALA D 302 -5.15 -47.33 -12.05
N LEU D 303 -5.22 -46.00 -11.98
CA LEU D 303 -5.96 -45.30 -10.94
C LEU D 303 -7.26 -44.84 -11.60
N VAL D 304 -8.36 -45.48 -11.22
CA VAL D 304 -9.67 -45.24 -11.79
C VAL D 304 -10.44 -44.28 -10.88
N GLY D 305 -10.33 -42.98 -11.19
CA GLY D 305 -10.69 -41.93 -10.26
C GLY D 305 -11.37 -40.77 -10.95
N LYS D 306 -12.57 -40.44 -10.45
CA LYS D 306 -13.41 -39.28 -10.76
C LYS D 306 -12.74 -37.90 -10.63
N TYR D 307 -11.74 -37.78 -9.76
CA TYR D 307 -11.06 -36.52 -9.51
C TYR D 307 -9.76 -36.36 -10.32
N THR D 308 -9.48 -37.27 -11.26
CA THR D 308 -8.26 -37.38 -12.10
C THR D 308 -7.81 -36.06 -12.78
N LYS D 309 -8.75 -35.15 -12.99
CA LYS D 309 -8.58 -33.86 -13.65
C LYS D 309 -7.48 -32.98 -13.02
N LEU D 310 -7.24 -33.16 -11.72
CA LEU D 310 -6.12 -32.60 -10.99
C LEU D 310 -5.52 -33.77 -10.21
N ARG D 311 -4.26 -34.10 -10.48
CA ARG D 311 -3.59 -35.27 -9.91
C ARG D 311 -3.39 -35.19 -8.39
N ASP D 312 -3.35 -33.96 -7.87
CA ASP D 312 -3.27 -33.61 -6.45
C ASP D 312 -4.47 -34.08 -5.62
N CYS D 313 -5.59 -34.40 -6.29
CA CYS D 313 -6.78 -34.99 -5.69
C CYS D 313 -6.56 -36.41 -5.16
N TYR D 314 -5.46 -37.04 -5.58
CA TYR D 314 -5.07 -38.39 -5.17
C TYR D 314 -3.60 -38.39 -4.78
N ALA D 315 -3.11 -37.28 -4.20
CA ALA D 315 -1.70 -37.09 -3.88
C ALA D 315 -1.14 -38.20 -2.99
N SER D 316 -1.74 -38.42 -1.82
CA SER D 316 -1.27 -39.41 -0.84
C SER D 316 -1.28 -40.84 -1.38
N VAL D 317 -2.23 -41.13 -2.26
CA VAL D 317 -2.45 -42.41 -2.91
C VAL D 317 -1.31 -42.72 -3.89
N PHE D 318 -1.01 -41.75 -4.75
CA PHE D 318 0.13 -41.75 -5.66
C PHE D 318 1.48 -41.90 -4.94
N LYS D 319 1.64 -41.18 -3.83
CA LYS D 319 2.82 -41.23 -2.98
C LYS D 319 3.02 -42.63 -2.39
N ALA D 320 1.94 -43.25 -1.91
CA ALA D 320 1.94 -44.61 -1.37
C ALA D 320 2.26 -45.69 -2.40
N LEU D 321 1.83 -45.49 -3.65
CA LEU D 321 2.21 -46.32 -4.77
C LEU D 321 3.70 -46.20 -5.08
N GLU D 322 4.23 -44.98 -5.12
CA GLU D 322 5.63 -44.70 -5.36
C GLU D 322 6.57 -45.21 -4.26
N HIS D 323 6.13 -45.13 -2.99
CA HIS D 323 6.84 -45.73 -1.86
C HIS D 323 6.98 -47.24 -2.04
N SER D 324 5.87 -47.86 -2.46
CA SER D 324 5.75 -49.29 -2.69
C SER D 324 6.59 -49.74 -3.90
N ALA D 325 6.47 -48.99 -5.01
CA ALA D 325 7.17 -49.24 -6.26
C ALA D 325 8.69 -49.12 -6.13
N LEU D 326 9.14 -48.10 -5.40
CA LEU D 326 10.56 -47.89 -5.08
C LEU D 326 11.11 -49.05 -4.26
N ALA D 327 10.35 -49.52 -3.27
CA ALA D 327 10.71 -50.63 -2.41
C ALA D 327 10.89 -51.98 -3.12
N ILE D 328 10.31 -52.12 -4.32
CA ILE D 328 10.41 -53.31 -5.15
C ILE D 328 11.16 -53.05 -6.47
N ASN D 329 11.88 -51.93 -6.55
CA ASN D 329 12.72 -51.47 -7.65
C ASN D 329 12.01 -51.46 -9.01
N HIS D 330 10.80 -50.92 -9.06
CA HIS D 330 10.06 -50.66 -10.29
C HIS D 330 9.74 -49.18 -10.39
N LYS D 331 9.76 -48.63 -11.60
CA LYS D 331 9.08 -47.38 -11.91
C LYS D 331 7.56 -47.61 -11.93
N LEU D 332 6.82 -46.57 -11.57
CA LEU D 332 5.38 -46.57 -11.60
C LEU D 332 4.93 -45.81 -12.83
N ASN D 333 4.18 -46.49 -13.70
CA ASN D 333 3.35 -45.86 -14.71
C ASN D 333 1.95 -45.80 -14.07
N LEU D 334 1.61 -44.63 -13.54
CA LEU D 334 0.30 -44.37 -12.96
C LEU D 334 -0.61 -43.84 -14.08
N MET D 335 -1.48 -44.70 -14.57
CA MET D 335 -2.47 -44.37 -15.57
C MET D 335 -3.71 -43.86 -14.84
N TYR D 336 -3.81 -42.54 -14.72
CA TYR D 336 -5.00 -41.86 -14.25
C TYR D 336 -6.11 -41.99 -15.29
N ILE D 337 -7.19 -42.66 -14.93
CA ILE D 337 -8.35 -42.91 -15.75
C ILE D 337 -9.53 -42.21 -15.07
N ASP D 338 -10.14 -41.24 -15.78
CA ASP D 338 -11.39 -40.62 -15.37
C ASP D 338 -12.49 -41.66 -15.58
N SER D 339 -13.10 -42.10 -14.48
CA SER D 339 -13.98 -43.25 -14.47
C SER D 339 -15.25 -43.06 -15.31
N ILE D 340 -15.72 -41.82 -15.45
CA ILE D 340 -16.84 -41.45 -16.31
C ILE D 340 -16.60 -41.80 -17.80
N ASP D 341 -15.32 -41.87 -18.21
CA ASP D 341 -14.91 -42.28 -19.55
C ASP D 341 -15.11 -43.77 -19.80
N LEU D 342 -15.10 -44.60 -18.76
CA LEU D 342 -15.36 -46.04 -18.87
C LEU D 342 -16.86 -46.35 -18.95
N GLU D 343 -17.72 -45.39 -18.61
CA GLU D 343 -19.17 -45.56 -18.62
C GLU D 343 -19.73 -45.50 -20.05
N PRO D 344 -20.77 -46.32 -20.35
CA PRO D 344 -21.35 -46.43 -21.70
C PRO D 344 -21.92 -45.12 -22.29
N VAL D 345 -22.26 -44.16 -21.42
CA VAL D 345 -22.60 -42.79 -21.77
C VAL D 345 -21.53 -42.13 -22.65
N THR D 346 -20.25 -42.32 -22.29
CA THR D 346 -19.13 -41.79 -23.05
C THR D 346 -18.86 -42.58 -24.34
N LYS D 347 -19.34 -43.84 -24.44
CA LYS D 347 -19.31 -44.61 -25.68
C LYS D 347 -20.25 -44.01 -26.74
N ALA D 348 -21.37 -43.42 -26.29
CA ALA D 348 -22.26 -42.65 -27.15
C ALA D 348 -21.68 -41.26 -27.48
N GLU D 349 -21.28 -40.53 -26.44
CA GLU D 349 -21.00 -39.10 -26.54
C GLU D 349 -19.59 -38.75 -27.02
N ASP D 350 -18.57 -39.55 -26.69
CA ASP D 350 -17.17 -39.24 -27.00
C ASP D 350 -16.33 -40.54 -27.02
N PRO D 351 -16.63 -41.46 -27.96
CA PRO D 351 -16.08 -42.84 -27.93
C PRO D 351 -14.55 -42.98 -28.00
N VAL D 352 -13.84 -41.96 -28.46
CA VAL D 352 -12.37 -41.96 -28.45
C VAL D 352 -11.83 -42.01 -27.01
N LYS D 353 -12.38 -41.21 -26.09
CA LYS D 353 -12.01 -41.23 -24.67
C LYS D 353 -12.27 -42.59 -24.02
N PHE D 354 -13.40 -43.18 -24.37
CA PHE D 354 -13.83 -44.49 -23.89
C PHE D 354 -12.82 -45.58 -24.27
N HIS D 355 -12.41 -45.61 -25.53
CA HIS D 355 -11.49 -46.62 -26.03
C HIS D 355 -10.02 -46.33 -25.66
N GLU D 356 -9.67 -45.08 -25.35
CA GLU D 356 -8.42 -44.74 -24.67
C GLU D 356 -8.41 -45.25 -23.22
N ALA D 357 -9.47 -44.96 -22.47
CA ALA D 357 -9.65 -45.34 -21.07
C ALA D 357 -9.62 -46.86 -20.88
N TRP D 358 -10.43 -47.57 -21.67
CA TRP D 358 -10.46 -49.03 -21.68
C TRP D 358 -9.16 -49.67 -22.16
N GLN D 359 -8.42 -49.02 -23.06
CA GLN D 359 -7.09 -49.47 -23.47
C GLN D 359 -6.08 -49.39 -22.33
N LYS D 360 -6.07 -48.27 -21.60
CA LYS D 360 -5.27 -48.08 -20.39
C LYS D 360 -5.63 -49.11 -19.29
N LEU D 361 -6.90 -49.46 -19.19
CA LEU D 361 -7.40 -50.50 -18.30
C LEU D 361 -7.04 -51.93 -18.75
N CYS D 362 -6.79 -52.15 -20.05
CA CYS D 362 -6.26 -53.40 -20.57
C CYS D 362 -4.79 -53.57 -20.20
N LEU D 363 -4.01 -52.48 -20.29
CA LEU D 363 -2.59 -52.42 -19.96
C LEU D 363 -2.31 -52.37 -18.45
N ALA D 364 -3.35 -52.55 -17.62
CA ALA D 364 -3.26 -52.46 -16.18
C ALA D 364 -2.71 -53.77 -15.59
N ASP D 365 -1.48 -53.70 -15.08
CA ASP D 365 -0.86 -54.75 -14.29
C ASP D 365 -1.51 -54.83 -12.90
N GLY D 366 -2.03 -53.71 -12.42
CA GLY D 366 -2.86 -53.64 -11.23
C GLY D 366 -3.83 -52.48 -11.40
N ILE D 367 -4.95 -52.54 -10.67
CA ILE D 367 -6.00 -51.56 -10.65
C ILE D 367 -6.18 -51.05 -9.23
N LEU D 368 -6.29 -49.73 -9.12
CA LEU D 368 -6.57 -49.01 -7.90
C LEU D 368 -7.88 -48.26 -8.10
N VAL D 369 -8.83 -48.49 -7.20
CA VAL D 369 -10.07 -47.73 -7.12
C VAL D 369 -10.05 -46.98 -5.77
N PRO D 370 -9.61 -45.71 -5.80
CA PRO D 370 -9.61 -44.88 -4.60
C PRO D 370 -11.01 -44.37 -4.25
N GLY D 371 -11.09 -43.80 -3.06
CA GLY D 371 -12.30 -43.27 -2.46
C GLY D 371 -12.83 -42.02 -3.16
N GLY D 372 -13.95 -41.54 -2.65
CA GLY D 372 -14.64 -40.37 -3.16
C GLY D 372 -16.07 -40.42 -2.65
N PHE D 373 -16.78 -39.30 -2.82
CA PHE D 373 -18.13 -39.10 -2.36
C PHE D 373 -19.02 -38.83 -3.57
N GLY D 374 -20.20 -39.46 -3.60
CA GLY D 374 -21.20 -39.28 -4.64
C GLY D 374 -21.23 -40.45 -5.62
N ILE D 375 -22.24 -40.43 -6.49
CA ILE D 375 -22.54 -41.45 -7.50
C ILE D 375 -21.91 -41.13 -8.87
N ARG D 376 -21.33 -39.93 -9.04
CA ARG D 376 -20.64 -39.57 -10.27
C ARG D 376 -19.36 -40.38 -10.43
N GLY D 377 -19.24 -41.07 -11.58
CA GLY D 377 -18.06 -41.85 -11.95
C GLY D 377 -18.10 -43.25 -11.35
N THR D 378 -19.06 -43.56 -10.49
CA THR D 378 -19.18 -44.79 -9.73
C THR D 378 -19.55 -46.02 -10.57
N LEU D 379 -20.30 -45.83 -11.66
CA LEU D 379 -20.56 -46.91 -12.62
C LEU D 379 -19.28 -47.29 -13.39
N GLY D 380 -18.40 -46.30 -13.62
CA GLY D 380 -17.10 -46.48 -14.26
C GLY D 380 -16.14 -47.23 -13.34
N LYS D 381 -16.21 -46.97 -12.03
CA LYS D 381 -15.48 -47.72 -11.03
C LYS D 381 -15.92 -49.19 -11.01
N LEU D 382 -17.23 -49.44 -11.03
CA LEU D 382 -17.83 -50.78 -11.11
C LEU D 382 -17.40 -51.56 -12.37
N GLN D 383 -17.30 -50.88 -13.52
CA GLN D 383 -16.75 -51.45 -14.74
C GLN D 383 -15.31 -51.99 -14.57
N ALA D 384 -14.45 -51.18 -13.95
CA ALA D 384 -13.07 -51.53 -13.66
C ALA D 384 -12.91 -52.65 -12.64
N ILE D 385 -13.79 -52.68 -11.63
CA ILE D 385 -13.81 -53.73 -10.62
C ILE D 385 -14.28 -55.07 -11.22
N SER D 386 -15.28 -55.03 -12.12
CA SER D 386 -15.76 -56.19 -12.86
C SER D 386 -14.68 -56.82 -13.73
N TRP D 387 -13.94 -55.97 -14.45
CA TRP D 387 -12.77 -56.30 -15.22
C TRP D 387 -11.69 -56.98 -14.37
N ALA D 388 -11.38 -56.37 -13.22
CA ALA D 388 -10.37 -56.85 -12.30
C ALA D 388 -10.69 -58.21 -11.68
N ARG D 389 -11.95 -58.38 -11.28
CA ARG D 389 -12.46 -59.59 -10.65
C ARG D 389 -12.39 -60.80 -11.59
N THR D 390 -12.83 -60.60 -12.83
CA THR D 390 -12.99 -61.66 -13.81
C THR D 390 -11.66 -62.01 -14.49
N LYS D 391 -10.87 -60.99 -14.87
CA LYS D 391 -9.62 -61.17 -15.61
C LYS D 391 -8.41 -61.37 -14.70
N LYS D 392 -8.66 -61.47 -13.39
CA LYS D 392 -7.70 -61.80 -12.33
C LYS D 392 -6.58 -60.75 -12.16
N ILE D 393 -6.87 -59.49 -12.55
CA ILE D 393 -5.95 -58.36 -12.43
C ILE D 393 -5.97 -57.87 -10.98
N PRO D 394 -4.79 -57.78 -10.31
CA PRO D 394 -4.63 -57.22 -8.97
C PRO D 394 -5.40 -55.92 -8.67
N PHE D 395 -6.19 -55.95 -7.61
CA PHE D 395 -7.13 -54.90 -7.23
C PHE D 395 -6.90 -54.43 -5.80
N LEU D 396 -6.86 -53.11 -5.63
CA LEU D 396 -6.97 -52.45 -4.35
C LEU D 396 -8.12 -51.44 -4.42
N GLY D 397 -9.09 -51.62 -3.52
CA GLY D 397 -10.22 -50.74 -3.36
C GLY D 397 -10.07 -50.07 -2.00
N ILE D 398 -10.19 -48.74 -1.98
CA ILE D 398 -10.10 -47.92 -0.78
C ILE D 398 -11.42 -47.22 -0.57
N CYS D 399 -12.01 -47.47 0.61
CA CYS D 399 -13.27 -46.98 1.13
C CYS D 399 -14.43 -47.27 0.18
N LEU D 400 -14.77 -46.31 -0.70
CA LEU D 400 -15.74 -46.48 -1.77
C LEU D 400 -15.44 -47.69 -2.66
N GLY D 401 -14.15 -47.93 -2.94
CA GLY D 401 -13.69 -49.07 -3.72
C GLY D 401 -13.97 -50.42 -3.02
N MET D 402 -14.05 -50.46 -1.69
CA MET D 402 -14.50 -51.64 -0.96
C MET D 402 -16.01 -51.81 -1.07
N GLN D 403 -16.74 -50.72 -0.86
CA GLN D 403 -18.19 -50.67 -0.93
C GLN D 403 -18.71 -51.16 -2.29
N LEU D 404 -18.12 -50.63 -3.36
CA LEU D 404 -18.42 -51.01 -4.73
C LEU D 404 -18.08 -52.46 -5.08
N ALA D 405 -17.02 -53.02 -4.48
CA ALA D 405 -16.64 -54.41 -4.68
C ALA D 405 -17.63 -55.38 -4.02
N VAL D 406 -18.05 -55.03 -2.80
CA VAL D 406 -19.07 -55.77 -2.05
C VAL D 406 -20.43 -55.74 -2.76
N ILE D 407 -20.80 -54.56 -3.24
CA ILE D 407 -21.98 -54.31 -4.06
C ILE D 407 -21.96 -55.13 -5.35
N GLU D 408 -20.83 -55.11 -6.06
CA GLU D 408 -20.66 -55.86 -7.29
C GLU D 408 -20.71 -57.38 -7.09
N PHE D 409 -20.06 -57.87 -6.04
CA PHE D 409 -20.07 -59.30 -5.72
C PHE D 409 -21.50 -59.77 -5.42
N ALA D 410 -22.27 -58.95 -4.69
CA ALA D 410 -23.69 -59.18 -4.48
C ALA D 410 -24.48 -59.21 -5.79
N ARG D 411 -24.30 -58.19 -6.64
CA ARG D 411 -24.93 -58.10 -7.96
C ARG D 411 -24.62 -59.29 -8.88
N ASN D 412 -23.34 -59.62 -9.01
CA ASN D 412 -22.83 -60.43 -10.10
C ASN D 412 -22.52 -61.86 -9.69
N CYS D 413 -22.27 -62.11 -8.39
CA CYS D 413 -21.88 -63.42 -7.88
C CYS D 413 -22.94 -64.01 -6.95
N LEU D 414 -23.73 -63.16 -6.27
CA LEU D 414 -24.87 -63.59 -5.44
C LEU D 414 -26.21 -63.32 -6.14
N ASN D 415 -26.16 -62.71 -7.33
CA ASN D 415 -27.28 -62.43 -8.25
C ASN D 415 -28.26 -61.36 -7.74
N LEU D 416 -27.94 -60.68 -6.62
CA LEU D 416 -28.70 -59.61 -6.00
C LEU D 416 -28.49 -58.30 -6.76
N LYS D 417 -28.90 -58.30 -8.02
CA LYS D 417 -28.73 -57.22 -9.00
C LYS D 417 -29.33 -55.85 -8.61
N ASP D 418 -30.25 -55.87 -7.64
CA ASP D 418 -30.89 -54.73 -7.01
C ASP D 418 -30.02 -54.05 -5.92
N ALA D 419 -28.90 -54.68 -5.54
CA ALA D 419 -28.03 -54.20 -4.46
C ALA D 419 -27.30 -52.90 -4.83
N ASN D 420 -27.33 -51.96 -3.89
CA ASN D 420 -26.58 -50.72 -3.96
C ASN D 420 -26.43 -50.11 -2.57
N SER D 421 -25.91 -48.89 -2.52
CA SER D 421 -25.80 -48.09 -1.33
C SER D 421 -27.05 -47.21 -1.16
N THR D 422 -27.34 -46.88 0.09
CA THR D 422 -28.29 -45.83 0.47
C THR D 422 -27.71 -44.40 0.31
N GLU D 423 -26.59 -44.27 -0.41
CA GLU D 423 -26.01 -43.00 -0.81
C GLU D 423 -26.47 -42.67 -2.23
N PHE D 424 -26.36 -43.66 -3.13
CA PHE D 424 -26.62 -43.44 -4.55
C PHE D 424 -28.13 -43.54 -4.84
N GLU D 425 -28.79 -44.56 -4.27
CA GLU D 425 -30.23 -44.68 -4.25
C GLU D 425 -30.63 -44.94 -2.80
N PRO D 426 -31.09 -43.91 -2.05
CA PRO D 426 -31.58 -44.08 -0.66
C PRO D 426 -32.56 -45.24 -0.45
N ASN D 427 -33.56 -45.34 -1.33
CA ASN D 427 -34.58 -46.38 -1.33
C ASN D 427 -34.16 -47.57 -2.22
N THR D 428 -32.95 -48.09 -1.98
CA THR D 428 -32.49 -49.34 -2.58
C THR D 428 -33.29 -50.52 -1.96
N PRO D 429 -33.83 -51.45 -2.79
CA PRO D 429 -34.55 -52.65 -2.32
C PRO D 429 -33.84 -53.51 -1.25
N VAL D 430 -32.57 -53.86 -1.51
CA VAL D 430 -31.71 -54.55 -0.57
C VAL D 430 -30.54 -53.60 -0.22
N PRO D 431 -30.70 -52.77 0.83
CA PRO D 431 -29.72 -51.72 1.15
C PRO D 431 -28.45 -52.33 1.74
N LEU D 432 -27.46 -52.55 0.88
CA LEU D 432 -26.27 -53.30 1.21
C LEU D 432 -25.28 -52.42 1.95
N VAL D 433 -25.11 -51.19 1.45
CA VAL D 433 -24.22 -50.21 2.02
C VAL D 433 -25.09 -49.08 2.59
N ILE D 434 -25.13 -49.03 3.92
CA ILE D 434 -25.98 -48.16 4.72
C ILE D 434 -25.13 -47.10 5.42
N ASP D 435 -25.74 -45.96 5.77
CA ASP D 435 -25.15 -44.99 6.69
C ASP D 435 -25.17 -45.59 8.10
N MET D 436 -24.00 -45.69 8.73
CA MET D 436 -23.84 -46.21 10.09
C MET D 436 -22.91 -45.23 10.85
N PRO D 437 -23.47 -44.12 11.35
CA PRO D 437 -22.68 -43.13 12.08
C PRO D 437 -22.19 -43.62 13.44
N GLU D 438 -21.24 -42.89 14.04
CA GLU D 438 -20.72 -43.10 15.39
C GLU D 438 -21.47 -42.15 16.29
N THR D 447 -21.89 -39.23 14.21
CA THR D 447 -21.27 -38.56 13.03
C THR D 447 -20.38 -39.54 12.18
N MET D 448 -19.63 -38.96 11.24
CA MET D 448 -18.65 -39.60 10.36
C MET D 448 -17.58 -40.34 11.17
N ARG D 449 -17.27 -41.57 10.76
CA ARG D 449 -16.19 -42.37 11.29
C ARG D 449 -14.88 -41.83 10.70
N LEU D 450 -14.21 -41.04 11.53
CA LEU D 450 -13.24 -40.06 11.11
C LEU D 450 -12.06 -40.12 12.06
N GLY D 451 -10.89 -40.46 11.51
CA GLY D 451 -9.65 -40.54 12.23
C GLY D 451 -9.26 -42.00 12.46
N LEU D 452 -8.36 -42.21 13.41
CA LEU D 452 -7.76 -43.50 13.73
C LEU D 452 -8.77 -44.41 14.43
N ARG D 453 -8.93 -45.63 13.94
CA ARG D 453 -9.71 -46.67 14.59
C ARG D 453 -8.96 -47.98 14.49
N ARG D 454 -9.16 -48.82 15.51
CA ARG D 454 -8.62 -50.17 15.59
C ARG D 454 -9.49 -51.14 14.78
N THR D 455 -8.88 -51.73 13.77
CA THR D 455 -9.44 -52.80 12.98
C THR D 455 -8.76 -54.11 13.41
N VAL D 456 -9.56 -55.14 13.66
CA VAL D 456 -9.13 -56.44 14.13
C VAL D 456 -9.36 -57.45 13.00
N PHE D 457 -8.34 -58.27 12.71
CA PHE D 457 -8.46 -59.38 11.78
C PHE D 457 -9.20 -60.55 12.44
N THR D 458 -10.13 -61.14 11.71
CA THR D 458 -10.97 -62.26 12.15
C THR D 458 -10.91 -63.39 11.10
N THR D 459 -9.72 -63.61 10.53
CA THR D 459 -9.38 -64.61 9.53
C THR D 459 -7.86 -64.57 9.42
N GLU D 460 -7.20 -65.64 9.87
CA GLU D 460 -5.74 -65.74 9.97
C GLU D 460 -5.07 -65.86 8.59
N ASN D 461 -5.76 -66.54 7.67
CA ASN D 461 -5.32 -66.81 6.30
C ASN D 461 -5.56 -65.64 5.34
N SER D 462 -5.76 -64.43 5.88
CA SER D 462 -5.88 -63.21 5.10
C SER D 462 -4.49 -62.74 4.61
N ILE D 463 -4.45 -62.22 3.39
CA ILE D 463 -3.21 -61.74 2.77
C ILE D 463 -2.72 -60.47 3.50
N LEU D 464 -3.66 -59.59 3.86
CA LEU D 464 -3.34 -58.35 4.55
C LEU D 464 -2.73 -58.55 5.92
N LYS D 465 -3.17 -59.56 6.69
CA LYS D 465 -2.60 -59.84 8.00
C LYS D 465 -1.10 -60.14 7.92
N LYS D 466 -0.71 -60.90 6.90
CA LYS D 466 0.68 -61.25 6.61
C LYS D 466 1.49 -60.02 6.18
N LEU D 467 0.94 -59.22 5.27
CA LEU D 467 1.52 -57.96 4.81
C LEU D 467 1.70 -56.93 5.92
N TYR D 468 0.73 -56.82 6.83
CA TYR D 468 0.80 -56.03 8.05
C TYR D 468 1.63 -56.68 9.17
N GLY D 469 2.33 -57.79 8.89
CA GLY D 469 3.38 -58.33 9.76
C GLY D 469 2.87 -59.36 10.76
N ASP D 470 1.72 -59.97 10.48
CA ASP D 470 1.04 -61.03 11.24
C ASP D 470 0.51 -60.53 12.59
N VAL D 471 0.23 -59.22 12.64
CA VAL D 471 -0.42 -58.53 13.75
C VAL D 471 -1.91 -58.93 13.89
N PRO D 472 -2.45 -58.91 15.13
CA PRO D 472 -3.87 -59.23 15.35
C PRO D 472 -4.81 -58.11 14.92
N TYR D 473 -4.39 -56.88 15.20
CA TYR D 473 -5.08 -55.66 14.84
C TYR D 473 -4.09 -54.70 14.19
N ILE D 474 -4.67 -53.75 13.47
CA ILE D 474 -4.04 -52.59 12.88
C ILE D 474 -4.87 -51.37 13.32
N GLU D 475 -4.23 -50.21 13.36
CA GLU D 475 -4.88 -48.93 13.60
C GLU D 475 -4.64 -48.09 12.36
N GLU D 476 -5.73 -47.68 11.71
CA GLU D 476 -5.73 -47.00 10.43
C GLU D 476 -6.76 -45.88 10.40
N ARG D 477 -6.51 -44.92 9.52
CA ARG D 477 -7.27 -43.69 9.39
C ARG D 477 -8.48 -43.87 8.48
N HIS D 478 -9.64 -43.55 9.04
CA HIS D 478 -10.95 -43.68 8.42
C HIS D 478 -11.49 -42.28 8.10
N ARG D 479 -12.35 -42.18 7.08
CA ARG D 479 -13.11 -40.98 6.74
C ARG D 479 -14.34 -41.41 5.94
N HIS D 480 -15.36 -41.91 6.62
CA HIS D 480 -16.52 -42.49 5.96
C HIS D 480 -17.74 -42.45 6.88
N ARG D 481 -18.92 -42.46 6.26
CA ARG D 481 -20.21 -42.53 6.94
C ARG D 481 -20.86 -43.88 6.71
N TYR D 482 -20.70 -44.40 5.49
CA TYR D 482 -21.37 -45.60 5.03
C TYR D 482 -20.53 -46.84 5.34
N GLU D 483 -21.25 -47.93 5.60
CA GLU D 483 -20.77 -49.24 6.02
C GLU D 483 -21.57 -50.31 5.30
N VAL D 484 -21.03 -51.53 5.30
CA VAL D 484 -21.75 -52.74 4.97
C VAL D 484 -22.83 -53.02 6.03
N ASN D 485 -24.05 -53.28 5.59
CA ASN D 485 -25.21 -53.59 6.43
C ASN D 485 -25.01 -54.98 7.07
N PRO D 486 -24.90 -55.05 8.42
CA PRO D 486 -24.42 -56.26 9.08
C PRO D 486 -25.30 -57.51 8.96
N ASN D 487 -26.62 -57.33 8.76
CA ASN D 487 -27.54 -58.45 8.53
C ASN D 487 -27.26 -59.16 7.20
N LEU D 488 -27.12 -58.40 6.11
CA LEU D 488 -26.84 -58.88 4.76
C LEU D 488 -25.47 -59.53 4.56
N ILE D 489 -24.59 -59.52 5.57
CA ILE D 489 -23.34 -60.29 5.58
C ILE D 489 -23.58 -61.81 5.42
N ASN D 490 -24.75 -62.27 5.88
CA ASN D 490 -25.23 -63.65 5.73
C ASN D 490 -25.23 -64.18 4.28
N GLN D 491 -25.42 -63.28 3.30
CA GLN D 491 -25.39 -63.61 1.88
C GLN D 491 -23.98 -64.00 1.38
N PHE D 492 -22.95 -63.44 2.02
CA PHE D 492 -21.55 -63.60 1.64
C PHE D 492 -20.91 -64.78 2.36
N GLU D 493 -21.53 -65.21 3.48
CA GLU D 493 -21.01 -66.04 4.57
C GLU D 493 -19.99 -67.14 4.20
N ASN D 494 -20.33 -67.94 3.19
CA ASN D 494 -19.56 -69.12 2.79
C ASN D 494 -19.09 -69.01 1.32
N LYS D 495 -19.14 -67.80 0.75
CA LYS D 495 -18.69 -67.53 -0.61
C LYS D 495 -17.26 -66.95 -0.61
N ASP D 496 -16.74 -66.74 -1.82
CA ASP D 496 -15.38 -66.33 -2.13
C ASP D 496 -14.95 -65.01 -1.46
N LEU D 497 -15.89 -64.07 -1.39
CA LEU D 497 -15.71 -62.77 -0.76
C LEU D 497 -15.88 -62.92 0.76
N CYS D 498 -14.79 -62.74 1.49
CA CYS D 498 -14.75 -62.91 2.94
C CYS D 498 -14.37 -61.58 3.57
N PHE D 499 -15.14 -61.17 4.58
CA PHE D 499 -14.86 -60.01 5.41
C PHE D 499 -13.86 -60.38 6.50
N VAL D 500 -12.58 -60.20 6.20
CA VAL D 500 -11.47 -60.65 7.02
C VAL D 500 -11.16 -59.70 8.20
N GLY D 501 -11.54 -58.44 8.10
CA GLY D 501 -11.22 -57.43 9.10
C GLY D 501 -12.51 -56.72 9.48
N GLU D 502 -12.69 -56.56 10.79
CA GLU D 502 -13.83 -55.90 11.40
C GLU D 502 -13.32 -54.85 12.41
N ASP D 503 -14.24 -53.99 12.84
CA ASP D 503 -14.03 -53.10 13.99
C ASP D 503 -13.98 -53.93 15.29
N VAL D 504 -13.35 -53.36 16.32
CA VAL D 504 -13.34 -53.89 17.68
C VAL D 504 -14.75 -54.11 18.28
N ASP D 505 -15.75 -53.32 17.85
CA ASP D 505 -17.15 -53.48 18.22
C ASP D 505 -17.94 -54.42 17.29
N GLY D 506 -17.25 -55.09 16.35
CA GLY D 506 -17.71 -56.23 15.56
C GLY D 506 -18.71 -55.91 14.44
N LYS D 507 -19.58 -54.91 14.63
CA LYS D 507 -20.72 -54.63 13.77
C LYS D 507 -20.37 -53.96 12.43
N ARG D 508 -19.11 -53.61 12.24
CA ARG D 508 -18.57 -52.95 11.06
C ARG D 508 -17.52 -53.88 10.44
N MET D 509 -17.61 -54.07 9.12
CA MET D 509 -16.62 -54.80 8.34
C MET D 509 -15.75 -53.77 7.65
N GLU D 510 -14.44 -53.81 7.92
CA GLU D 510 -13.49 -52.79 7.51
C GLU D 510 -12.48 -53.29 6.47
N ILE D 511 -12.40 -54.61 6.26
CA ILE D 511 -11.55 -55.21 5.24
C ILE D 511 -12.32 -56.39 4.64
N VAL D 512 -12.22 -56.55 3.32
CA VAL D 512 -12.74 -57.67 2.57
C VAL D 512 -11.70 -58.14 1.55
N GLU D 513 -11.63 -59.46 1.32
CA GLU D 513 -10.78 -60.08 0.30
C GLU D 513 -11.63 -61.06 -0.51
N LEU D 514 -11.34 -61.20 -1.81
CA LEU D 514 -11.69 -62.41 -2.56
C LEU D 514 -10.61 -63.46 -2.34
N THR D 515 -11.05 -64.63 -1.87
CA THR D 515 -10.18 -65.78 -1.64
C THR D 515 -9.68 -66.45 -2.94
N SER D 516 -10.44 -66.28 -4.03
CA SER D 516 -10.24 -66.90 -5.34
C SER D 516 -9.34 -66.10 -6.31
N HIS D 517 -8.75 -65.00 -5.84
CA HIS D 517 -8.04 -64.02 -6.65
C HIS D 517 -6.65 -63.80 -6.05
N PRO D 518 -5.62 -63.57 -6.89
CA PRO D 518 -4.26 -63.27 -6.40
C PRO D 518 -4.15 -62.08 -5.45
N TYR D 519 -4.94 -61.03 -5.70
CA TYR D 519 -4.99 -59.86 -4.84
C TYR D 519 -6.20 -59.03 -5.24
N PHE D 520 -7.33 -59.21 -4.56
CA PHE D 520 -8.51 -58.38 -4.71
C PHE D 520 -8.90 -58.04 -3.29
N ILE D 521 -8.48 -56.86 -2.87
CA ILE D 521 -8.59 -56.36 -1.53
C ILE D 521 -9.45 -55.10 -1.54
N GLY D 522 -10.37 -55.02 -0.60
CA GLY D 522 -11.09 -53.82 -0.27
C GLY D 522 -10.74 -53.52 1.18
N VAL D 523 -10.38 -52.27 1.45
CA VAL D 523 -10.24 -51.73 2.80
C VAL D 523 -11.14 -50.49 2.92
N GLN D 524 -11.81 -50.35 4.07
CA GLN D 524 -12.76 -49.27 4.34
C GLN D 524 -12.02 -47.98 4.75
N PHE D 525 -10.86 -48.15 5.39
CA PHE D 525 -9.94 -47.09 5.72
C PHE D 525 -9.14 -46.57 4.53
N HIS D 526 -8.34 -45.53 4.79
CA HIS D 526 -7.41 -44.92 3.85
C HIS D 526 -5.98 -45.21 4.32
N PRO D 527 -5.34 -46.28 3.79
CA PRO D 527 -3.99 -46.66 4.20
C PRO D 527 -2.91 -45.67 3.80
N GLU D 528 -3.17 -44.88 2.76
CA GLU D 528 -2.22 -43.98 2.11
C GLU D 528 -1.70 -42.86 3.01
N PHE D 529 -2.50 -42.48 4.00
CA PHE D 529 -2.17 -41.43 4.95
C PHE D 529 -1.09 -41.87 5.94
N SER D 530 -1.00 -43.17 6.16
CA SER D 530 -0.06 -43.84 7.05
C SER D 530 1.23 -44.25 6.33
N SER D 531 1.32 -44.05 5.02
CA SER D 531 2.45 -44.47 4.20
C SER D 531 3.64 -43.52 4.38
N ARG D 532 4.84 -44.09 4.48
CA ARG D 532 6.10 -43.37 4.56
C ARG D 532 7.08 -43.97 3.54
N PRO D 533 8.09 -43.22 3.07
CA PRO D 533 9.09 -43.73 2.11
C PRO D 533 9.78 -45.06 2.45
N MET D 534 10.24 -45.18 3.71
CA MET D 534 10.89 -46.40 4.21
C MET D 534 9.95 -47.24 5.09
N LYS D 535 8.63 -47.05 4.91
CA LYS D 535 7.59 -47.87 5.52
C LYS D 535 6.31 -47.74 4.67
N PRO D 536 6.33 -48.27 3.42
CA PRO D 536 5.16 -48.24 2.52
C PRO D 536 3.95 -48.94 3.13
N SER D 537 2.78 -48.36 2.91
CA SER D 537 1.53 -48.89 3.42
C SER D 537 1.22 -50.27 2.82
N PRO D 538 1.15 -51.33 3.66
CA PRO D 538 1.02 -52.73 3.20
C PRO D 538 0.00 -53.08 2.11
N PRO D 539 -1.21 -52.47 2.07
CA PRO D 539 -2.16 -52.74 0.99
C PRO D 539 -1.68 -52.34 -0.42
N TYR D 540 -0.92 -51.25 -0.48
CA TYR D 540 -0.35 -50.72 -1.72
C TYR D 540 0.87 -51.52 -2.15
N LEU D 541 1.59 -52.08 -1.17
CA LEU D 541 2.71 -52.97 -1.38
C LEU D 541 2.25 -54.26 -2.07
N GLY D 542 1.23 -54.91 -1.49
CA GLY D 542 0.60 -56.11 -2.01
C GLY D 542 0.14 -55.96 -3.46
N LEU D 543 -0.45 -54.82 -3.81
CA LEU D 543 -0.85 -54.46 -5.16
C LEU D 543 0.32 -54.46 -6.15
N LEU D 544 1.38 -53.72 -5.80
CA LEU D 544 2.60 -53.61 -6.59
C LEU D 544 3.34 -54.95 -6.73
N LEU D 545 3.37 -55.72 -5.65
CA LEU D 545 3.92 -57.06 -5.62
C LEU D 545 3.14 -58.02 -6.52
N ALA D 546 1.80 -58.03 -6.38
CA ALA D 546 0.91 -58.88 -7.16
C ALA D 546 1.01 -58.61 -8.66
N ALA D 547 1.05 -57.32 -9.00
CA ALA D 547 1.19 -56.81 -10.36
C ALA D 547 2.51 -57.16 -11.04
N THR D 548 3.50 -57.59 -10.25
CA THR D 548 4.84 -57.95 -10.71
C THR D 548 5.17 -59.42 -10.37
N GLY D 549 4.19 -60.18 -9.86
CA GLY D 549 4.27 -61.60 -9.52
C GLY D 549 4.97 -61.90 -8.20
N ASN D 550 5.64 -60.90 -7.61
CA ASN D 550 6.54 -61.00 -6.45
C ASN D 550 5.84 -61.19 -5.10
N LEU D 551 4.51 -61.22 -5.08
CA LEU D 551 3.69 -61.33 -3.87
C LEU D 551 3.97 -62.59 -3.06
N ASN D 552 3.95 -63.74 -3.74
CA ASN D 552 4.17 -65.04 -3.10
C ASN D 552 5.60 -65.15 -2.57
N ALA D 553 6.57 -64.62 -3.33
CA ALA D 553 7.96 -64.54 -2.92
C ALA D 553 8.15 -63.72 -1.64
N HIS D 554 7.56 -62.51 -1.63
CA HIS D 554 7.59 -61.60 -0.49
C HIS D 554 6.91 -62.18 0.75
N LEU D 555 5.76 -62.84 0.56
CA LEU D 555 5.03 -63.52 1.63
C LEU D 555 5.80 -64.71 2.23
N GLN D 556 6.41 -65.53 1.37
CA GLN D 556 7.23 -66.67 1.81
C GLN D 556 8.53 -66.25 2.49
N GLN D 557 9.09 -65.11 2.06
CA GLN D 557 10.22 -64.43 2.68
C GLN D 557 9.69 -63.65 3.88
#